data_8D97
#
_entry.id   8D97
#
loop_
_entity.id
_entity.type
_entity.pdbx_description
1 polymer 'RAMP superfamily protein'
2 polymer 'RNA (42-MER)'
3 non-polymer 'ZINC ION'
#
loop_
_entity_poly.entity_id
_entity_poly.type
_entity_poly.pdbx_seq_one_letter_code
_entity_poly.pdbx_strand_id
1 'polypeptide(L)'
;MNITVELTFFEPYRLVEWFDWDARKKSHSAMRGQAFAQWTWKGKGRTAGKSFITGTLVRSAVIKAVEELLSLNNGKWEGV
PCCNGSFQTDESKGKKPSFLRKRHTLQWQANNKNICDKEEACPFCILLGRFDNAGKVHERNKDYDIHFSNFDLDHDLRLV
DIASGRILNRVDFDTGKAKDYFRTWEADYETYGTYTGRITLRNEHAKKLLLASLGFVDKLCGALCRIEVIKSEDHNDELR
KQAEVIVEAFKQNDKLEKIRILADAIRTLRLHGEGVIEKDELPDGKEERDKGHHLWDIKVQGTALRTKLKELWQSNKDIG
WRKFTEMLGSNLYLIYKKETGGVSTRFRILGDTEYYSKAHDSEGSDLFIPVTPPEGIETKEWIIVGRLKAATPFYFGVQQ
PSDSIPGKEKKSEDSLVINEHTSFNILLDKENRYRIPRSALRGALRRDLRTAFGSGCNVSLGGQILCNCKVCIEMRRITL
KDSVSDFSEPPEIRYRIAKNPGTATVEDGSLFDIEVGPEGLTFPFVLRYRGHKFPEQLSSVIRYWEENDGKNGMAWLGGL
DSTGKGRFALKDIKIFEWDLNQKINEYIKERGMRGKEKELLEMGESSLPDGLIPYKFFEERECLFPYKENLKPQWSEVQY
TIEVGSPLLTADTISALTEPGNRDAIAYKKRVYNDGNNAIEPEPRFAVKSETHRGIFRTAVGRRTGDLGKEDHEDCTCDM
CIIFGNEHESSKIRFEDLELINGNEFEKLEKHIDHVAIDRFTGGALDKAKFDTYPLAGSPKKPLKLKGRFWIKKGFSGDH
KLLITTALSDIRDGLYPLGSKGGVGYGWVAGISIDDNVPDDFKEMINKTYVHPGHQSPKQDHKNKNIYYPHYFLDSGSKV
YREKDIITHEEFTEELLSGKINCKLETLTPLIIPDTSDENGLKLQGNKPGHKNYKFFNINGELMIPGSELRGMLRTHFEA
LTKSCFAIFGETLSWRMNADEKDYKIDSNSIRKMESQRNPKYRIPDELQKELRNSGNGLFNRLYTSERRFWSDVSNKFEN
SIDYKREILRCAGRPKNYKGGIIRQRKDSLMAEELKVHRLPLYDNFDIPDSAYKANDHCRKSATCSTSRGCRERFTCGIK
VRDKNRVFLNAANNNRQYLNNIKKSNHDLYLQYLKGEKKIRFNSKVITGSERSPIDVIAELNERGRQTGFIKLSGLNNSN
KSQGNTGTTFNSGWDRFELNILLDDLETRPSKSDYPRPRLLFTKDQYEYNITKRCERVFEIDKGNKTGYPVDDQIKKNYE
DILDSYDGIKDQEVAERFDTFTRGSKLKVGDLVYFHIDGDNKIDSLIPVRGKLDKALHPCTGLSDGLCPGCHLFGTTDYK
GRVKFGFAKYENGPEWLITRGNNPERSLTLGVLESPRPAFSIPDDESEIPGRKFYLHHNGWRIIRQKQLEIRETVQPERN
VTTEVMDKGNVFSFDVRFENLREWELGLLLQSLDPGKNIAHKLGKGKPYGFGSVKIKIDSLHTFKIIKRVPQSDIREYIN
KGYQKLIEWSLPQWHVIPHIDKLYKLLWVPFLNDSKLEPDVRYPVLNYTYKKLGDKDNLPYKTRVKGLTTPWSPWNPFQV
;
A
2 'polyribonucleotide' UUAAUGUCACGGUACCCAAUUUUCUGCCCCGGACUCCACGGC C
#
loop_
_chem_comp.id
_chem_comp.type
_chem_comp.name
_chem_comp.formula
A RNA linking ADENOSINE-5'-MONOPHOSPHATE 'C10 H14 N5 O7 P'
C RNA linking CYTIDINE-5'-MONOPHOSPHATE 'C9 H14 N3 O8 P'
G RNA linking GUANOSINE-5'-MONOPHOSPHATE 'C10 H14 N5 O8 P'
U RNA linking URIDINE-5'-MONOPHOSPHATE 'C9 H13 N2 O9 P'
ZN non-polymer 'ZINC ION' 'Zn 2'
#
# COMPACT_ATOMS: atom_id res chain seq x y z
N MET A 1 20.62 -31.48 -63.85
CA MET A 1 19.41 -31.40 -64.65
C MET A 1 18.27 -30.77 -63.86
N ASN A 2 18.01 -31.30 -62.67
CA ASN A 2 16.98 -30.79 -61.77
C ASN A 2 17.52 -30.81 -60.36
N ILE A 3 18.02 -29.69 -59.90
CA ILE A 3 18.63 -29.61 -58.58
C ILE A 3 17.54 -29.36 -57.55
N THR A 4 17.67 -29.99 -56.39
CA THR A 4 16.71 -29.84 -55.30
C THR A 4 17.39 -29.05 -54.18
N VAL A 5 17.06 -27.77 -54.08
CA VAL A 5 17.72 -26.87 -53.15
C VAL A 5 16.84 -26.72 -51.91
N GLU A 6 17.48 -26.59 -50.75
CA GLU A 6 16.80 -26.37 -49.50
C GLU A 6 17.43 -25.21 -48.75
N LEU A 7 16.59 -24.35 -48.18
CA LEU A 7 17.03 -23.12 -47.52
C LEU A 7 16.68 -23.25 -46.04
N THR A 8 17.60 -22.82 -45.18
CA THR A 8 17.40 -22.88 -43.74
C THR A 8 17.85 -21.59 -43.09
N PHE A 9 17.06 -21.11 -42.13
CA PHE A 9 17.35 -19.87 -41.42
C PHE A 9 17.97 -20.16 -40.06
N PHE A 10 18.45 -19.10 -39.41
CA PHE A 10 19.08 -19.21 -38.10
C PHE A 10 18.69 -18.10 -37.15
N GLU A 11 17.69 -17.28 -37.50
CA GLU A 11 17.23 -16.21 -36.63
C GLU A 11 15.91 -15.70 -37.18
N PRO A 12 15.03 -15.17 -36.33
CA PRO A 12 13.68 -14.82 -36.75
C PRO A 12 13.63 -13.93 -37.99
N TYR A 13 13.09 -14.45 -39.07
CA TYR A 13 12.95 -13.71 -40.32
C TYR A 13 11.60 -13.01 -40.39
N ARG A 14 11.44 -12.18 -41.41
CA ARG A 14 10.27 -11.32 -41.52
C ARG A 14 9.29 -11.87 -42.55
N LEU A 15 8.08 -11.32 -42.53
CA LEU A 15 6.97 -11.85 -43.30
C LEU A 15 5.96 -10.75 -43.57
N VAL A 16 5.30 -10.81 -44.73
CA VAL A 16 4.32 -9.81 -45.12
C VAL A 16 3.27 -10.46 -46.00
N GLU A 17 2.07 -9.89 -45.99
CA GLU A 17 0.95 -10.44 -46.74
C GLU A 17 1.13 -10.21 -48.23
N TRP A 18 0.65 -11.16 -49.03
CA TRP A 18 0.92 -11.18 -50.46
C TRP A 18 -0.11 -10.36 -51.22
N PHE A 19 0.32 -9.78 -52.35
CA PHE A 19 -0.55 -9.05 -53.24
C PHE A 19 -0.08 -9.25 -54.67
N ASP A 20 -0.94 -8.93 -55.63
CA ASP A 20 -0.54 -8.93 -57.03
C ASP A 20 0.37 -7.74 -57.29
N TRP A 21 0.97 -7.71 -58.48
CA TRP A 21 1.84 -6.59 -58.82
C TRP A 21 1.03 -5.33 -59.08
N ASP A 22 -0.15 -5.47 -59.69
CA ASP A 22 -0.99 -4.30 -59.92
C ASP A 22 -1.55 -3.75 -58.63
N ALA A 23 -2.15 -4.60 -57.80
CA ALA A 23 -2.75 -4.15 -56.55
C ALA A 23 -1.74 -3.66 -55.54
N ARG A 24 -0.46 -4.01 -55.71
CA ARG A 24 0.54 -3.61 -54.72
C ARG A 24 0.78 -2.11 -54.74
N LYS A 25 0.51 -1.45 -55.87
CA LYS A 25 0.82 -0.03 -55.98
C LYS A 25 -0.02 0.81 -55.02
N LYS A 26 -1.09 0.23 -54.46
CA LYS A 26 -1.98 1.02 -53.62
C LYS A 26 -1.70 0.80 -52.14
N SER A 27 -1.02 -0.28 -51.78
CA SER A 27 -0.77 -0.61 -50.39
C SER A 27 0.63 -0.15 -49.99
N HIS A 28 0.70 0.67 -48.93
CA HIS A 28 2.00 1.10 -48.43
C HIS A 28 2.82 -0.08 -47.94
N SER A 29 2.29 -0.85 -46.99
CA SER A 29 3.06 -1.90 -46.34
C SER A 29 3.57 -2.93 -47.34
N ALA A 30 2.77 -3.26 -48.35
CA ALA A 30 3.21 -4.24 -49.33
C ALA A 30 4.36 -3.74 -50.18
N MET A 31 4.37 -2.45 -50.53
CA MET A 31 5.48 -1.92 -51.32
C MET A 31 6.77 -1.90 -50.53
N ARG A 32 6.69 -1.73 -49.21
CA ARG A 32 7.88 -1.70 -48.37
C ARG A 32 8.46 -3.08 -48.13
N GLY A 33 7.68 -4.14 -48.33
CA GLY A 33 8.14 -5.48 -48.05
C GLY A 33 8.36 -6.33 -49.27
N GLN A 34 8.94 -5.76 -50.31
CA GLN A 34 9.18 -6.51 -51.53
C GLN A 34 10.29 -7.56 -51.37
N ALA A 35 11.04 -7.52 -50.28
CA ALA A 35 12.16 -8.42 -50.09
C ALA A 35 11.95 -9.42 -48.96
N PHE A 36 10.72 -9.57 -48.46
CA PHE A 36 10.46 -10.52 -47.40
C PHE A 36 9.75 -11.75 -47.96
N ALA A 37 9.53 -12.73 -47.10
CA ALA A 37 8.74 -13.89 -47.47
C ALA A 37 7.27 -13.49 -47.55
N GLN A 38 6.52 -14.19 -48.39
CA GLN A 38 5.13 -13.85 -48.66
C GLN A 38 4.21 -14.83 -47.96
N TRP A 39 3.01 -14.36 -47.61
CA TRP A 39 1.98 -15.17 -46.99
C TRP A 39 0.66 -14.91 -47.68
N THR A 40 -0.11 -15.97 -47.91
CA THR A 40 -1.38 -15.88 -48.60
C THR A 40 -2.46 -16.62 -47.83
N TRP A 41 -3.70 -16.14 -47.97
CA TRP A 41 -4.84 -16.72 -47.29
C TRP A 41 -5.38 -17.91 -48.08
N LYS A 42 -5.94 -18.87 -47.37
CA LYS A 42 -6.55 -20.03 -47.99
C LYS A 42 -7.89 -20.30 -47.34
N GLY A 43 -8.93 -20.39 -48.16
CA GLY A 43 -10.29 -20.53 -47.67
C GLY A 43 -10.93 -19.18 -47.44
N LYS A 44 -12.05 -19.21 -46.73
CA LYS A 44 -12.77 -17.99 -46.38
C LYS A 44 -12.47 -17.60 -44.94
N GLY A 45 -12.36 -16.30 -44.69
CA GLY A 45 -12.04 -15.80 -43.37
C GLY A 45 -10.54 -15.76 -43.14
N ARG A 46 -10.05 -14.63 -42.65
CA ARG A 46 -8.61 -14.42 -42.46
C ARG A 46 -8.14 -15.22 -41.25
N THR A 47 -8.09 -16.54 -41.43
CA THR A 47 -7.71 -17.42 -40.32
C THR A 47 -6.62 -18.41 -40.70
N ALA A 48 -6.62 -18.90 -41.95
CA ALA A 48 -5.71 -19.96 -42.34
C ALA A 48 -5.11 -19.65 -43.71
N GLY A 49 -3.90 -20.13 -43.93
CA GLY A 49 -3.24 -19.89 -45.19
C GLY A 49 -1.91 -20.60 -45.29
N LYS A 50 -1.08 -20.16 -46.23
CA LYS A 50 0.23 -20.72 -46.46
C LYS A 50 1.25 -19.61 -46.62
N SER A 51 2.53 -19.98 -46.54
CA SER A 51 3.62 -19.04 -46.73
C SER A 51 4.59 -19.60 -47.76
N PHE A 52 5.40 -18.71 -48.34
CA PHE A 52 6.32 -19.11 -49.40
C PHE A 52 7.30 -17.99 -49.69
N ILE A 53 8.17 -18.24 -50.65
CA ILE A 53 9.19 -17.29 -51.08
C ILE A 53 9.29 -17.36 -52.60
N THR A 54 9.34 -16.19 -53.24
CA THR A 54 9.37 -16.16 -54.70
C THR A 54 10.73 -16.59 -55.22
N GLY A 55 10.74 -17.07 -56.46
CA GLY A 55 11.99 -17.43 -57.10
C GLY A 55 12.82 -16.24 -57.51
N THR A 56 12.18 -15.15 -57.91
CA THR A 56 12.90 -13.97 -58.38
C THR A 56 13.84 -13.44 -57.30
N LEU A 57 13.42 -13.51 -56.03
CA LEU A 57 14.27 -13.03 -54.95
C LEU A 57 15.56 -13.84 -54.85
N VAL A 58 15.44 -15.17 -54.90
CA VAL A 58 16.62 -16.02 -54.86
C VAL A 58 17.48 -15.76 -56.09
N ARG A 59 16.85 -15.52 -57.23
CA ARG A 59 17.61 -15.18 -58.43
C ARG A 59 18.46 -13.94 -58.20
N SER A 60 17.87 -12.89 -57.63
CA SER A 60 18.62 -11.67 -57.39
C SER A 60 19.77 -11.91 -56.42
N ALA A 61 19.51 -12.66 -55.35
CA ALA A 61 20.58 -12.96 -54.41
C ALA A 61 21.73 -13.69 -55.08
N VAL A 62 21.41 -14.69 -55.90
CA VAL A 62 22.45 -15.44 -56.58
C VAL A 62 23.24 -14.55 -57.53
N ILE A 63 22.55 -13.64 -58.23
CA ILE A 63 23.26 -12.74 -59.13
C ILE A 63 24.24 -11.86 -58.37
N LYS A 64 23.81 -11.30 -57.25
CA LYS A 64 24.72 -10.47 -56.46
C LYS A 64 25.91 -11.28 -55.97
N ALA A 65 25.67 -12.50 -55.49
CA ALA A 65 26.77 -13.34 -55.03
C ALA A 65 27.73 -13.67 -56.15
N VAL A 66 27.23 -13.95 -57.36
CA VAL A 66 28.10 -14.31 -58.46
C VAL A 66 28.95 -13.12 -58.86
N GLU A 67 28.36 -11.93 -58.90
CA GLU A 67 29.16 -10.76 -59.23
C GLU A 67 30.22 -10.48 -58.17
N GLU A 68 29.93 -10.73 -56.89
CA GLU A 68 30.96 -10.52 -55.89
C GLU A 68 32.09 -11.53 -56.03
N LEU A 69 31.75 -12.81 -56.25
CA LEU A 69 32.79 -13.80 -56.50
C LEU A 69 33.66 -13.40 -57.68
N LEU A 70 33.04 -13.01 -58.79
CA LEU A 70 33.82 -12.61 -59.95
C LEU A 70 34.66 -11.38 -59.69
N SER A 71 34.22 -10.49 -58.79
CA SER A 71 35.02 -9.31 -58.50
C SER A 71 36.21 -9.63 -57.59
N LEU A 72 36.06 -10.58 -56.67
CA LEU A 72 37.18 -10.93 -55.79
C LEU A 72 38.38 -11.40 -56.60
N ASN A 73 38.18 -12.38 -57.46
CA ASN A 73 39.25 -12.94 -58.28
C ASN A 73 39.67 -12.00 -59.41
N ASN A 74 39.18 -10.77 -59.40
CA ASN A 74 39.57 -9.74 -60.36
C ASN A 74 39.27 -10.15 -61.80
N GLY A 75 37.99 -10.34 -62.10
CA GLY A 75 37.55 -10.46 -63.47
C GLY A 75 37.64 -11.83 -64.09
N LYS A 76 38.42 -12.74 -63.53
CA LYS A 76 38.54 -14.08 -64.08
C LYS A 76 37.81 -15.08 -63.20
N TRP A 77 37.24 -16.09 -63.85
CA TRP A 77 36.69 -17.25 -63.15
C TRP A 77 37.44 -18.48 -63.62
N GLU A 78 38.04 -19.20 -62.68
CA GLU A 78 38.72 -20.45 -62.98
C GLU A 78 39.81 -20.25 -64.02
N GLY A 79 40.56 -19.17 -63.88
CA GLY A 79 41.60 -18.82 -64.82
C GLY A 79 41.12 -18.29 -66.15
N VAL A 80 39.80 -18.26 -66.36
CA VAL A 80 39.23 -17.81 -67.64
C VAL A 80 38.58 -16.46 -67.41
N PRO A 81 38.77 -15.48 -68.29
CA PRO A 81 38.11 -14.19 -68.12
C PRO A 81 36.67 -14.21 -68.62
N CYS A 82 35.87 -13.27 -68.14
CA CYS A 82 34.46 -13.18 -68.49
C CYS A 82 34.09 -11.75 -68.86
N CYS A 83 32.91 -11.61 -69.47
CA CYS A 83 32.46 -10.34 -70.01
C CYS A 83 32.14 -9.37 -68.87
N ASN A 84 31.73 -8.16 -69.22
CA ASN A 84 31.31 -7.16 -68.23
C ASN A 84 29.84 -7.26 -67.85
N GLY A 85 29.10 -8.20 -68.43
CA GLY A 85 27.68 -8.26 -68.17
C GLY A 85 26.96 -7.02 -68.68
N SER A 86 25.66 -6.98 -68.39
CA SER A 86 24.82 -5.87 -68.80
C SER A 86 23.66 -5.75 -67.82
N PHE A 87 23.41 -4.53 -67.36
CA PHE A 87 22.29 -4.24 -66.47
C PHE A 87 21.59 -2.97 -66.89
N GLN A 88 21.41 -2.79 -68.19
CA GLN A 88 20.78 -1.59 -68.72
C GLN A 88 19.74 -1.99 -69.76
N THR A 89 18.59 -1.34 -69.71
CA THR A 89 17.50 -1.59 -70.63
C THR A 89 17.16 -0.30 -71.38
N ASP A 90 16.91 -0.41 -72.68
CA ASP A 90 16.73 0.77 -73.52
C ASP A 90 15.37 1.42 -73.29
N GLU A 91 14.39 0.62 -72.84
CA GLU A 91 13.02 1.08 -72.56
C GLU A 91 12.28 1.34 -73.87
N SER A 92 12.99 1.31 -74.99
CA SER A 92 12.37 1.52 -76.29
C SER A 92 12.09 0.23 -77.04
N LYS A 93 12.68 -0.89 -76.60
CA LYS A 93 12.45 -2.19 -77.21
C LYS A 93 11.64 -3.11 -76.31
N GLY A 94 11.16 -2.62 -75.18
CA GLY A 94 10.41 -3.43 -74.26
C GLY A 94 10.29 -2.81 -72.89
N LYS A 95 9.29 -3.25 -72.12
CA LYS A 95 9.10 -2.72 -70.78
C LYS A 95 10.29 -3.07 -69.89
N LYS A 96 10.61 -2.17 -68.97
CA LYS A 96 11.68 -2.37 -68.02
C LYS A 96 11.32 -3.47 -67.04
N PRO A 97 12.32 -4.11 -66.43
CA PRO A 97 12.03 -5.19 -65.48
C PRO A 97 11.17 -4.72 -64.32
N SER A 98 10.58 -5.69 -63.61
CA SER A 98 9.66 -5.37 -62.53
C SER A 98 10.37 -4.70 -61.36
N PHE A 99 11.67 -4.92 -61.21
CA PHE A 99 12.44 -4.32 -60.14
C PHE A 99 13.62 -3.56 -60.74
N LEU A 100 13.97 -2.43 -60.11
CA LEU A 100 15.01 -1.55 -60.61
C LEU A 100 16.16 -1.52 -59.60
N ARG A 101 17.38 -1.61 -60.10
CA ARG A 101 18.55 -1.56 -59.24
C ARG A 101 18.88 -0.12 -58.86
N LYS A 102 19.25 0.07 -57.59
CA LYS A 102 19.62 1.39 -57.10
C LYS A 102 21.04 1.47 -56.57
N ARG A 103 21.66 0.34 -56.24
CA ARG A 103 22.97 0.36 -55.64
C ARG A 103 24.05 0.45 -56.71
N HIS A 104 25.31 0.52 -56.25
CA HIS A 104 26.43 0.54 -57.16
C HIS A 104 26.64 -0.83 -57.79
N THR A 105 27.24 -0.86 -58.97
CA THR A 105 27.54 -2.08 -59.69
C THR A 105 29.04 -2.21 -59.86
N LEU A 106 29.59 -3.34 -59.46
CA LEU A 106 31.03 -3.55 -59.57
C LEU A 106 31.41 -3.77 -61.03
N GLN A 107 32.59 -3.31 -61.40
CA GLN A 107 33.09 -3.45 -62.77
C GLN A 107 34.59 -3.73 -62.73
N TRP A 108 35.06 -4.39 -63.77
CA TRP A 108 36.48 -4.68 -63.89
C TRP A 108 36.95 -4.43 -65.32
N GLN A 109 38.23 -4.65 -65.58
CA GLN A 109 38.82 -4.34 -66.88
C GLN A 109 38.33 -5.34 -67.91
N ALA A 110 38.20 -4.90 -69.16
CA ALA A 110 37.86 -5.80 -70.25
C ALA A 110 38.98 -6.82 -70.43
N ASN A 111 38.61 -8.10 -70.41
CA ASN A 111 39.59 -9.19 -70.45
C ASN A 111 39.22 -10.30 -71.41
N ASN A 112 37.97 -10.33 -71.90
CA ASN A 112 37.55 -11.40 -72.77
C ASN A 112 37.78 -11.05 -74.24
N LYS A 113 37.84 -12.07 -75.08
CA LYS A 113 38.17 -11.86 -76.48
C LYS A 113 36.94 -11.96 -77.37
N ASN A 114 36.18 -13.04 -77.24
CA ASN A 114 35.01 -13.29 -78.05
C ASN A 114 33.78 -12.64 -77.43
N ILE A 115 32.98 -11.98 -78.27
CA ILE A 115 31.77 -11.31 -77.80
C ILE A 115 30.69 -12.37 -77.59
N CYS A 116 30.09 -12.37 -76.40
CA CYS A 116 29.03 -13.31 -76.06
C CYS A 116 27.80 -13.07 -76.92
N ASP A 117 27.23 -14.15 -77.43
CA ASP A 117 26.04 -14.07 -78.28
C ASP A 117 25.31 -15.40 -78.19
N LYS A 118 24.35 -15.61 -79.11
CA LYS A 118 23.46 -16.76 -79.01
C LYS A 118 24.17 -18.07 -79.31
N GLU A 119 25.33 -18.02 -79.98
CA GLU A 119 26.02 -19.24 -80.33
C GLU A 119 26.87 -19.74 -79.17
N GLU A 120 27.45 -18.82 -78.41
CA GLU A 120 28.31 -19.16 -77.28
C GLU A 120 28.50 -17.91 -76.43
N ALA A 121 28.62 -18.09 -75.13
CA ALA A 121 28.70 -16.96 -74.21
C ALA A 121 29.45 -17.41 -72.96
N CYS A 122 29.99 -16.44 -72.23
CA CYS A 122 30.63 -16.77 -70.97
C CYS A 122 29.59 -17.23 -69.98
N PRO A 123 29.96 -18.12 -69.04
CA PRO A 123 28.97 -18.71 -68.13
C PRO A 123 28.09 -17.69 -67.43
N PHE A 124 28.59 -16.49 -67.18
CA PHE A 124 27.76 -15.47 -66.55
C PHE A 124 26.56 -15.12 -67.43
N CYS A 125 26.76 -15.02 -68.73
CA CYS A 125 25.67 -14.74 -69.64
C CYS A 125 24.64 -15.85 -69.70
N ILE A 126 25.07 -17.11 -69.59
CA ILE A 126 24.10 -18.20 -69.51
C ILE A 126 23.32 -18.13 -68.20
N LEU A 127 24.02 -17.81 -67.11
CA LEU A 127 23.35 -17.70 -65.81
C LEU A 127 22.37 -16.54 -65.77
N LEU A 128 22.61 -15.47 -66.51
CA LEU A 128 21.66 -14.37 -66.59
C LEU A 128 20.50 -14.67 -67.51
N GLY A 129 20.75 -15.37 -68.62
CA GLY A 129 19.70 -15.65 -69.58
C GLY A 129 19.55 -14.60 -70.66
N ARG A 130 20.64 -13.98 -71.09
CA ARG A 130 20.55 -12.95 -72.11
C ARG A 130 20.13 -13.52 -73.46
N PHE A 131 20.51 -14.76 -73.73
CA PHE A 131 20.25 -15.39 -75.02
C PHE A 131 19.42 -16.64 -74.76
N ASP A 132 18.10 -16.47 -74.71
CA ASP A 132 17.17 -17.56 -74.50
C ASP A 132 15.91 -17.26 -75.28
N ASN A 133 15.02 -18.25 -75.36
CA ASN A 133 13.69 -18.00 -75.91
C ASN A 133 12.78 -17.32 -74.91
N ALA A 134 13.24 -17.13 -73.67
CA ALA A 134 12.42 -16.55 -72.63
C ALA A 134 12.19 -15.07 -72.86
N GLY A 135 11.01 -14.61 -72.49
CA GLY A 135 10.69 -13.20 -72.52
C GLY A 135 10.34 -12.70 -71.13
N LYS A 136 9.63 -11.59 -71.04
CA LYS A 136 9.21 -11.06 -69.75
C LYS A 136 7.80 -11.48 -69.38
N VAL A 137 7.32 -12.62 -69.89
CA VAL A 137 6.01 -13.16 -69.56
C VAL A 137 6.14 -14.67 -69.41
N HIS A 138 5.34 -15.25 -68.52
CA HIS A 138 5.23 -16.69 -68.41
C HIS A 138 4.62 -17.25 -69.69
N GLU A 139 5.35 -18.15 -70.36
CA GLU A 139 4.83 -18.77 -71.56
C GLU A 139 4.65 -20.28 -71.41
N ARG A 140 5.71 -21.03 -71.11
CA ARG A 140 5.56 -22.48 -70.99
C ARG A 140 6.33 -23.05 -69.80
N ASN A 141 7.28 -22.28 -69.27
CA ASN A 141 8.25 -22.77 -68.29
C ASN A 141 9.14 -23.82 -68.93
N LYS A 142 9.22 -23.80 -70.26
CA LYS A 142 10.06 -24.71 -71.02
C LYS A 142 11.23 -24.00 -71.71
N ASP A 143 11.05 -22.74 -72.08
CA ASP A 143 12.03 -22.01 -72.87
C ASP A 143 13.26 -21.56 -72.09
N TYR A 144 13.37 -21.93 -70.82
CA TYR A 144 14.39 -21.37 -69.96
C TYR A 144 15.66 -22.21 -70.04
N ASP A 145 16.81 -21.53 -70.06
CA ASP A 145 18.08 -22.25 -69.91
C ASP A 145 18.42 -22.43 -68.44
N ILE A 146 18.08 -21.45 -67.62
CA ILE A 146 18.11 -21.58 -66.17
C ILE A 146 16.73 -21.14 -65.66
N HIS A 147 16.19 -21.86 -64.70
CA HIS A 147 14.84 -21.59 -64.21
C HIS A 147 14.77 -21.79 -62.71
N PHE A 148 14.17 -20.82 -62.02
CA PHE A 148 13.98 -20.87 -60.58
C PHE A 148 12.51 -21.04 -60.27
N SER A 149 12.20 -21.98 -59.38
CA SER A 149 10.84 -22.22 -58.95
C SER A 149 10.54 -21.49 -57.66
N ASN A 150 9.37 -21.75 -57.10
CA ASN A 150 9.00 -21.15 -55.83
C ASN A 150 9.35 -22.08 -54.68
N PHE A 151 9.58 -21.49 -53.52
CA PHE A 151 9.99 -22.23 -52.33
C PHE A 151 8.84 -22.25 -51.34
N ASP A 152 8.43 -23.44 -50.95
CA ASP A 152 7.28 -23.63 -50.06
C ASP A 152 7.76 -24.13 -48.70
N LEU A 153 6.92 -23.92 -47.69
CA LEU A 153 7.23 -24.41 -46.36
C LEU A 153 7.21 -25.93 -46.34
N ASP A 154 7.84 -26.53 -45.35
CA ASP A 154 7.96 -27.98 -45.26
C ASP A 154 7.58 -28.40 -43.84
N HIS A 155 6.54 -29.20 -43.73
CA HIS A 155 6.08 -29.68 -42.42
C HIS A 155 5.32 -30.99 -42.55
N ASP A 156 -3.97 -27.67 -40.53
CA ASP A 156 -3.59 -26.50 -41.31
C ASP A 156 -3.04 -25.40 -40.42
N LEU A 157 -2.08 -24.65 -40.94
CA LEU A 157 -1.44 -23.60 -40.16
C LEU A 157 -2.39 -22.43 -39.93
N ARG A 158 -2.22 -21.77 -38.79
CA ARG A 158 -2.91 -20.54 -38.46
C ARG A 158 -1.89 -19.45 -38.27
N LEU A 159 -2.21 -18.24 -38.76
CA LEU A 159 -1.22 -17.17 -38.76
C LEU A 159 -0.68 -16.89 -37.37
N VAL A 160 -1.53 -17.02 -36.35
CA VAL A 160 -1.07 -16.77 -34.99
C VAL A 160 -0.09 -17.83 -34.52
N ASP A 161 -0.05 -18.98 -35.19
CA ASP A 161 0.86 -20.04 -34.78
C ASP A 161 2.29 -19.79 -35.25
N ILE A 162 2.46 -18.96 -36.28
CA ILE A 162 3.77 -18.86 -36.92
C ILE A 162 4.35 -17.46 -36.82
N ALA A 163 3.54 -16.45 -36.54
CA ALA A 163 4.00 -15.08 -36.54
C ALA A 163 3.59 -14.36 -35.27
N SER A 164 4.08 -13.13 -35.14
CA SER A 164 3.73 -12.26 -34.03
C SER A 164 4.15 -10.85 -34.40
N GLY A 165 3.19 -9.93 -34.42
CA GLY A 165 3.48 -8.59 -34.89
C GLY A 165 4.43 -7.86 -33.95
N ARG A 166 5.07 -6.83 -34.48
CA ARG A 166 5.94 -6.01 -33.66
C ARG A 166 6.11 -4.64 -34.30
N ILE A 167 6.49 -3.66 -33.48
CA ILE A 167 6.61 -2.27 -33.90
C ILE A 167 8.06 -1.87 -33.88
N LEU A 168 8.49 -1.12 -34.90
CA LEU A 168 9.85 -0.61 -34.99
C LEU A 168 9.79 0.89 -35.27
N ASN A 169 10.61 1.66 -34.58
CA ASN A 169 10.54 3.12 -34.67
C ASN A 169 11.89 3.69 -35.09
N ARG A 170 11.91 5.02 -35.24
CA ARG A 170 13.10 5.74 -35.65
C ARG A 170 13.36 6.89 -34.69
N VAL A 171 14.58 6.96 -34.17
CA VAL A 171 14.93 7.99 -33.20
C VAL A 171 15.71 9.09 -33.90
N ASP A 172 15.74 10.26 -33.27
CA ASP A 172 16.48 11.40 -33.78
C ASP A 172 17.80 11.52 -33.05
N PHE A 173 18.90 11.56 -33.82
CA PHE A 173 20.22 11.51 -33.22
C PHE A 173 20.50 12.73 -32.34
N ASP A 174 19.82 13.85 -32.61
CA ASP A 174 20.14 15.07 -31.88
C ASP A 174 19.34 15.21 -30.59
N THR A 175 18.05 14.88 -30.61
CA THR A 175 17.20 15.06 -29.45
C THR A 175 16.93 13.78 -28.69
N GLY A 176 16.85 12.65 -29.37
CA GLY A 176 16.63 11.37 -28.71
C GLY A 176 15.19 10.93 -28.60
N LYS A 177 14.28 11.54 -29.35
CA LYS A 177 12.87 11.15 -29.34
C LYS A 177 12.51 10.57 -30.70
N ALA A 178 11.57 9.62 -30.69
CA ALA A 178 11.18 8.98 -31.93
C ALA A 178 10.52 9.97 -32.87
N LYS A 179 10.66 9.72 -34.18
CA LYS A 179 9.97 10.54 -35.16
C LYS A 179 8.76 9.82 -35.73
N ASP A 180 8.87 8.51 -35.91
CA ASP A 180 7.79 7.73 -36.50
C ASP A 180 8.11 6.25 -36.30
N TYR A 181 7.23 5.38 -36.81
CA TYR A 181 7.34 3.95 -36.59
C TYR A 181 6.60 3.22 -37.69
N PHE A 182 6.63 1.89 -37.61
CA PHE A 182 5.94 1.02 -38.54
C PHE A 182 5.87 -0.37 -37.91
N ARG A 183 5.26 -1.29 -38.65
CA ARG A 183 4.98 -2.63 -38.14
C ARG A 183 5.61 -3.69 -39.01
N THR A 184 5.93 -4.82 -38.40
CA THR A 184 6.44 -5.98 -39.13
C THR A 184 5.93 -7.25 -38.47
N TRP A 185 6.15 -8.37 -39.14
CA TRP A 185 5.79 -9.69 -38.63
C TRP A 185 7.06 -10.53 -38.52
N GLU A 186 7.36 -10.99 -37.32
CA GLU A 186 8.51 -11.84 -37.08
C GLU A 186 8.03 -13.28 -36.95
N ALA A 187 8.70 -14.19 -37.65
CA ALA A 187 8.32 -15.59 -37.65
C ALA A 187 9.04 -16.34 -36.52
N ASP A 188 8.96 -17.67 -36.58
CA ASP A 188 9.62 -18.53 -35.62
C ASP A 188 10.64 -19.39 -36.34
N TYR A 189 11.92 -19.10 -36.13
CA TYR A 189 12.97 -19.77 -36.88
C TYR A 189 13.31 -21.16 -36.36
N GLU A 190 12.62 -21.63 -35.32
CA GLU A 190 12.98 -22.93 -34.76
C GLU A 190 12.08 -24.04 -35.27
N THR A 191 10.76 -23.83 -35.28
CA THR A 191 9.84 -24.86 -35.71
C THR A 191 9.54 -24.77 -37.20
N TYR A 192 9.42 -23.56 -37.75
CA TYR A 192 9.15 -23.35 -39.16
C TYR A 192 10.34 -22.59 -39.75
N GLY A 193 11.38 -23.32 -40.11
CA GLY A 193 12.60 -22.70 -40.59
C GLY A 193 13.25 -23.40 -41.75
N THR A 194 12.46 -23.99 -42.64
CA THR A 194 12.98 -24.79 -43.73
C THR A 194 12.10 -24.63 -44.96
N TYR A 195 12.73 -24.31 -46.09
CA TYR A 195 12.01 -24.21 -47.36
C TYR A 195 12.71 -25.07 -48.40
N THR A 196 11.96 -25.52 -49.40
CA THR A 196 12.48 -26.39 -50.43
C THR A 196 12.07 -25.88 -51.80
N GLY A 197 12.81 -26.28 -52.83
CA GLY A 197 12.44 -25.90 -54.18
C GLY A 197 13.29 -26.60 -55.21
N ARG A 198 12.84 -26.51 -56.47
CA ARG A 198 13.54 -27.11 -57.59
C ARG A 198 14.15 -26.03 -58.46
N ILE A 199 15.33 -26.29 -59.00
CA ILE A 199 15.99 -25.44 -59.96
C ILE A 199 16.22 -26.26 -61.22
N THR A 200 15.89 -25.69 -62.38
CA THR A 200 16.00 -26.38 -63.65
C THR A 200 17.16 -25.78 -64.43
N LEU A 201 18.02 -26.65 -64.96
CA LEU A 201 19.19 -26.24 -65.73
C LEU A 201 19.31 -27.13 -66.95
N ARG A 202 19.60 -26.53 -68.10
CA ARG A 202 19.68 -27.26 -69.36
C ARG A 202 21.04 -27.21 -70.01
N ASN A 203 21.92 -26.29 -69.60
CA ASN A 203 23.25 -26.15 -70.15
C ASN A 203 24.26 -26.46 -69.06
N GLU A 204 24.83 -27.66 -69.11
CA GLU A 204 25.81 -28.11 -68.12
C GLU A 204 26.96 -27.13 -67.94
N HIS A 205 27.27 -26.33 -68.96
CA HIS A 205 28.47 -25.50 -68.95
C HIS A 205 28.50 -24.50 -67.81
N ALA A 206 27.38 -24.29 -67.13
CA ALA A 206 27.31 -23.30 -66.05
C ALA A 206 27.06 -23.93 -64.69
N LYS A 207 27.15 -25.26 -64.59
CA LYS A 207 26.89 -25.90 -63.31
C LYS A 207 27.91 -25.50 -62.27
N LYS A 208 29.20 -25.55 -62.61
CA LYS A 208 30.25 -25.25 -61.65
C LYS A 208 30.05 -23.90 -60.99
N LEU A 209 29.74 -22.87 -61.79
CA LEU A 209 29.57 -21.55 -61.22
C LEU A 209 28.35 -21.48 -60.31
N LEU A 210 27.32 -22.28 -60.60
CA LEU A 210 26.10 -22.21 -59.80
C LEU A 210 26.34 -22.63 -58.37
N LEU A 211 26.81 -23.86 -58.17
CA LEU A 211 27.03 -24.36 -56.82
C LEU A 211 28.03 -23.50 -56.06
N ALA A 212 29.10 -23.06 -56.73
CA ALA A 212 30.09 -22.23 -56.07
C ALA A 212 29.52 -20.89 -55.63
N SER A 213 28.32 -20.56 -56.08
CA SER A 213 27.68 -19.32 -55.63
C SER A 213 26.66 -19.59 -54.54
N LEU A 214 25.90 -20.68 -54.66
CA LEU A 214 24.88 -20.98 -53.65
C LEU A 214 25.47 -21.01 -52.26
N GLY A 215 26.66 -21.57 -52.08
CA GLY A 215 27.30 -21.52 -50.79
C GLY A 215 27.66 -20.13 -50.33
N PHE A 216 27.78 -19.17 -51.25
CA PHE A 216 28.20 -17.83 -50.90
C PHE A 216 27.06 -16.93 -50.47
N VAL A 217 25.82 -17.29 -50.78
CA VAL A 217 24.67 -16.52 -50.30
C VAL A 217 24.71 -16.51 -48.78
N ASP A 218 24.63 -15.32 -48.18
CA ASP A 218 24.80 -15.18 -46.75
C ASP A 218 23.48 -14.94 -46.02
N LYS A 219 22.71 -13.94 -46.42
CA LYS A 219 21.46 -13.63 -45.76
C LYS A 219 20.35 -13.50 -46.79
N LEU A 220 19.12 -13.60 -46.31
CA LEU A 220 17.95 -13.56 -47.16
C LEU A 220 16.72 -13.36 -46.28
N CYS A 221 15.78 -12.54 -46.74
CA CYS A 221 14.58 -12.20 -45.96
C CYS A 221 14.95 -11.60 -44.62
N GLY A 222 16.12 -10.97 -44.52
CA GLY A 222 16.52 -10.31 -43.31
C GLY A 222 17.06 -11.22 -42.22
N ALA A 223 17.76 -12.29 -42.57
CA ALA A 223 18.30 -13.22 -41.59
C ALA A 223 19.40 -14.05 -42.23
N LEU A 224 20.32 -14.51 -41.40
CA LEU A 224 21.36 -15.42 -41.87
C LEU A 224 20.72 -16.72 -42.34
N CYS A 225 21.42 -17.42 -43.23
CA CYS A 225 20.83 -18.62 -43.81
C CYS A 225 21.91 -19.51 -44.40
N ARG A 226 21.54 -20.77 -44.61
CA ARG A 226 22.33 -21.73 -45.36
C ARG A 226 21.51 -22.25 -46.51
N ILE A 227 22.13 -22.36 -47.68
CA ILE A 227 21.50 -22.93 -48.86
C ILE A 227 22.23 -24.21 -49.18
N GLU A 228 21.49 -25.33 -49.23
CA GLU A 228 22.09 -26.64 -49.36
C GLU A 228 21.48 -27.34 -50.56
N VAL A 229 22.29 -28.17 -51.24
CA VAL A 229 21.80 -29.02 -52.30
C VAL A 229 21.55 -30.41 -51.73
N ILE A 230 20.32 -30.91 -51.86
CA ILE A 230 19.94 -32.20 -51.32
C ILE A 230 20.00 -33.22 -52.43
N LYS A 231 20.53 -34.40 -52.12
CA LYS A 231 20.64 -35.47 -53.12
C LYS A 231 19.37 -36.29 -53.18
N SER A 232 -6.83 -22.86 -24.37
CA SER A 232 -6.59 -21.50 -23.88
C SER A 232 -7.67 -20.55 -24.37
N GLU A 233 -8.24 -20.87 -25.53
CA GLU A 233 -9.27 -20.01 -26.11
C GLU A 233 -10.52 -19.95 -25.25
N ASP A 234 -11.12 -21.11 -24.97
CA ASP A 234 -12.23 -21.19 -24.03
C ASP A 234 -11.85 -20.68 -22.64
N HIS A 235 -10.64 -21.00 -22.18
CA HIS A 235 -10.19 -20.55 -20.87
C HIS A 235 -10.15 -19.03 -20.80
N ASN A 236 -9.78 -18.38 -21.90
CA ASN A 236 -9.68 -16.92 -21.89
C ASN A 236 -11.03 -16.28 -21.59
N ASP A 237 -12.07 -16.68 -22.31
CA ASP A 237 -13.38 -16.07 -22.08
C ASP A 237 -13.99 -16.53 -20.77
N GLU A 238 -13.68 -17.76 -20.34
CA GLU A 238 -14.12 -18.20 -19.02
C GLU A 238 -13.58 -17.28 -17.93
N LEU A 239 -12.26 -17.05 -17.94
CA LEU A 239 -11.66 -16.16 -16.96
C LEU A 239 -12.14 -14.73 -17.15
N ARG A 240 -12.45 -14.34 -18.39
CA ARG A 240 -13.02 -13.01 -18.63
C ARG A 240 -14.35 -12.85 -17.91
N LYS A 241 -15.22 -13.84 -18.03
CA LYS A 241 -16.51 -13.77 -17.34
C LYS A 241 -16.32 -13.77 -15.83
N GLN A 242 -15.41 -14.60 -15.33
CA GLN A 242 -15.16 -14.61 -13.89
C GLN A 242 -14.63 -13.27 -13.40
N ALA A 243 -13.72 -12.64 -14.16
CA ALA A 243 -13.23 -11.32 -13.79
C ALA A 243 -14.32 -10.28 -13.84
N GLU A 244 -15.25 -10.39 -14.79
CA GLU A 244 -16.41 -9.52 -14.80
C GLU A 244 -17.22 -9.67 -13.52
N VAL A 245 -17.46 -10.91 -13.09
CA VAL A 245 -18.17 -11.14 -11.83
C VAL A 245 -17.44 -10.47 -10.68
N ILE A 246 -16.12 -10.66 -10.61
CA ILE A 246 -15.36 -10.11 -9.48
C ILE A 246 -15.40 -8.59 -9.47
N VAL A 247 -15.22 -7.97 -10.64
CA VAL A 247 -15.19 -6.52 -10.69
C VAL A 247 -16.57 -5.95 -10.39
N GLU A 248 -17.63 -6.67 -10.75
CA GLU A 248 -18.96 -6.25 -10.37
C GLU A 248 -19.12 -6.29 -8.85
N ALA A 249 -18.70 -7.38 -8.22
CA ALA A 249 -18.78 -7.47 -6.76
C ALA A 249 -17.98 -6.36 -6.10
N PHE A 250 -16.84 -5.99 -6.68
CA PHE A 250 -16.07 -4.89 -6.13
C PHE A 250 -16.79 -3.55 -6.31
N LYS A 251 -17.42 -3.35 -7.45
CA LYS A 251 -18.22 -2.14 -7.66
C LYS A 251 -19.42 -2.08 -6.72
N GLN A 252 -19.84 -3.24 -6.18
CA GLN A 252 -20.91 -3.22 -5.19
C GLN A 252 -20.52 -2.42 -3.96
N ASN A 253 -19.45 -2.82 -3.27
CA ASN A 253 -19.05 -2.20 -2.01
C ASN A 253 -18.31 -0.89 -2.21
N ASP A 254 -18.33 -0.34 -3.43
CA ASP A 254 -17.64 0.92 -3.74
C ASP A 254 -16.16 0.83 -3.36
N LYS A 255 -15.46 -0.08 -4.04
CA LYS A 255 -14.03 -0.29 -3.84
C LYS A 255 -13.33 -0.47 -5.17
N LEU A 256 -13.82 0.21 -6.22
CA LEU A 256 -13.27 0.05 -7.56
C LEU A 256 -11.77 0.33 -7.62
N GLU A 257 -11.29 1.35 -6.91
CA GLU A 257 -9.88 1.70 -6.97
C GLU A 257 -8.98 0.58 -6.47
N LYS A 258 -9.47 -0.26 -5.57
CA LYS A 258 -8.70 -1.41 -5.10
C LYS A 258 -8.47 -2.45 -6.19
N ILE A 259 -9.22 -2.39 -7.29
CA ILE A 259 -8.99 -3.33 -8.39
C ILE A 259 -7.61 -3.12 -8.98
N ARG A 260 -7.22 -1.88 -9.21
CA ARG A 260 -5.97 -1.60 -9.91
C ARG A 260 -4.77 -2.26 -9.25
N ILE A 261 -4.78 -2.38 -7.93
CA ILE A 261 -3.66 -3.04 -7.27
C ILE A 261 -3.84 -4.56 -7.26
N LEU A 262 -5.08 -5.06 -7.16
CA LEU A 262 -5.30 -6.49 -7.17
C LEU A 262 -4.81 -7.11 -8.47
N ALA A 263 -5.14 -6.48 -9.60
CA ALA A 263 -4.68 -6.99 -10.89
C ALA A 263 -3.17 -7.04 -10.97
N ASP A 264 -2.48 -6.32 -10.09
CA ASP A 264 -1.04 -6.40 -10.04
C ASP A 264 -0.53 -7.32 -8.94
N ALA A 265 -1.31 -7.53 -7.88
CA ALA A 265 -0.90 -8.49 -6.87
C ALA A 265 -0.99 -9.91 -7.39
N ILE A 266 -2.14 -10.26 -7.96
CA ILE A 266 -2.33 -11.59 -8.54
C ILE A 266 -1.18 -11.94 -9.47
N ARG A 267 -0.84 -11.04 -10.39
CA ARG A 267 0.26 -11.29 -11.31
C ARG A 267 1.55 -11.65 -10.56
N THR A 268 1.86 -10.92 -9.50
CA THR A 268 3.09 -11.19 -8.75
C THR A 268 3.16 -12.63 -8.27
N LEU A 269 2.00 -13.25 -7.99
CA LEU A 269 1.99 -14.63 -7.53
C LEU A 269 2.70 -15.59 -8.48
N ARG A 270 3.01 -15.16 -9.71
CA ARG A 270 3.75 -16.04 -10.60
C ARG A 270 5.16 -16.32 -10.12
N LEU A 271 5.64 -15.60 -9.10
CA LEU A 271 6.99 -15.81 -8.61
C LEU A 271 7.07 -16.84 -7.48
N HIS A 272 6.01 -17.01 -6.70
CA HIS A 272 6.07 -17.84 -5.51
C HIS A 272 5.65 -19.28 -5.75
N GLY A 273 5.16 -19.61 -6.94
CA GLY A 273 4.67 -20.94 -7.22
C GLY A 273 3.26 -21.15 -6.71
N GLU A 274 2.62 -22.20 -7.21
CA GLU A 274 1.23 -22.47 -6.88
C GLU A 274 1.02 -22.85 -5.42
N GLY A 275 2.07 -23.20 -4.69
CA GLY A 275 1.90 -23.69 -3.33
C GLY A 275 1.26 -22.68 -2.40
N VAL A 276 1.20 -21.42 -2.81
CA VAL A 276 0.62 -20.39 -1.95
C VAL A 276 -0.87 -20.60 -1.77
N ILE A 277 -1.54 -21.10 -2.82
CA ILE A 277 -3.00 -21.19 -2.77
C ILE A 277 -3.46 -22.43 -2.01
N GLU A 278 -2.89 -23.60 -2.33
CA GLU A 278 -3.39 -24.83 -1.73
C GLU A 278 -3.15 -24.85 -0.22
N LYS A 279 -2.03 -24.31 0.23
CA LYS A 279 -1.70 -24.30 1.65
C LYS A 279 -2.14 -23.01 2.34
N ASP A 280 -2.79 -22.10 1.61
CA ASP A 280 -3.39 -20.89 2.18
C ASP A 280 -2.36 -20.10 3.00
N GLU A 281 -1.33 -19.62 2.33
CA GLU A 281 -0.29 -18.84 2.98
C GLU A 281 -0.42 -17.34 2.74
N LEU A 282 -1.52 -16.91 2.14
CA LEU A 282 -1.76 -15.49 1.97
C LEU A 282 -1.88 -14.81 3.33
N PRO A 283 -1.51 -13.53 3.45
CA PRO A 283 -1.61 -12.86 4.74
C PRO A 283 -3.05 -12.68 5.16
N ASP A 284 -3.29 -12.84 6.46
CA ASP A 284 -4.63 -12.79 7.02
C ASP A 284 -4.83 -11.46 7.74
N GLY A 285 -6.03 -11.30 8.32
CA GLY A 285 -6.32 -10.12 9.09
C GLY A 285 -5.45 -10.02 10.34
N LYS A 286 -5.37 -8.79 10.86
CA LYS A 286 -4.57 -8.56 12.06
C LYS A 286 -5.21 -9.14 13.32
N GLU A 287 -6.47 -9.57 13.24
CA GLU A 287 -7.25 -10.10 14.35
C GLU A 287 -7.54 -9.03 15.40
N GLU A 288 -7.18 -7.77 15.12
CA GLU A 288 -7.78 -6.65 15.83
C GLU A 288 -8.89 -6.01 14.99
N ARG A 289 -8.75 -6.07 13.68
CA ARG A 289 -9.82 -5.63 12.79
C ARG A 289 -10.95 -6.66 12.77
N ASP A 290 -10.59 -7.95 12.72
CA ASP A 290 -11.52 -9.08 12.82
C ASP A 290 -12.47 -9.16 11.62
N LYS A 291 -12.37 -8.19 10.71
CA LYS A 291 -13.08 -8.26 9.44
C LYS A 291 -12.28 -9.03 8.40
N GLY A 292 -11.13 -9.57 8.78
CA GLY A 292 -10.24 -10.20 7.83
C GLY A 292 -9.30 -9.20 7.20
N HIS A 293 -8.39 -9.73 6.39
CA HIS A 293 -7.48 -8.88 5.64
C HIS A 293 -8.27 -7.88 4.81
N HIS A 294 -7.81 -6.63 4.82
CA HIS A 294 -8.55 -5.56 4.16
C HIS A 294 -8.69 -5.77 2.66
N LEU A 295 -7.95 -6.70 2.07
CA LEU A 295 -8.10 -7.05 0.67
C LEU A 295 -8.50 -8.51 0.46
N TRP A 296 -7.77 -9.44 1.06
CA TRP A 296 -7.93 -10.85 0.73
C TRP A 296 -9.21 -11.46 1.30
N ASP A 297 -10.09 -10.67 1.89
CA ASP A 297 -11.34 -11.19 2.43
C ASP A 297 -12.55 -10.34 2.03
N ILE A 298 -12.43 -9.54 0.98
CA ILE A 298 -13.61 -8.89 0.41
C ILE A 298 -14.54 -9.97 -0.13
N LYS A 299 -15.81 -9.87 0.21
CA LYS A 299 -16.76 -10.94 -0.11
C LYS A 299 -17.29 -10.76 -1.51
N VAL A 300 -17.31 -11.85 -2.28
CA VAL A 300 -17.83 -11.87 -3.64
C VAL A 300 -18.93 -12.92 -3.69
N GLN A 301 -20.14 -12.48 -4.05
CA GLN A 301 -21.31 -13.36 -4.18
C GLN A 301 -21.50 -14.24 -2.94
N GLY A 302 -21.14 -13.72 -1.78
CA GLY A 302 -21.36 -14.41 -0.53
C GLY A 302 -20.26 -15.35 -0.10
N THR A 303 -19.09 -15.31 -0.74
CA THR A 303 -17.97 -16.15 -0.34
C THR A 303 -16.69 -15.32 -0.28
N ALA A 304 -15.72 -15.84 0.46
CA ALA A 304 -14.45 -15.14 0.61
C ALA A 304 -13.64 -15.19 -0.69
N LEU A 305 -12.71 -14.25 -0.82
CA LEU A 305 -11.96 -14.13 -2.07
C LEU A 305 -10.96 -15.27 -2.24
N ARG A 306 -10.22 -15.61 -1.19
CA ARG A 306 -9.21 -16.65 -1.32
C ARG A 306 -9.83 -17.98 -1.72
N THR A 307 -11.02 -18.27 -1.20
CA THR A 307 -11.71 -19.50 -1.61
C THR A 307 -12.11 -19.44 -3.08
N LYS A 308 -12.54 -18.27 -3.55
CA LYS A 308 -12.87 -18.11 -4.96
C LYS A 308 -11.65 -18.39 -5.84
N LEU A 309 -10.50 -17.82 -5.46
CA LEU A 309 -9.28 -18.07 -6.21
C LEU A 309 -8.90 -19.54 -6.18
N LYS A 310 -9.04 -20.18 -5.02
CA LYS A 310 -8.72 -21.59 -4.92
C LYS A 310 -9.61 -22.43 -5.85
N GLU A 311 -10.89 -22.09 -5.90
CA GLU A 311 -11.80 -22.84 -6.78
C GLU A 311 -11.45 -22.60 -8.24
N LEU A 312 -11.14 -21.37 -8.62
CA LEU A 312 -10.73 -21.11 -10.00
C LEU A 312 -9.48 -21.89 -10.37
N TRP A 313 -8.49 -21.89 -9.49
CA TRP A 313 -7.25 -22.62 -9.77
C TRP A 313 -7.52 -24.11 -9.88
N GLN A 314 -8.39 -24.64 -9.01
CA GLN A 314 -8.76 -26.06 -9.12
C GLN A 314 -9.43 -26.34 -10.44
N SER A 315 -10.22 -25.40 -10.95
CA SER A 315 -10.93 -25.61 -12.20
C SER A 315 -10.04 -25.39 -13.42
N ASN A 316 -8.87 -24.77 -13.27
CA ASN A 316 -7.99 -24.51 -14.40
C ASN A 316 -6.58 -25.03 -14.15
N LYS A 317 -6.47 -26.27 -13.67
CA LYS A 317 -5.15 -26.82 -13.34
C LYS A 317 -4.33 -27.19 -14.56
N ASP A 318 -4.89 -27.14 -15.75
CA ASP A 318 -4.20 -27.68 -16.92
C ASP A 318 -3.21 -26.71 -17.53
N ILE A 319 -3.57 -25.43 -17.68
CA ILE A 319 -2.73 -24.51 -18.43
C ILE A 319 -1.49 -24.07 -17.66
N GLY A 320 -1.30 -24.55 -16.44
CA GLY A 320 -0.12 -24.21 -15.67
C GLY A 320 -0.29 -22.94 -14.86
N TRP A 321 0.62 -22.79 -13.89
CA TRP A 321 0.54 -21.69 -12.94
C TRP A 321 0.73 -20.34 -13.63
N ARG A 322 1.87 -20.16 -14.29
CA ARG A 322 2.27 -18.85 -14.80
C ARG A 322 1.23 -18.29 -15.77
N LYS A 323 0.85 -19.08 -16.78
CA LYS A 323 -0.10 -18.61 -17.77
C LYS A 323 -1.43 -18.25 -17.13
N PHE A 324 -1.91 -19.08 -16.20
CA PHE A 324 -3.18 -18.82 -15.53
C PHE A 324 -3.14 -17.48 -14.80
N THR A 325 -2.11 -17.27 -13.97
CA THR A 325 -2.02 -16.01 -13.23
C THR A 325 -1.93 -14.82 -14.17
N GLU A 326 -1.12 -14.92 -15.22
CA GLU A 326 -0.97 -13.79 -16.14
C GLU A 326 -2.29 -13.47 -16.83
N MET A 327 -3.02 -14.49 -17.25
CA MET A 327 -4.29 -14.25 -17.93
C MET A 327 -5.30 -13.59 -16.99
N LEU A 328 -5.38 -14.08 -15.75
CA LEU A 328 -6.30 -13.48 -14.80
C LEU A 328 -5.97 -12.01 -14.56
N GLY A 329 -4.69 -11.71 -14.30
CA GLY A 329 -4.30 -10.34 -14.06
C GLY A 329 -4.57 -9.43 -15.25
N SER A 330 -4.27 -9.91 -16.45
CA SER A 330 -4.52 -9.10 -17.64
C SER A 330 -6.00 -8.81 -17.82
N ASN A 331 -6.86 -9.83 -17.65
CA ASN A 331 -8.29 -9.59 -17.76
C ASN A 331 -8.76 -8.56 -16.75
N LEU A 332 -8.34 -8.70 -15.50
CA LEU A 332 -8.76 -7.72 -14.49
C LEU A 332 -8.32 -6.31 -14.86
N TYR A 333 -7.05 -6.13 -15.25
CA TYR A 333 -6.58 -4.79 -15.55
C TYR A 333 -7.30 -4.20 -16.75
N LEU A 334 -7.55 -5.01 -17.78
CA LEU A 334 -8.24 -4.49 -18.95
C LEU A 334 -9.67 -4.07 -18.63
N ILE A 335 -10.39 -4.92 -17.89
CA ILE A 335 -11.75 -4.56 -17.50
C ILE A 335 -11.75 -3.28 -16.68
N TYR A 336 -10.79 -3.15 -15.75
CA TYR A 336 -10.71 -1.93 -14.95
C TYR A 336 -10.48 -0.71 -15.82
N LYS A 337 -9.52 -0.78 -16.74
CA LYS A 337 -9.22 0.37 -17.57
C LYS A 337 -10.41 0.75 -18.44
N LYS A 338 -11.16 -0.25 -18.93
CA LYS A 338 -12.34 0.07 -19.71
C LYS A 338 -13.41 0.71 -18.85
N GLU A 339 -13.51 0.30 -17.58
CA GLU A 339 -14.53 0.85 -16.68
C GLU A 339 -14.39 2.36 -16.55
N THR A 340 -13.24 2.82 -16.07
CA THR A 340 -12.97 4.25 -15.92
C THR A 340 -12.00 4.67 -17.03
N GLY A 341 -12.53 5.36 -18.03
CA GLY A 341 -11.77 5.61 -19.23
C GLY A 341 -10.69 6.68 -19.07
N GLY A 342 -11.05 7.82 -18.49
CA GLY A 342 -10.18 8.98 -18.55
C GLY A 342 -9.73 9.55 -17.22
N VAL A 343 -9.36 8.68 -16.28
CA VAL A 343 -8.86 9.16 -14.99
C VAL A 343 -7.56 9.91 -15.17
N SER A 344 -6.67 9.42 -16.03
CA SER A 344 -5.35 10.00 -16.17
C SER A 344 -5.43 11.41 -16.73
N THR A 345 -4.85 12.37 -15.99
CA THR A 345 -4.80 13.75 -16.45
C THR A 345 -3.87 13.95 -17.63
N ARG A 346 -3.03 12.97 -17.95
CA ARG A 346 -2.19 13.05 -19.14
C ARG A 346 -3.07 12.96 -20.37
N PHE A 347 -3.32 14.09 -21.01
CA PHE A 347 -4.29 14.20 -22.10
C PHE A 347 -3.56 14.75 -23.33
N ARG A 348 -3.59 13.98 -24.41
CA ARG A 348 -2.91 14.34 -25.65
C ARG A 348 -3.92 14.38 -26.78
N ILE A 349 -3.74 15.33 -27.70
CA ILE A 349 -4.59 15.41 -28.87
C ILE A 349 -4.13 14.49 -29.99
N LEU A 350 -2.81 14.35 -30.20
CA LEU A 350 -2.25 13.50 -31.24
C LEU A 350 -0.95 12.88 -30.75
N GLY A 351 -0.75 11.61 -31.08
CA GLY A 351 0.43 10.87 -30.67
C GLY A 351 1.54 10.92 -31.70
N ASP A 352 1.95 9.74 -32.14
CA ASP A 352 2.98 9.59 -33.16
C ASP A 352 2.37 9.13 -34.47
N THR A 353 3.17 9.19 -35.54
CA THR A 353 2.71 8.94 -36.89
C THR A 353 3.27 7.62 -37.39
N GLU A 354 2.50 6.93 -38.22
CA GLU A 354 2.90 5.65 -38.82
C GLU A 354 3.34 5.94 -40.25
N TYR A 355 4.63 5.83 -40.51
CA TYR A 355 5.24 6.32 -41.75
C TYR A 355 5.97 5.19 -42.46
N TYR A 356 5.27 4.53 -43.38
CA TYR A 356 5.89 3.58 -44.28
C TYR A 356 6.42 4.22 -45.56
N SER A 357 6.34 5.54 -45.66
CA SER A 357 6.33 6.20 -46.96
C SER A 357 7.67 6.07 -47.67
N LYS A 358 7.71 6.63 -48.87
CA LYS A 358 8.85 6.68 -49.77
C LYS A 358 9.27 5.31 -50.28
N ALA A 359 8.54 4.26 -49.94
CA ALA A 359 8.69 3.00 -50.67
C ALA A 359 8.14 3.13 -52.08
N HIS A 360 7.10 3.95 -52.25
CA HIS A 360 6.47 4.20 -53.55
C HIS A 360 7.41 5.05 -54.39
N ASP A 361 8.10 4.41 -55.34
CA ASP A 361 9.00 5.11 -56.23
C ASP A 361 8.29 6.20 -57.01
N SER A 362 8.80 7.44 -56.93
CA SER A 362 8.22 8.55 -57.66
C SER A 362 8.66 8.54 -59.12
N GLU A 363 9.56 7.62 -59.46
CA GLU A 363 10.13 7.50 -60.80
C GLU A 363 10.74 8.81 -61.28
N GLY A 364 11.65 9.39 -60.50
CA GLY A 364 12.33 10.59 -60.91
C GLY A 364 13.53 10.29 -61.81
N SER A 365 14.37 9.35 -61.40
CA SER A 365 15.60 9.05 -62.10
C SER A 365 15.80 7.54 -62.19
N ASP A 366 16.55 7.11 -63.20
CA ASP A 366 16.95 5.72 -63.37
C ASP A 366 18.40 5.75 -63.83
N LEU A 367 19.33 5.45 -62.92
CA LEU A 367 20.74 5.69 -63.15
C LEU A 367 21.54 4.40 -63.02
N PHE A 368 22.69 4.38 -63.68
CA PHE A 368 23.62 3.26 -63.65
C PHE A 368 24.99 3.78 -63.23
N ILE A 369 25.48 3.29 -62.10
CA ILE A 369 26.67 3.83 -61.47
C ILE A 369 27.71 2.72 -61.35
N PRO A 370 28.75 2.74 -62.19
CA PRO A 370 29.79 1.71 -62.07
C PRO A 370 30.94 2.17 -61.20
N VAL A 371 31.46 1.25 -60.39
CA VAL A 371 32.64 1.48 -59.58
C VAL A 371 33.68 0.44 -59.98
N THR A 372 34.94 0.84 -59.98
CA THR A 372 36.04 -0.05 -60.37
C THR A 372 37.11 -0.05 -59.28
N PRO A 373 37.27 -1.14 -58.54
CA PRO A 373 38.31 -1.18 -57.52
C PRO A 373 39.68 -1.20 -58.16
N PRO A 374 40.71 -0.68 -57.48
CA PRO A 374 42.04 -0.67 -58.06
C PRO A 374 42.60 -2.08 -58.15
N GLU A 375 43.56 -2.26 -59.04
CA GLU A 375 44.16 -3.57 -59.24
C GLU A 375 45.02 -3.97 -58.04
N GLY A 376 44.91 -5.24 -57.65
CA GLY A 376 45.76 -5.78 -56.62
C GLY A 376 45.27 -5.59 -55.19
N ILE A 377 44.13 -4.95 -54.98
CA ILE A 377 43.64 -4.77 -53.62
C ILE A 377 43.22 -6.11 -53.05
N GLU A 378 43.31 -6.23 -51.72
CA GLU A 378 43.01 -7.47 -51.04
C GLU A 378 41.69 -7.35 -50.30
N THR A 379 40.95 -8.45 -50.19
CA THR A 379 39.67 -8.46 -49.51
C THR A 379 39.68 -9.51 -48.41
N LYS A 380 39.39 -9.08 -47.18
CA LYS A 380 39.41 -9.95 -46.02
C LYS A 380 38.09 -9.82 -45.27
N GLU A 381 37.82 -10.78 -44.39
CA GLU A 381 36.60 -10.78 -43.60
C GLU A 381 36.94 -11.03 -42.14
N TRP A 382 36.67 -10.04 -41.29
CA TRP A 382 36.94 -10.14 -39.87
C TRP A 382 35.66 -10.50 -39.14
N ILE A 383 35.79 -11.30 -38.07
CA ILE A 383 34.66 -11.76 -37.29
C ILE A 383 35.01 -11.60 -35.82
N ILE A 384 34.03 -11.24 -35.01
CA ILE A 384 34.22 -10.99 -33.59
C ILE A 384 33.19 -11.81 -32.82
N VAL A 385 33.63 -12.47 -31.75
CA VAL A 385 32.73 -13.22 -30.87
C VAL A 385 32.96 -12.80 -29.44
N GLY A 386 31.91 -12.87 -28.63
CA GLY A 386 32.05 -12.56 -27.22
C GLY A 386 30.73 -12.65 -26.49
N ARG A 387 30.72 -12.15 -25.26
CA ARG A 387 29.53 -12.17 -24.42
C ARG A 387 29.18 -10.76 -23.99
N LEU A 388 27.88 -10.52 -23.80
CA LEU A 388 27.36 -9.26 -23.31
C LEU A 388 26.80 -9.50 -21.91
N LYS A 389 27.24 -8.70 -20.95
CA LYS A 389 26.81 -8.81 -19.57
C LYS A 389 26.07 -7.55 -19.17
N ALA A 390 25.00 -7.72 -18.39
CA ALA A 390 24.18 -6.59 -17.94
C ALA A 390 24.64 -6.16 -16.56
N ALA A 391 25.22 -4.96 -16.48
CA ALA A 391 25.66 -4.45 -15.20
C ALA A 391 24.52 -3.89 -14.36
N THR A 392 23.38 -3.64 -14.96
CA THR A 392 22.21 -3.07 -14.29
C THR A 392 20.97 -3.69 -14.89
N PRO A 393 19.82 -3.59 -14.22
CA PRO A 393 18.57 -4.06 -14.81
C PRO A 393 18.35 -3.45 -16.19
N PHE A 394 17.64 -4.19 -17.04
CA PHE A 394 17.47 -3.82 -18.44
C PHE A 394 16.01 -3.94 -18.85
N TYR A 395 15.67 -3.28 -19.95
CA TYR A 395 14.28 -3.23 -20.40
C TYR A 395 14.23 -2.91 -21.89
N PHE A 396 13.51 -3.74 -22.65
CA PHE A 396 13.21 -3.49 -24.05
C PHE A 396 11.70 -3.44 -24.20
N GLY A 397 11.19 -2.30 -24.66
CA GLY A 397 9.76 -2.11 -24.71
C GLY A 397 9.06 -2.99 -25.72
N VAL A 398 7.75 -3.14 -25.53
CA VAL A 398 6.89 -3.83 -26.49
C VAL A 398 5.46 -3.48 -26.13
N GLN A 399 4.58 -3.49 -27.12
CA GLN A 399 3.21 -3.09 -26.91
C GLN A 399 2.41 -4.21 -26.25
N GLN A 400 1.13 -3.94 -26.01
CA GLN A 400 0.26 -4.91 -25.38
C GLN A 400 0.08 -6.14 -26.27
N PRO A 401 -0.13 -7.31 -25.70
CA PRO A 401 -0.39 -8.50 -26.53
C PRO A 401 -1.73 -8.44 -27.24
N SER A 402 -2.78 -7.97 -26.56
CA SER A 402 -4.10 -7.96 -27.16
C SER A 402 -4.19 -7.06 -28.38
N ASP A 403 -3.27 -6.11 -28.51
CA ASP A 403 -3.26 -5.20 -29.64
C ASP A 403 -2.19 -5.52 -30.66
N SER A 404 -1.49 -6.64 -30.51
CA SER A 404 -0.42 -7.03 -31.43
C SER A 404 -0.76 -8.33 -32.15
N ILE A 405 -2.04 -8.61 -32.33
CA ILE A 405 -2.43 -9.80 -33.09
C ILE A 405 -2.12 -9.57 -34.56
N PRO A 406 -1.42 -10.49 -35.22
CA PRO A 406 -1.00 -10.24 -36.60
C PRO A 406 -2.16 -10.09 -37.57
N GLY A 407 -3.17 -10.95 -37.44
CA GLY A 407 -4.27 -10.92 -38.40
C GLY A 407 -5.07 -9.64 -38.35
N LYS A 408 -5.64 -9.33 -37.19
CA LYS A 408 -6.56 -8.20 -37.04
C LYS A 408 -5.91 -7.13 -36.18
N GLU A 409 -5.22 -6.21 -36.84
CA GLU A 409 -4.56 -5.13 -36.14
C GLU A 409 -5.54 -4.01 -35.83
N LYS A 410 -5.32 -3.35 -34.69
CA LYS A 410 -6.20 -2.26 -34.26
C LYS A 410 -5.98 -1.02 -35.10
N LYS A 411 -4.76 -0.85 -35.61
CA LYS A 411 -4.38 0.24 -36.52
C LYS A 411 -4.28 1.58 -35.79
N SER A 412 -4.66 1.60 -34.51
CA SER A 412 -4.51 2.77 -33.64
C SER A 412 -5.29 3.98 -34.14
N GLU A 413 -6.06 3.82 -35.22
CA GLU A 413 -6.82 4.92 -35.79
C GLU A 413 -8.29 4.88 -35.42
N ASP A 414 -8.85 3.71 -35.15
CA ASP A 414 -10.26 3.59 -34.76
C ASP A 414 -10.43 3.86 -33.27
N SER A 415 -9.92 5.00 -32.84
CA SER A 415 -10.06 5.43 -31.44
C SER A 415 -10.18 6.95 -31.45
N LEU A 416 -11.42 7.44 -31.44
CA LEU A 416 -11.65 8.88 -31.50
C LEU A 416 -11.09 9.62 -30.29
N VAL A 417 -10.65 8.91 -29.25
CA VAL A 417 -9.92 9.51 -28.14
C VAL A 417 -8.54 8.84 -28.08
N ILE A 418 -7.54 9.62 -27.66
CA ILE A 418 -6.20 9.09 -27.45
C ILE A 418 -6.18 8.49 -26.05
N ASN A 419 -6.27 7.16 -25.98
CA ASN A 419 -6.29 6.44 -24.72
C ASN A 419 -4.98 5.67 -24.59
N GLU A 420 -4.03 6.25 -23.87
CA GLU A 420 -2.71 5.65 -23.69
C GLU A 420 -2.73 4.71 -22.49
N HIS A 421 -1.66 3.92 -22.36
CA HIS A 421 -1.62 2.85 -21.36
C HIS A 421 -0.75 3.23 -20.17
N THR A 422 -1.05 2.63 -19.03
CA THR A 422 -0.29 2.85 -17.80
C THR A 422 0.39 1.57 -17.32
N SER A 423 0.79 0.69 -18.24
CA SER A 423 1.46 -0.55 -17.89
C SER A 423 2.19 -1.07 -19.11
N PHE A 424 3.47 -1.38 -18.95
CA PHE A 424 4.30 -1.82 -20.07
C PHE A 424 4.91 -3.18 -19.76
N ASN A 425 5.03 -4.00 -20.79
CA ASN A 425 5.64 -5.31 -20.68
C ASN A 425 7.09 -5.26 -21.17
N ILE A 426 7.72 -6.42 -21.20
CA ILE A 426 9.08 -6.55 -21.71
C ILE A 426 9.06 -7.57 -22.85
N LEU A 427 9.96 -7.38 -23.80
CA LEU A 427 10.01 -8.24 -24.97
C LEU A 427 10.53 -9.61 -24.57
N LEU A 428 9.82 -10.66 -24.96
CA LEU A 428 10.21 -12.04 -24.71
C LEU A 428 9.90 -12.88 -25.94
N ASP A 429 10.68 -13.95 -26.10
CA ASP A 429 10.45 -14.87 -27.20
C ASP A 429 9.33 -15.84 -26.82
N LYS A 430 9.13 -16.88 -27.62
CA LYS A 430 8.00 -17.77 -27.39
C LYS A 430 8.23 -18.73 -26.23
N GLU A 431 9.44 -18.76 -25.69
CA GLU A 431 9.76 -19.65 -24.57
C GLU A 431 9.97 -18.91 -23.26
N ASN A 432 9.54 -17.65 -23.18
CA ASN A 432 9.75 -16.80 -22.01
C ASN A 432 11.23 -16.61 -21.70
N ARG A 433 12.05 -16.39 -22.73
CA ARG A 433 13.47 -16.10 -22.53
C ARG A 433 13.76 -14.68 -23.01
N TYR A 434 14.63 -14.00 -22.27
CA TYR A 434 14.99 -12.65 -22.63
C TYR A 434 15.84 -12.64 -23.90
N ARG A 435 15.61 -11.66 -24.77
CA ARG A 435 16.33 -11.57 -26.03
C ARG A 435 16.61 -10.12 -26.37
N ILE A 436 17.65 -9.91 -27.19
CA ILE A 436 18.05 -8.59 -27.64
C ILE A 436 17.92 -8.51 -29.15
N PRO A 437 16.86 -7.90 -29.68
CA PRO A 437 16.67 -7.89 -31.13
C PRO A 437 17.78 -7.13 -31.83
N ARG A 438 18.18 -7.66 -33.00
CA ARG A 438 19.30 -7.04 -33.72
C ARG A 438 19.00 -5.61 -34.13
N SER A 439 17.73 -5.21 -34.13
CA SER A 439 17.41 -3.80 -34.36
C SER A 439 18.08 -2.92 -33.32
N ALA A 440 18.00 -3.30 -32.05
CA ALA A 440 18.60 -2.51 -30.99
C ALA A 440 20.12 -2.44 -31.12
N LEU A 441 20.78 -3.58 -31.35
CA LEU A 441 22.22 -3.57 -31.55
C LEU A 441 22.60 -2.69 -32.73
N ARG A 442 21.90 -2.82 -33.85
CA ARG A 442 22.25 -2.01 -35.00
C ARG A 442 22.08 -0.53 -34.72
N GLY A 443 20.97 -0.14 -34.09
CA GLY A 443 20.78 1.25 -33.76
C GLY A 443 21.84 1.80 -32.82
N ALA A 444 22.15 1.06 -31.76
CA ALA A 444 23.15 1.54 -30.82
C ALA A 444 24.53 1.62 -31.46
N LEU A 445 24.91 0.62 -32.23
CA LEU A 445 26.20 0.66 -32.92
C LEU A 445 26.26 1.84 -33.87
N ARG A 446 25.17 2.12 -34.59
CA ARG A 446 25.18 3.25 -35.50
C ARG A 446 25.33 4.56 -34.75
N ARG A 447 24.63 4.70 -33.63
CA ARG A 447 24.78 5.93 -32.84
C ARG A 447 26.20 6.11 -32.35
N ASP A 448 26.81 5.06 -31.81
CA ASP A 448 28.17 5.18 -31.32
C ASP A 448 29.19 5.42 -32.43
N LEU A 449 29.05 4.78 -33.59
CA LEU A 449 29.92 5.14 -34.71
C LEU A 449 29.73 6.58 -35.15
N ARG A 450 28.49 7.06 -35.22
CA ARG A 450 28.29 8.45 -35.59
C ARG A 450 28.95 9.39 -34.61
N THR A 451 28.94 9.04 -33.33
CA THR A 451 29.69 9.83 -32.35
C THR A 451 31.19 9.76 -32.62
N ALA A 452 31.70 8.55 -32.87
CA ALA A 452 33.14 8.37 -33.00
C ALA A 452 33.70 9.10 -34.22
N PHE A 453 33.02 9.01 -35.35
CA PHE A 453 33.50 9.69 -36.55
C PHE A 453 33.36 11.19 -36.45
N GLY A 454 32.39 11.68 -35.68
CA GLY A 454 32.19 13.10 -35.53
C GLY A 454 31.27 13.75 -36.53
N SER A 455 30.67 12.98 -37.43
CA SER A 455 29.82 13.54 -38.48
C SER A 455 28.75 12.51 -38.83
N GLY A 456 28.13 12.71 -39.99
CA GLY A 456 27.14 11.79 -40.51
C GLY A 456 25.79 12.45 -40.64
N CYS A 457 24.94 11.83 -41.46
CA CYS A 457 23.63 12.40 -41.77
C CYS A 457 22.56 11.46 -41.23
N ASN A 458 21.42 12.03 -40.86
CA ASN A 458 20.26 11.24 -40.44
C ASN A 458 19.72 10.49 -41.65
N VAL A 459 19.43 9.21 -41.47
CA VAL A 459 18.98 8.35 -42.56
C VAL A 459 17.74 8.94 -43.21
N SER A 460 17.72 8.97 -44.54
CA SER A 460 16.57 9.40 -45.30
C SER A 460 15.92 8.17 -45.92
N LEU A 461 14.59 8.17 -45.98
CA LEU A 461 13.85 7.02 -46.48
C LEU A 461 13.50 7.21 -47.94
N GLY A 462 13.59 6.12 -48.71
CA GLY A 462 13.22 6.17 -50.11
C GLY A 462 14.07 7.05 -50.98
N GLY A 463 15.36 7.17 -50.69
CA GLY A 463 16.23 7.99 -51.50
C GLY A 463 16.42 7.41 -52.90
N GLN A 464 16.94 8.25 -53.79
CA GLN A 464 17.25 7.83 -55.15
C GLN A 464 18.73 7.56 -55.34
N ILE A 465 19.58 8.15 -54.50
CA ILE A 465 21.02 7.97 -54.59
C ILE A 465 21.53 7.66 -53.19
N LEU A 466 22.42 6.68 -53.10
CA LEU A 466 23.03 6.36 -51.82
C LEU A 466 23.90 7.53 -51.37
N CYS A 467 23.97 7.76 -50.07
CA CYS A 467 24.88 8.78 -49.57
C CYS A 467 26.24 8.14 -49.31
N ASN A 468 27.23 8.97 -49.00
CA ASN A 468 28.60 8.52 -48.89
C ASN A 468 29.32 9.12 -47.68
N CYS A 469 28.59 9.72 -46.76
CA CYS A 469 29.17 10.03 -45.47
C CYS A 469 29.80 8.77 -44.89
N LYS A 470 31.08 8.88 -44.52
CA LYS A 470 31.86 7.71 -44.15
C LYS A 470 31.17 6.83 -43.13
N VAL A 471 30.29 7.41 -42.30
CA VAL A 471 29.47 6.63 -41.39
C VAL A 471 28.70 5.56 -42.16
N CYS A 472 28.00 5.97 -43.21
CA CYS A 472 27.16 5.04 -43.96
C CYS A 472 27.98 4.03 -44.75
N ILE A 473 29.12 4.43 -45.30
CA ILE A 473 29.95 3.47 -46.02
C ILE A 473 30.41 2.36 -45.07
N GLU A 474 30.77 2.71 -43.85
CA GLU A 474 31.11 1.68 -42.87
C GLU A 474 29.91 0.84 -42.50
N MET A 475 28.79 1.48 -42.18
CA MET A 475 27.59 0.74 -41.78
C MET A 475 27.14 -0.24 -42.84
N ARG A 476 27.39 0.03 -44.11
CA ARG A 476 26.93 -0.87 -45.16
C ARG A 476 27.74 -2.16 -45.25
N ARG A 477 28.73 -2.35 -44.38
CA ARG A 477 29.57 -3.55 -44.42
C ARG A 477 29.52 -4.38 -43.15
N ILE A 478 28.64 -4.05 -42.21
CA ILE A 478 28.61 -4.69 -40.90
C ILE A 478 27.36 -5.55 -40.80
N THR A 479 27.50 -6.75 -40.23
CA THR A 479 26.36 -7.63 -40.01
C THR A 479 26.38 -8.12 -38.57
N LEU A 480 25.24 -7.99 -37.90
CA LEU A 480 25.08 -8.45 -36.52
C LEU A 480 24.27 -9.74 -36.51
N LYS A 481 23.90 -10.19 -35.31
CA LYS A 481 23.12 -11.41 -35.16
C LYS A 481 22.24 -11.30 -33.92
N ASP A 482 21.05 -11.90 -34.00
CA ASP A 482 20.15 -11.95 -32.86
C ASP A 482 20.79 -12.71 -31.71
N SER A 483 20.15 -12.67 -30.54
CA SER A 483 20.69 -13.31 -29.35
C SER A 483 19.60 -13.55 -28.32
N VAL A 484 19.66 -14.70 -27.67
CA VAL A 484 18.69 -15.10 -26.65
C VAL A 484 19.43 -15.77 -25.50
N SER A 485 19.00 -15.50 -24.28
CA SER A 485 19.65 -16.03 -23.10
C SER A 485 19.18 -17.45 -22.79
N ASP A 486 19.58 -17.95 -21.62
CA ASP A 486 19.15 -19.27 -21.20
C ASP A 486 18.20 -19.20 -20.02
N PHE A 487 18.28 -18.15 -19.22
CA PHE A 487 17.40 -17.99 -18.08
C PHE A 487 15.95 -17.89 -18.55
N SER A 488 15.04 -18.52 -17.80
CA SER A 488 13.65 -18.54 -18.22
C SER A 488 12.68 -18.32 -17.06
N GLU A 489 12.97 -17.36 -16.19
CA GLU A 489 12.08 -17.10 -15.07
C GLU A 489 11.37 -15.76 -15.25
N PRO A 490 10.26 -15.55 -14.57
CA PRO A 490 9.47 -14.35 -14.83
C PRO A 490 10.24 -13.12 -14.40
N PRO A 491 9.90 -11.96 -14.97
CA PRO A 491 10.61 -10.72 -14.62
C PRO A 491 10.05 -10.12 -13.34
N GLU A 492 10.53 -8.93 -13.03
CA GLU A 492 10.16 -8.22 -11.81
C GLU A 492 9.41 -6.95 -12.17
N ILE A 493 8.58 -6.47 -11.26
CA ILE A 493 7.77 -5.29 -11.52
C ILE A 493 8.24 -4.13 -10.67
N ARG A 494 8.17 -2.92 -11.21
CA ARG A 494 8.52 -1.69 -10.51
C ARG A 494 7.39 -0.69 -10.71
N TYR A 495 7.24 0.23 -9.75
CA TYR A 495 6.17 1.22 -9.80
C TYR A 495 6.76 2.61 -9.78
N ARG A 496 6.01 3.58 -10.29
CA ARG A 496 6.36 4.99 -10.23
C ARG A 496 5.10 5.82 -10.07
N ILE A 497 5.23 6.91 -9.32
CA ILE A 497 4.16 7.88 -9.13
C ILE A 497 4.76 9.27 -9.24
N ALA A 498 3.89 10.26 -9.30
CA ALA A 498 4.27 11.66 -9.38
C ALA A 498 3.68 12.43 -8.21
N LYS A 499 4.46 13.37 -7.67
CA LYS A 499 4.04 14.13 -6.51
C LYS A 499 3.49 15.49 -6.92
N ASN A 500 2.52 15.97 -6.15
CA ASN A 500 1.94 17.29 -6.39
C ASN A 500 2.85 18.36 -5.79
N PRO A 501 3.45 19.21 -6.61
CA PRO A 501 4.42 20.18 -6.06
C PRO A 501 3.81 21.16 -5.08
N GLY A 502 2.49 21.31 -5.08
CA GLY A 502 1.86 22.26 -4.18
C GLY A 502 1.75 21.74 -2.76
N THR A 503 1.02 20.63 -2.59
CA THR A 503 0.75 20.08 -1.27
C THR A 503 1.67 18.94 -0.90
N ALA A 504 2.64 18.61 -1.75
CA ALA A 504 3.69 17.64 -1.44
C ALA A 504 3.12 16.26 -1.13
N THR A 505 1.97 15.92 -1.68
CA THR A 505 1.42 14.58 -1.58
C THR A 505 1.33 13.97 -2.96
N VAL A 506 0.85 12.73 -3.02
CA VAL A 506 0.79 12.01 -4.29
C VAL A 506 -0.38 12.53 -5.11
N GLU A 507 -0.23 12.48 -6.43
CA GLU A 507 -1.33 12.86 -7.32
C GLU A 507 -2.12 11.61 -7.70
N ASP A 508 -3.43 11.65 -7.46
CA ASP A 508 -4.26 10.48 -7.67
C ASP A 508 -4.31 10.10 -9.14
N GLY A 509 -4.33 8.80 -9.41
CA GLY A 509 -4.42 8.33 -10.78
C GLY A 509 -3.16 8.46 -11.59
N SER A 510 -2.01 8.61 -10.95
CA SER A 510 -0.74 8.77 -11.65
C SER A 510 0.17 7.57 -11.54
N LEU A 511 -0.21 6.56 -10.76
CA LEU A 511 0.60 5.37 -10.58
C LEU A 511 0.72 4.60 -11.89
N PHE A 512 1.93 4.16 -12.22
CA PHE A 512 2.11 3.30 -13.37
C PHE A 512 3.35 2.43 -13.17
N ASP A 513 3.36 1.28 -13.84
CA ASP A 513 4.30 0.21 -13.53
C ASP A 513 5.02 -0.27 -14.78
N ILE A 514 6.23 -0.80 -14.57
CA ILE A 514 7.08 -1.33 -15.63
C ILE A 514 7.58 -2.70 -15.21
N GLU A 515 8.09 -3.44 -16.19
CA GLU A 515 8.71 -4.75 -15.95
C GLU A 515 10.18 -4.66 -16.31
N VAL A 516 11.02 -5.22 -15.45
CA VAL A 516 12.47 -5.23 -15.67
C VAL A 516 12.99 -6.65 -15.48
N GLY A 517 14.18 -6.89 -16.01
CA GLY A 517 14.82 -8.17 -15.91
C GLY A 517 16.00 -8.15 -14.95
N PRO A 518 16.51 -9.33 -14.60
CA PRO A 518 17.60 -9.40 -13.63
C PRO A 518 18.88 -8.82 -14.18
N GLU A 519 19.76 -8.40 -13.27
CA GLU A 519 21.06 -7.89 -13.67
C GLU A 519 22.12 -8.97 -13.48
N GLY A 520 23.19 -8.87 -14.27
CA GLY A 520 24.20 -9.89 -14.28
C GLY A 520 23.95 -11.02 -15.24
N LEU A 521 22.97 -10.88 -16.14
CA LEU A 521 22.69 -11.92 -17.12
C LEU A 521 23.65 -11.80 -18.29
N THR A 522 23.75 -12.86 -19.09
CA THR A 522 24.72 -12.93 -20.18
C THR A 522 24.06 -13.38 -21.47
N PHE A 523 24.39 -12.69 -22.56
CA PHE A 523 23.91 -13.04 -23.89
C PHE A 523 25.08 -13.24 -24.83
N PRO A 524 24.93 -14.04 -25.88
CA PRO A 524 26.00 -14.17 -26.87
C PRO A 524 26.05 -12.97 -27.79
N PHE A 525 27.20 -12.76 -28.43
CA PHE A 525 27.43 -11.59 -29.26
C PHE A 525 28.36 -11.93 -30.42
N VAL A 526 27.91 -11.63 -31.63
CA VAL A 526 28.63 -11.92 -32.86
C VAL A 526 28.65 -10.68 -33.73
N LEU A 527 29.72 -10.49 -34.50
CA LEU A 527 29.80 -9.35 -35.41
C LEU A 527 30.65 -9.72 -36.61
N ARG A 528 30.26 -9.27 -37.79
CA ARG A 528 31.00 -9.56 -39.01
C ARG A 528 31.25 -8.28 -39.78
N TYR A 529 32.47 -8.15 -40.32
CA TYR A 529 32.85 -7.02 -41.17
C TYR A 529 33.66 -7.57 -42.34
N ARG A 530 33.57 -6.92 -43.49
CA ARG A 530 34.17 -7.42 -44.72
C ARG A 530 34.69 -6.25 -45.54
N GLY A 531 35.98 -6.25 -45.84
CA GLY A 531 36.52 -5.14 -46.60
C GLY A 531 38.01 -5.23 -46.82
N HIS A 532 38.63 -4.07 -47.01
CA HIS A 532 40.04 -3.97 -47.33
C HIS A 532 40.92 -3.74 -46.12
N LYS A 533 40.41 -3.11 -45.06
CA LYS A 533 41.21 -2.77 -43.91
C LYS A 533 40.30 -2.46 -42.74
N PHE A 534 40.63 -3.02 -41.58
CA PHE A 534 39.79 -2.86 -40.40
C PHE A 534 39.77 -1.40 -39.95
N PRO A 535 38.61 -0.74 -39.94
CA PRO A 535 38.58 0.68 -39.63
C PRO A 535 38.96 0.94 -38.18
N GLU A 536 39.74 2.00 -37.98
CA GLU A 536 40.20 2.34 -36.64
C GLU A 536 39.07 2.74 -35.72
N GLN A 537 38.09 3.48 -36.21
CA GLN A 537 36.96 3.92 -35.40
C GLN A 537 36.11 2.76 -34.88
N LEU A 538 35.93 1.71 -35.68
CA LEU A 538 35.18 0.55 -35.20
C LEU A 538 35.89 -0.13 -34.04
N SER A 539 37.20 -0.36 -34.15
CA SER A 539 37.94 -0.92 -33.02
C SER A 539 37.89 0.02 -31.83
N SER A 540 37.87 1.33 -32.08
CA SER A 540 37.73 2.28 -30.98
C SER A 540 36.41 2.09 -30.26
N VAL A 541 35.32 1.93 -31.01
CA VAL A 541 34.02 1.69 -30.40
C VAL A 541 34.04 0.40 -29.59
N ILE A 542 34.62 -0.66 -30.15
CA ILE A 542 34.68 -1.93 -29.43
C ILE A 542 35.45 -1.77 -28.13
N ARG A 543 36.59 -1.07 -28.16
CA ARG A 543 37.32 -0.80 -26.93
C ARG A 543 36.45 -0.03 -25.94
N TYR A 544 35.69 0.96 -26.42
CA TYR A 544 34.81 1.72 -25.54
C TYR A 544 33.78 0.81 -24.88
N TRP A 545 33.29 -0.19 -25.61
CA TRP A 545 32.30 -1.09 -25.04
C TRP A 545 32.89 -2.13 -24.10
N GLU A 546 34.19 -2.38 -24.16
CA GLU A 546 34.77 -3.50 -23.45
C GLU A 546 34.84 -3.23 -21.95
N GLU A 547 34.81 -4.31 -21.18
CA GLU A 547 34.93 -4.25 -19.72
C GLU A 547 36.30 -4.78 -19.33
N ASN A 548 37.03 -4.01 -18.54
CA ASN A 548 38.37 -4.37 -18.10
C ASN A 548 38.59 -3.80 -16.71
N ASP A 549 39.69 -4.21 -16.08
CA ASP A 549 39.98 -3.72 -14.73
C ASP A 549 40.17 -2.21 -14.76
N GLY A 550 39.52 -1.52 -13.83
CA GLY A 550 39.55 -0.07 -13.80
C GLY A 550 38.73 0.61 -14.87
N LYS A 551 37.88 -0.13 -15.59
CA LYS A 551 37.07 0.44 -16.65
C LYS A 551 35.72 -0.25 -16.67
N ASN A 552 34.68 0.52 -16.95
CA ASN A 552 33.33 0.00 -17.02
C ASN A 552 32.83 0.05 -18.45
N GLY A 553 32.10 -0.97 -18.87
CA GLY A 553 31.44 -0.94 -20.16
C GLY A 553 30.48 0.22 -20.22
N MET A 554 30.26 0.77 -21.41
CA MET A 554 29.39 1.92 -21.56
C MET A 554 28.42 1.71 -22.70
N ALA A 555 28.19 0.47 -23.09
CA ALA A 555 27.26 0.13 -24.16
C ALA A 555 25.86 0.30 -23.61
N TRP A 556 25.24 1.44 -23.89
CA TRP A 556 23.85 1.68 -23.50
C TRP A 556 22.94 1.06 -24.54
N LEU A 557 22.04 0.20 -24.10
CA LEU A 557 21.07 -0.43 -24.98
C LEU A 557 19.67 -0.26 -24.41
N GLY A 558 18.67 -0.59 -25.21
CA GLY A 558 17.31 -0.51 -24.72
C GLY A 558 16.90 0.91 -24.38
N GLY A 559 15.83 1.03 -23.61
CA GLY A 559 15.27 2.31 -23.23
C GLY A 559 15.40 2.60 -21.75
N LEU A 560 14.65 3.62 -21.33
CA LEU A 560 14.63 4.05 -19.93
C LEU A 560 16.03 4.32 -19.40
N ASP A 561 16.82 5.08 -20.15
CA ASP A 561 18.18 5.35 -19.74
C ASP A 561 18.23 6.46 -18.68
N SER A 562 17.19 7.28 -18.61
CA SER A 562 17.18 8.35 -17.63
C SER A 562 17.21 7.81 -16.20
N THR A 563 16.70 6.59 -16.00
CA THR A 563 16.75 5.96 -14.70
C THR A 563 17.83 4.88 -14.60
N GLY A 564 18.71 4.81 -15.59
CA GLY A 564 19.84 3.91 -15.53
C GLY A 564 19.55 2.46 -15.81
N LYS A 565 18.68 2.16 -16.76
CA LYS A 565 18.39 0.79 -17.14
C LYS A 565 19.05 0.49 -18.48
N GLY A 566 19.90 -0.53 -18.51
CA GLY A 566 20.41 -1.05 -19.75
C GLY A 566 21.86 -0.75 -20.06
N ARG A 567 22.72 -0.68 -19.05
CA ARG A 567 24.15 -0.53 -19.28
C ARG A 567 24.77 -1.91 -19.40
N PHE A 568 25.37 -2.22 -20.55
CA PHE A 568 25.96 -3.51 -20.81
C PHE A 568 27.47 -3.39 -20.92
N ALA A 569 28.14 -4.53 -20.95
CA ALA A 569 29.59 -4.59 -21.03
C ALA A 569 30.01 -5.84 -21.79
N LEU A 570 31.08 -5.72 -22.58
CA LEU A 570 31.56 -6.86 -23.35
C LEU A 570 32.53 -7.68 -22.50
N LYS A 571 32.62 -8.97 -22.80
CA LYS A 571 33.55 -9.86 -22.12
C LYS A 571 33.98 -10.97 -23.08
N ASP A 572 35.22 -11.43 -22.90
CA ASP A 572 35.76 -12.56 -23.65
C ASP A 572 35.80 -12.28 -25.15
N ILE A 573 36.28 -11.09 -25.51
CA ILE A 573 36.34 -10.71 -26.91
C ILE A 573 37.39 -11.56 -27.61
N LYS A 574 37.01 -12.15 -28.74
CA LYS A 574 37.95 -12.92 -29.57
C LYS A 574 37.70 -12.59 -31.04
N ILE A 575 38.76 -12.23 -31.75
CA ILE A 575 38.69 -11.79 -33.13
C ILE A 575 39.33 -12.85 -34.01
N PHE A 576 38.74 -13.10 -35.17
CA PHE A 576 39.26 -14.05 -36.14
C PHE A 576 39.20 -13.43 -37.53
N GLU A 577 39.96 -14.01 -38.47
CA GLU A 577 40.14 -13.42 -39.79
C GLU A 577 40.13 -14.48 -40.87
N TRP A 578 39.36 -14.22 -41.93
CA TRP A 578 39.39 -15.01 -43.16
C TRP A 578 40.09 -14.21 -44.25
N ASP A 579 40.99 -14.88 -44.97
CA ASP A 579 41.67 -14.28 -46.12
C ASP A 579 40.98 -14.78 -47.37
N LEU A 580 40.22 -13.90 -48.02
CA LEU A 580 39.32 -14.29 -49.10
C LEU A 580 39.99 -14.32 -50.47
N ASN A 581 41.29 -14.04 -50.56
CA ASN A 581 41.94 -14.00 -51.86
C ASN A 581 42.59 -15.32 -52.25
N GLN A 582 43.07 -16.08 -51.28
CA GLN A 582 43.62 -17.41 -51.56
C GLN A 582 42.76 -18.53 -51.02
N LYS A 583 41.88 -18.26 -50.07
CA LYS A 583 41.16 -19.29 -49.33
C LYS A 583 39.67 -19.22 -49.58
N ILE A 584 39.27 -19.04 -50.84
CA ILE A 584 37.85 -18.88 -51.12
C ILE A 584 37.10 -20.21 -51.01
N ASN A 585 37.74 -21.32 -51.39
CA ASN A 585 37.05 -22.60 -51.35
C ASN A 585 36.82 -23.05 -49.93
N GLU A 586 37.73 -22.72 -49.01
CA GLU A 586 37.50 -23.03 -47.61
C GLU A 586 36.30 -22.26 -47.08
N TYR A 587 36.20 -20.98 -47.42
CA TYR A 587 35.05 -20.18 -47.02
C TYR A 587 33.76 -20.79 -47.55
N ILE A 588 33.75 -21.18 -48.83
CA ILE A 588 32.53 -21.77 -49.39
C ILE A 588 32.19 -23.07 -48.68
N LYS A 589 33.17 -23.96 -48.49
CA LYS A 589 32.88 -25.26 -47.91
C LYS A 589 32.49 -25.14 -46.45
N GLU A 590 32.85 -24.03 -45.80
CA GLU A 590 32.46 -23.84 -44.41
C GLU A 590 31.26 -22.91 -44.25
N ARG A 591 30.75 -22.34 -45.34
CA ARG A 591 29.58 -21.48 -45.29
C ARG A 591 29.79 -20.29 -44.36
N GLY A 592 31.04 -19.82 -44.30
CA GLY A 592 31.36 -18.71 -43.44
C GLY A 592 31.18 -18.97 -41.96
N MET A 593 31.05 -20.23 -41.57
CA MET A 593 30.77 -20.60 -40.18
C MET A 593 29.57 -19.85 -39.64
N ARG A 594 28.49 -19.79 -40.42
CA ARG A 594 27.28 -19.13 -39.99
C ARG A 594 26.39 -20.13 -39.27
N GLY A 595 26.05 -19.82 -38.02
CA GLY A 595 25.21 -20.68 -37.23
C GLY A 595 25.95 -21.57 -36.25
N LYS A 596 27.27 -21.50 -36.20
CA LYS A 596 28.07 -22.29 -35.27
C LYS A 596 29.04 -21.42 -34.49
N GLU A 597 28.74 -20.13 -34.36
CA GLU A 597 29.61 -19.21 -33.63
C GLU A 597 29.80 -19.61 -32.18
N LYS A 598 28.87 -20.39 -31.62
CA LYS A 598 29.00 -20.83 -30.23
C LYS A 598 30.29 -21.63 -30.03
N GLU A 599 30.50 -22.66 -30.84
CA GLU A 599 31.74 -23.42 -30.75
C GLU A 599 32.95 -22.53 -30.96
N LEU A 600 32.92 -21.68 -31.99
CA LEU A 600 34.06 -20.83 -32.29
C LEU A 600 34.39 -19.89 -31.14
N LEU A 601 33.41 -19.59 -30.28
CA LEU A 601 33.67 -18.69 -29.17
C LEU A 601 34.64 -19.30 -28.16
N GLU A 602 34.40 -20.53 -27.75
CA GLU A 602 35.15 -21.15 -26.67
C GLU A 602 36.21 -22.15 -27.14
N MET A 603 36.19 -22.52 -28.43
CA MET A 603 37.09 -23.56 -28.91
C MET A 603 38.54 -23.12 -28.79
N GLY A 604 39.41 -24.08 -28.50
CA GLY A 604 40.84 -23.83 -28.45
C GLY A 604 41.42 -23.65 -29.85
N GLU A 605 42.54 -22.94 -29.94
CA GLU A 605 43.11 -22.59 -31.23
C GLU A 605 43.41 -23.80 -32.10
N SER A 606 43.70 -24.95 -31.49
CA SER A 606 44.23 -26.08 -32.26
C SER A 606 43.21 -26.68 -33.20
N SER A 607 41.92 -26.51 -32.95
CA SER A 607 40.89 -27.16 -33.76
C SER A 607 40.28 -26.23 -34.80
N LEU A 608 40.84 -25.05 -35.00
CA LEU A 608 40.28 -24.12 -35.97
C LEU A 608 40.29 -24.74 -37.36
N PRO A 609 39.25 -24.54 -38.16
CA PRO A 609 39.29 -25.00 -39.54
C PRO A 609 40.27 -24.16 -40.36
N ASP A 610 40.92 -24.81 -41.31
CA ASP A 610 41.91 -24.15 -42.13
C ASP A 610 41.31 -22.97 -42.89
N GLY A 611 42.11 -21.92 -43.06
CA GLY A 611 41.66 -20.69 -43.69
C GLY A 611 41.25 -19.61 -42.71
N LEU A 612 41.03 -19.97 -41.45
CA LEU A 612 40.63 -19.04 -40.41
C LEU A 612 41.78 -18.86 -39.43
N ILE A 613 42.23 -17.63 -39.25
CA ILE A 613 43.40 -17.42 -38.39
C ILE A 613 43.12 -16.36 -37.33
N PRO A 614 43.73 -16.46 -36.15
CA PRO A 614 43.58 -15.38 -35.16
C PRO A 614 44.20 -14.09 -35.67
N TYR A 615 43.58 -12.98 -35.30
CA TYR A 615 44.04 -11.67 -35.73
C TYR A 615 44.77 -11.01 -34.57
N LYS A 616 46.08 -10.81 -34.73
CA LYS A 616 46.95 -10.35 -33.66
C LYS A 616 47.33 -8.88 -33.77
N PHE A 617 46.50 -8.07 -34.42
CA PHE A 617 46.79 -6.65 -34.60
C PHE A 617 45.71 -5.77 -33.98
N PHE A 618 44.87 -6.32 -33.13
CA PHE A 618 43.78 -5.57 -32.52
C PHE A 618 44.36 -4.60 -31.50
N GLU A 619 44.57 -3.35 -31.92
CA GLU A 619 45.19 -2.36 -31.04
C GLU A 619 44.34 -2.13 -29.80
N GLU A 620 44.99 -2.09 -28.65
CA GLU A 620 44.32 -1.77 -27.40
C GLU A 620 43.94 -0.29 -27.38
N ARG A 621 43.37 0.14 -26.26
CA ARG A 621 43.03 1.54 -26.09
C ARG A 621 44.30 2.35 -25.85
N GLU A 622 44.09 3.63 -25.49
CA GLU A 622 45.14 4.61 -25.22
C GLU A 622 46.16 4.73 -26.34
N CYS A 623 45.85 4.20 -27.53
CA CYS A 623 46.67 4.39 -28.71
C CYS A 623 45.84 4.71 -29.94
N LEU A 624 44.52 4.80 -29.80
CA LEU A 624 43.62 5.13 -30.90
C LEU A 624 43.15 6.56 -30.71
N PHE A 625 43.31 7.39 -31.73
CA PHE A 625 42.93 8.79 -31.61
C PHE A 625 41.44 9.00 -31.36
N PRO A 626 40.51 8.34 -32.05
CA PRO A 626 39.09 8.58 -31.76
C PRO A 626 38.71 8.32 -30.31
N TYR A 627 39.16 7.19 -29.74
CA TYR A 627 38.78 6.86 -28.38
C TYR A 627 39.18 7.95 -27.40
N LYS A 628 40.38 8.51 -27.56
CA LYS A 628 40.83 9.53 -26.64
C LYS A 628 40.20 10.88 -26.94
N GLU A 629 39.86 11.13 -28.21
CA GLU A 629 39.43 12.46 -28.59
C GLU A 629 37.92 12.63 -28.55
N ASN A 630 37.16 11.59 -28.91
CA ASN A 630 35.72 11.74 -29.08
C ASN A 630 34.90 10.83 -28.17
N LEU A 631 35.30 9.58 -28.00
CA LEU A 631 34.44 8.64 -27.29
C LEU A 631 34.54 8.77 -25.77
N LYS A 632 35.73 8.58 -25.21
CA LYS A 632 35.86 8.51 -23.76
C LYS A 632 35.36 9.75 -23.03
N PRO A 633 35.63 10.98 -23.48
CA PRO A 633 35.18 12.15 -22.71
C PRO A 633 33.70 12.43 -22.80
N GLN A 634 32.87 11.52 -23.32
CA GLN A 634 31.47 11.84 -23.50
C GLN A 634 30.73 11.84 -22.16
N TRP A 635 30.77 10.74 -21.42
CA TRP A 635 30.08 10.62 -20.16
C TRP A 635 31.09 10.62 -19.02
N SER A 636 30.78 11.35 -17.95
CA SER A 636 31.63 11.43 -16.78
C SER A 636 30.92 10.81 -15.59
N GLU A 637 31.62 9.96 -14.86
CA GLU A 637 31.04 9.24 -13.73
C GLU A 637 31.22 10.04 -12.45
N VAL A 638 30.28 9.90 -11.54
CA VAL A 638 30.40 10.44 -10.18
C VAL A 638 29.88 9.38 -9.24
N GLN A 639 30.68 9.03 -8.24
CA GLN A 639 30.27 8.09 -7.20
C GLN A 639 30.29 8.78 -5.85
N TYR A 640 29.53 8.25 -4.91
CA TYR A 640 29.59 8.76 -3.54
C TYR A 640 28.94 7.77 -2.59
N THR A 641 29.16 8.02 -1.30
CA THR A 641 28.66 7.15 -0.23
C THR A 641 27.92 8.00 0.79
N ILE A 642 26.78 7.50 1.25
CA ILE A 642 25.93 8.20 2.19
C ILE A 642 25.86 7.40 3.47
N GLU A 643 26.13 8.05 4.60
CA GLU A 643 25.93 7.45 5.91
C GLU A 643 24.60 7.92 6.48
N VAL A 644 23.71 6.96 6.74
CA VAL A 644 22.38 7.21 7.27
C VAL A 644 22.37 6.72 8.72
N GLY A 645 21.99 7.58 9.64
CA GLY A 645 22.08 7.24 11.04
C GLY A 645 20.76 7.01 11.75
N SER A 646 19.71 6.74 11.00
CA SER A 646 18.37 6.56 11.55
C SER A 646 17.71 5.42 10.80
N PRO A 647 16.64 4.85 11.36
CA PRO A 647 15.90 3.81 10.63
C PRO A 647 15.44 4.31 9.27
N LEU A 648 15.50 3.42 8.29
CA LEU A 648 15.17 3.73 6.90
C LEU A 648 14.15 2.73 6.40
N LEU A 649 13.15 3.21 5.67
CA LEU A 649 12.05 2.37 5.19
C LEU A 649 11.56 2.91 3.84
N THR A 650 11.74 2.10 2.80
CA THR A 650 11.21 2.40 1.48
C THR A 650 10.16 1.35 1.16
N ALA A 651 8.90 1.71 1.37
CA ALA A 651 7.82 0.73 1.39
C ALA A 651 7.67 0.04 0.05
N ASP A 652 7.24 -1.22 0.10
CA ASP A 652 6.90 -2.02 -1.07
C ASP A 652 5.53 -2.63 -0.81
N THR A 653 4.52 -2.13 -1.52
CA THR A 653 3.15 -2.51 -1.21
C THR A 653 2.86 -3.96 -1.61
N ILE A 654 3.34 -4.38 -2.77
CA ILE A 654 2.96 -5.68 -3.30
C ILE A 654 3.49 -6.81 -2.43
N SER A 655 4.78 -6.77 -2.09
CA SER A 655 5.34 -7.80 -1.22
C SER A 655 4.59 -7.88 0.10
N ALA A 656 4.14 -6.74 0.61
CA ALA A 656 3.34 -6.73 1.83
C ALA A 656 2.05 -7.52 1.65
N LEU A 657 1.56 -7.61 0.42
CA LEU A 657 0.31 -8.32 0.18
C LEU A 657 0.52 -9.78 -0.23
N THR A 658 1.73 -10.14 -0.66
CA THR A 658 1.99 -11.50 -1.08
C THR A 658 2.85 -12.31 -0.11
N GLU A 659 3.67 -11.66 0.70
CA GLU A 659 4.51 -12.41 1.62
C GLU A 659 3.66 -13.06 2.72
N PRO A 660 4.16 -14.15 3.31
CA PRO A 660 3.38 -14.86 4.34
C PRO A 660 3.55 -14.32 5.75
N GLY A 661 4.53 -13.46 6.00
CA GLY A 661 4.83 -13.01 7.34
C GLY A 661 3.74 -12.23 8.04
N ASN A 662 2.68 -11.83 7.31
CA ASN A 662 1.57 -11.07 7.87
C ASN A 662 2.09 -9.76 8.49
N ARG A 663 2.60 -8.89 7.62
CA ARG A 663 3.17 -7.61 8.02
C ARG A 663 2.55 -6.50 7.20
N ASP A 664 2.78 -5.25 7.60
CA ASP A 664 2.10 -4.13 6.96
C ASP A 664 2.99 -3.46 5.91
N ALA A 665 4.19 -3.04 6.31
CA ALA A 665 5.11 -2.37 5.41
C ALA A 665 6.51 -2.92 5.62
N ILE A 666 7.17 -3.29 4.53
CA ILE A 666 8.50 -3.87 4.59
C ILE A 666 9.42 -3.12 3.64
N ALA A 667 10.72 -3.35 3.79
CA ALA A 667 11.70 -2.66 2.97
C ALA A 667 11.70 -3.20 1.54
N TYR A 668 12.30 -2.43 0.64
CA TYR A 668 12.37 -2.82 -0.76
C TYR A 668 13.61 -3.67 -0.98
N LYS A 669 13.48 -4.69 -1.84
CA LYS A 669 14.58 -5.60 -2.11
C LYS A 669 14.47 -6.12 -3.54
N LYS A 670 15.62 -6.32 -4.17
CA LYS A 670 15.69 -6.79 -5.54
C LYS A 670 16.55 -8.04 -5.61
N ARG A 671 16.46 -8.74 -6.73
CA ARG A 671 17.12 -10.03 -6.92
C ARG A 671 18.18 -9.92 -8.00
N VAL A 672 19.29 -10.62 -7.81
CA VAL A 672 20.46 -10.52 -8.67
C VAL A 672 20.81 -11.90 -9.19
N TYR A 673 21.23 -11.97 -10.46
CA TYR A 673 21.62 -13.22 -11.08
C TYR A 673 23.13 -13.41 -10.99
N ASN A 674 23.54 -14.54 -10.42
CA ASN A 674 24.95 -14.87 -10.26
C ASN A 674 25.35 -15.80 -11.40
N ASP A 675 26.34 -15.37 -12.18
CA ASP A 675 26.77 -16.16 -13.33
C ASP A 675 27.53 -17.42 -12.90
N GLY A 676 28.26 -17.36 -11.78
CA GLY A 676 29.08 -18.49 -11.38
C GLY A 676 28.27 -19.73 -11.08
N ASN A 677 27.01 -19.56 -10.69
CA ASN A 677 26.15 -20.68 -10.32
C ASN A 677 25.02 -20.89 -11.31
N ASN A 678 24.83 -19.97 -12.26
CA ASN A 678 23.76 -20.07 -13.24
C ASN A 678 22.40 -20.14 -12.58
N ALA A 679 22.21 -19.32 -11.55
CA ALA A 679 20.93 -19.26 -10.83
C ALA A 679 20.87 -17.98 -10.04
N ILE A 680 19.66 -17.65 -9.59
CA ILE A 680 19.45 -16.42 -8.85
C ILE A 680 20.08 -16.54 -7.47
N GLU A 681 20.63 -15.43 -6.98
CA GLU A 681 21.19 -15.41 -5.64
C GLU A 681 20.11 -15.76 -4.62
N PRO A 682 20.47 -16.45 -3.53
CA PRO A 682 19.46 -16.77 -2.53
C PRO A 682 19.20 -15.64 -1.55
N GLU A 683 20.12 -14.68 -1.45
CA GLU A 683 19.98 -13.56 -0.53
C GLU A 683 19.66 -12.30 -1.29
N PRO A 684 18.44 -11.78 -1.23
CA PRO A 684 18.15 -10.52 -1.90
C PRO A 684 18.87 -9.36 -1.24
N ARG A 685 19.16 -8.34 -2.03
CA ARG A 685 19.84 -7.14 -1.54
C ARG A 685 18.83 -6.04 -1.32
N PHE A 686 19.02 -5.29 -0.23
CA PHE A 686 18.21 -4.11 0.00
C PHE A 686 18.85 -2.91 -0.67
N ALA A 687 18.01 -2.00 -1.16
CA ALA A 687 18.51 -0.83 -1.86
C ALA A 687 17.41 0.21 -1.95
N VAL A 688 17.77 1.39 -2.46
CA VAL A 688 16.83 2.45 -2.75
C VAL A 688 16.72 2.56 -4.26
N LYS A 689 15.51 2.45 -4.79
CA LYS A 689 15.31 2.45 -6.22
C LYS A 689 15.87 3.73 -6.85
N SER A 690 16.32 3.60 -8.09
CA SER A 690 16.94 4.72 -8.79
C SER A 690 15.98 5.86 -9.05
N GLU A 691 14.69 5.56 -9.24
CA GLU A 691 13.72 6.62 -9.50
C GLU A 691 13.65 7.62 -8.36
N THR A 692 13.70 7.13 -7.11
CA THR A 692 13.73 8.04 -5.98
C THR A 692 14.99 8.88 -5.98
N HIS A 693 16.13 8.24 -6.26
CA HIS A 693 17.39 8.96 -6.41
C HIS A 693 17.24 10.11 -7.40
N ARG A 694 16.56 9.86 -8.52
CA ARG A 694 16.41 10.89 -9.55
C ARG A 694 15.47 12.00 -9.07
N GLY A 695 14.31 11.62 -8.56
CA GLY A 695 13.33 12.59 -8.12
C GLY A 695 13.83 13.51 -7.03
N ILE A 696 14.65 13.01 -6.12
CA ILE A 696 15.15 13.85 -5.04
C ILE A 696 16.01 14.98 -5.62
N PHE A 697 16.92 14.64 -6.53
CA PHE A 697 17.73 15.68 -7.18
C PHE A 697 16.86 16.64 -7.96
N ARG A 698 15.88 16.11 -8.70
CA ARG A 698 15.00 16.98 -9.47
C ARG A 698 14.32 18.01 -8.59
N THR A 699 13.74 17.57 -7.48
CA THR A 699 13.06 18.51 -6.59
C THR A 699 14.06 19.46 -5.94
N ALA A 700 15.22 18.97 -5.55
CA ALA A 700 16.20 19.81 -4.88
C ALA A 700 16.69 20.93 -5.80
N VAL A 701 16.72 20.67 -7.11
CA VAL A 701 17.10 21.73 -8.03
C VAL A 701 15.91 22.65 -8.31
N GLY A 702 14.73 22.08 -8.54
CA GLY A 702 13.57 22.88 -8.85
C GLY A 702 13.22 23.88 -7.77
N ARG A 703 13.16 23.44 -6.52
CA ARG A 703 12.80 24.34 -5.43
C ARG A 703 13.83 25.45 -5.28
N ARG A 704 15.05 25.23 -5.73
CA ARG A 704 16.07 26.28 -5.67
C ARG A 704 15.97 27.25 -6.84
N THR A 705 15.57 26.78 -8.01
CA THR A 705 15.51 27.66 -9.18
C THR A 705 14.09 28.16 -9.43
N GLY A 706 13.13 27.78 -8.59
CA GLY A 706 11.77 28.25 -8.72
C GLY A 706 11.05 27.80 -9.97
N ASP A 707 11.61 26.87 -10.74
CA ASP A 707 10.96 26.40 -11.96
C ASP A 707 9.88 25.38 -11.67
N LEU A 708 9.97 24.67 -10.55
CA LEU A 708 9.08 23.54 -10.29
C LEU A 708 7.61 23.95 -10.28
N GLY A 709 7.29 25.15 -9.79
CA GLY A 709 5.91 25.56 -9.69
C GLY A 709 5.24 25.96 -10.99
N LYS A 710 5.96 25.93 -12.10
CA LYS A 710 5.40 26.37 -13.37
C LYS A 710 4.23 25.49 -13.78
N GLU A 711 3.34 26.06 -14.60
CA GLU A 711 2.10 25.37 -14.93
C GLU A 711 2.35 24.16 -15.83
N ASP A 712 3.26 24.29 -16.78
CA ASP A 712 3.56 23.20 -17.71
C ASP A 712 4.86 23.50 -18.44
N HIS A 713 5.45 22.46 -19.02
CA HIS A 713 6.69 22.57 -19.77
C HIS A 713 6.58 21.83 -21.10
N GLU A 714 5.40 21.88 -21.73
CA GLU A 714 5.22 21.33 -23.06
C GLU A 714 6.27 21.93 -23.99
N ASP A 715 6.43 23.25 -23.91
CA ASP A 715 7.54 23.97 -24.53
C ASP A 715 7.93 25.08 -23.56
N CYS A 716 8.88 24.78 -22.68
CA CYS A 716 9.34 25.76 -21.69
C CYS A 716 10.84 25.64 -21.53
N THR A 717 11.53 26.76 -21.70
CA THR A 717 12.98 26.85 -21.56
C THR A 717 13.25 27.61 -20.26
N CYS A 718 13.38 26.87 -19.17
CA CYS A 718 13.43 27.46 -17.83
C CYS A 718 14.69 27.10 -17.07
N ASP A 719 15.71 26.57 -17.76
CA ASP A 719 16.98 26.19 -17.17
C ASP A 719 16.85 24.95 -16.29
N MET A 720 15.64 24.44 -16.12
CA MET A 720 15.44 23.13 -15.53
C MET A 720 15.03 22.09 -16.56
N CYS A 721 14.23 22.47 -17.56
CA CYS A 721 13.96 21.59 -18.68
C CYS A 721 15.24 21.28 -19.46
N ILE A 722 16.29 22.05 -19.28
CA ILE A 722 17.54 21.82 -19.98
C ILE A 722 18.23 20.57 -19.45
N ILE A 723 18.34 20.46 -18.13
CA ILE A 723 19.10 19.37 -17.54
C ILE A 723 18.30 18.07 -17.54
N PHE A 724 17.17 18.07 -16.86
CA PHE A 724 16.41 16.83 -16.64
C PHE A 724 15.54 16.43 -17.82
N GLY A 725 15.54 17.19 -18.90
CA GLY A 725 14.79 16.84 -20.09
C GLY A 725 13.29 16.93 -19.88
N ASN A 726 12.56 16.86 -20.98
CA ASN A 726 11.11 16.95 -20.95
C ASN A 726 10.56 16.10 -22.08
N GLU A 727 9.28 16.31 -22.42
CA GLU A 727 8.61 15.52 -23.44
C GLU A 727 9.14 15.74 -24.84
N HIS A 728 10.15 16.58 -25.02
CA HIS A 728 10.71 16.83 -26.35
C HIS A 728 12.14 16.36 -26.50
N GLU A 729 12.98 16.56 -25.49
CA GLU A 729 14.38 16.14 -25.54
C GLU A 729 14.66 15.17 -24.40
N SER A 730 15.59 14.27 -24.62
CA SER A 730 16.05 13.42 -23.54
C SER A 730 16.88 14.23 -22.55
N SER A 731 17.01 13.70 -21.34
CA SER A 731 17.77 14.39 -20.31
C SER A 731 19.27 14.31 -20.61
N LYS A 732 20.04 15.02 -19.80
CA LYS A 732 21.49 15.04 -19.94
C LYS A 732 22.21 14.49 -18.71
N ILE A 733 21.45 13.94 -17.76
CA ILE A 733 22.03 13.31 -16.57
C ILE A 733 21.36 11.95 -16.42
N ARG A 734 22.09 10.98 -15.88
CA ARG A 734 21.56 9.63 -15.78
C ARG A 734 21.91 9.03 -14.42
N PHE A 735 20.88 8.56 -13.71
CA PHE A 735 21.04 8.08 -12.35
C PHE A 735 21.02 6.56 -12.30
N GLU A 736 21.58 6.01 -11.22
CA GLU A 736 21.61 4.58 -10.98
C GLU A 736 21.09 4.28 -9.58
N ASP A 737 21.19 3.03 -9.18
CA ASP A 737 20.62 2.62 -7.91
C ASP A 737 21.54 2.95 -6.75
N LEU A 738 21.00 2.90 -5.54
CA LEU A 738 21.76 3.11 -4.31
C LEU A 738 21.72 1.80 -3.54
N GLU A 739 22.75 0.99 -3.68
CA GLU A 739 22.79 -0.34 -3.07
C GLU A 739 23.46 -0.27 -1.71
N LEU A 740 23.05 -1.18 -0.83
CA LEU A 740 23.64 -1.26 0.51
C LEU A 740 24.87 -2.15 0.48
N ILE A 741 25.90 -1.76 1.22
CA ILE A 741 27.18 -2.47 1.19
C ILE A 741 27.62 -3.01 2.53
N ASN A 742 27.14 -2.46 3.64
CA ASN A 742 27.58 -2.91 4.96
C ASN A 742 26.46 -3.57 5.76
N GLY A 743 25.60 -4.32 5.08
CA GLY A 743 24.52 -5.01 5.78
C GLY A 743 24.99 -6.17 6.64
N ASN A 744 26.21 -6.65 6.43
CA ASN A 744 26.69 -7.82 7.16
C ASN A 744 26.98 -7.53 8.63
N GLU A 745 27.25 -6.28 8.98
CA GLU A 745 27.68 -5.96 10.34
C GLU A 745 26.53 -5.87 11.33
N PHE A 746 25.32 -6.23 10.94
CA PHE A 746 24.16 -6.21 11.84
C PHE A 746 23.65 -7.63 12.03
N GLU A 747 23.54 -8.05 13.29
CA GLU A 747 23.00 -9.38 13.57
C GLU A 747 21.53 -9.47 13.19
N LYS A 748 20.85 -8.33 13.06
CA LYS A 748 19.42 -8.32 12.74
C LYS A 748 19.11 -7.00 12.06
N LEU A 749 18.85 -7.04 10.76
CA LEU A 749 18.62 -5.81 10.02
C LEU A 749 17.24 -5.24 10.31
N GLU A 750 16.20 -6.02 10.07
CA GLU A 750 14.83 -5.55 10.17
C GLU A 750 14.46 -5.36 11.64
N LYS A 751 13.86 -4.22 11.95
CA LYS A 751 13.36 -3.95 13.30
C LYS A 751 11.85 -3.82 13.24
N HIS A 752 11.17 -4.39 14.23
CA HIS A 752 9.72 -4.32 14.29
C HIS A 752 9.31 -3.19 15.21
N ILE A 753 8.67 -2.15 14.67
CA ILE A 753 8.31 -0.96 15.44
C ILE A 753 6.86 -0.64 15.16
N ASP A 754 6.06 -0.49 16.21
CA ASP A 754 4.63 -0.33 16.07
C ASP A 754 4.16 0.97 16.70
N HIS A 755 3.26 1.66 15.98
CA HIS A 755 2.67 2.90 16.42
C HIS A 755 1.16 2.73 16.58
N VAL A 756 0.54 3.69 17.25
CA VAL A 756 -0.91 3.70 17.44
C VAL A 756 -1.35 5.15 17.58
N ALA A 757 -2.66 5.38 17.50
CA ALA A 757 -3.24 6.70 17.67
C ALA A 757 -3.80 6.84 19.07
N ILE A 758 -4.09 8.07 19.49
CA ILE A 758 -4.62 8.36 20.82
C ILE A 758 -5.77 9.33 20.68
N ASP A 759 -6.89 9.04 21.36
CA ASP A 759 -8.02 9.94 21.37
C ASP A 759 -7.72 11.16 22.23
N ARG A 760 -8.11 12.34 21.73
CA ARG A 760 -7.77 13.57 22.45
C ARG A 760 -8.64 13.76 23.67
N PHE A 761 -9.82 13.15 23.70
CA PHE A 761 -10.76 13.40 24.80
C PHE A 761 -10.58 12.38 25.92
N THR A 762 -10.77 11.09 25.60
CA THR A 762 -10.75 10.08 26.65
C THR A 762 -9.34 9.72 27.09
N GLY A 763 -8.33 10.10 26.31
CA GLY A 763 -6.97 9.77 26.64
C GLY A 763 -6.56 8.35 26.31
N GLY A 764 -7.45 7.55 25.73
CA GLY A 764 -7.14 6.18 25.39
C GLY A 764 -6.81 6.02 23.92
N ALA A 765 -6.66 4.76 23.52
CA ALA A 765 -6.31 4.43 22.15
C ALA A 765 -7.49 3.81 21.43
N LEU A 766 -7.38 3.73 20.11
CA LEU A 766 -8.37 3.10 19.25
C LEU A 766 -7.80 1.78 18.74
N ASP A 767 -8.44 0.68 19.14
CA ASP A 767 -7.94 -0.64 18.75
C ASP A 767 -7.80 -0.78 17.25
N LYS A 768 -8.60 -0.05 16.48
CA LYS A 768 -8.52 -0.14 15.03
C LYS A 768 -7.36 0.66 14.47
N ALA A 769 -6.59 1.34 15.33
CA ALA A 769 -5.55 2.25 14.87
C ALA A 769 -4.14 1.72 15.12
N LYS A 770 -3.98 0.53 15.67
CA LYS A 770 -2.65 -0.03 15.83
C LYS A 770 -2.08 -0.43 14.48
N PHE A 771 -0.81 -0.11 14.26
CA PHE A 771 -0.14 -0.54 13.04
C PHE A 771 1.34 -0.69 13.34
N ASP A 772 2.06 -1.36 12.46
CA ASP A 772 3.47 -1.63 12.66
C ASP A 772 4.23 -1.53 11.35
N THR A 773 5.53 -1.33 11.47
CA THR A 773 6.44 -1.16 10.34
C THR A 773 7.72 -1.93 10.60
N TYR A 774 8.43 -2.22 9.52
CA TYR A 774 9.65 -3.04 9.55
C TYR A 774 10.76 -2.32 8.80
N PRO A 775 11.38 -1.32 9.40
CA PRO A 775 12.49 -0.64 8.74
C PRO A 775 13.81 -1.33 9.00
N LEU A 776 14.86 -0.77 8.41
CA LEU A 776 16.22 -1.25 8.63
C LEU A 776 16.84 -0.49 9.79
N ALA A 777 17.43 -1.20 10.74
CA ALA A 777 17.88 -0.60 11.98
C ALA A 777 19.17 0.19 11.80
N GLY A 778 19.06 1.50 11.67
CA GLY A 778 20.22 2.39 11.59
C GLY A 778 20.31 3.25 12.84
N SER A 779 21.47 3.21 13.48
CA SER A 779 21.72 3.92 14.72
C SER A 779 22.71 5.04 14.47
N PRO A 780 22.69 6.08 15.32
CA PRO A 780 23.65 7.19 15.12
C PRO A 780 25.09 6.77 15.30
N LYS A 781 25.35 5.69 16.02
CA LYS A 781 26.72 5.23 16.23
C LYS A 781 27.06 3.99 15.40
N LYS A 782 26.09 3.44 14.68
CA LYS A 782 26.31 2.31 13.78
C LYS A 782 25.52 2.57 12.50
N PRO A 783 25.94 3.54 11.70
CA PRO A 783 25.12 3.97 10.57
C PRO A 783 25.12 2.95 9.45
N LEU A 784 24.14 3.09 8.57
CA LEU A 784 24.12 2.36 7.32
C LEU A 784 24.93 3.13 6.28
N LYS A 785 25.59 2.41 5.39
CA LYS A 785 26.32 3.03 4.29
C LYS A 785 25.72 2.61 2.96
N LEU A 786 25.39 3.58 2.12
CA LEU A 786 24.84 3.34 0.80
C LEU A 786 25.82 3.90 -0.23
N LYS A 787 26.00 3.19 -1.33
CA LYS A 787 26.93 3.61 -2.38
C LYS A 787 26.13 3.84 -3.66
N GLY A 788 26.36 4.98 -4.30
CA GLY A 788 25.62 5.28 -5.52
C GLY A 788 26.50 6.01 -6.51
N ARG A 789 25.98 6.12 -7.73
CA ARG A 789 26.69 6.78 -8.80
C ARG A 789 25.71 7.35 -9.81
N PHE A 790 26.21 8.28 -10.62
CA PHE A 790 25.42 8.84 -11.72
C PHE A 790 26.36 9.47 -12.73
N TRP A 791 25.83 9.68 -13.94
CA TRP A 791 26.63 10.08 -15.10
C TRP A 791 26.18 11.44 -15.60
N ILE A 792 27.15 12.28 -15.94
CA ILE A 792 26.93 13.60 -16.51
C ILE A 792 27.36 13.58 -17.97
N LYS A 793 26.61 14.25 -18.83
CA LYS A 793 26.96 14.29 -20.24
C LYS A 793 27.89 15.45 -20.54
N LYS A 794 28.78 15.25 -21.50
CA LYS A 794 29.71 16.30 -21.91
C LYS A 794 28.97 17.48 -22.52
N GLY A 795 29.31 18.68 -22.08
CA GLY A 795 28.74 19.87 -22.67
C GLY A 795 28.07 20.82 -21.69
N PHE A 796 28.07 20.47 -20.41
CA PHE A 796 27.51 21.36 -19.41
C PHE A 796 28.30 22.65 -19.30
N SER A 797 27.59 23.75 -19.09
CA SER A 797 28.23 25.01 -18.72
C SER A 797 28.52 25.01 -17.22
N GLY A 798 29.49 25.84 -16.83
CA GLY A 798 29.87 25.91 -15.43
C GLY A 798 28.71 26.22 -14.50
N ASP A 799 27.73 26.99 -14.97
CA ASP A 799 26.61 27.35 -14.12
C ASP A 799 25.77 26.14 -13.74
N HIS A 800 25.47 25.28 -14.71
CA HIS A 800 24.70 24.09 -14.41
C HIS A 800 25.47 23.11 -13.53
N LYS A 801 26.77 22.98 -13.75
CA LYS A 801 27.59 22.19 -12.85
C LYS A 801 27.54 22.72 -11.43
N LEU A 802 27.59 24.05 -11.28
CA LEU A 802 27.44 24.64 -9.95
C LEU A 802 26.07 24.33 -9.35
N LEU A 803 25.02 24.36 -10.17
CA LEU A 803 23.70 24.00 -9.67
C LEU A 803 23.67 22.58 -9.13
N ILE A 804 24.21 21.63 -9.89
CA ILE A 804 24.23 20.24 -9.45
C ILE A 804 25.02 20.11 -8.15
N THR A 805 26.17 20.78 -8.08
CA THR A 805 26.99 20.69 -6.88
C THR A 805 26.26 21.25 -5.66
N THR A 806 25.59 22.40 -5.82
CA THR A 806 24.81 22.95 -4.72
C THR A 806 23.71 22.00 -4.29
N ALA A 807 23.04 21.35 -5.25
CA ALA A 807 21.99 20.39 -4.89
C ALA A 807 22.57 19.23 -4.09
N LEU A 808 23.73 18.73 -4.50
CA LEU A 808 24.32 17.61 -3.78
C LEU A 808 24.71 18.01 -2.37
N SER A 809 25.33 19.19 -2.22
CA SER A 809 25.67 19.65 -0.87
C SER A 809 24.41 19.87 -0.05
N ASP A 810 23.33 20.29 -0.69
CA ASP A 810 22.05 20.44 0.00
C ASP A 810 21.58 19.11 0.55
N ILE A 811 21.65 18.05 -0.26
CA ILE A 811 21.33 16.72 0.24
C ILE A 811 22.23 16.38 1.42
N ARG A 812 23.53 16.68 1.31
CA ARG A 812 24.45 16.37 2.39
C ARG A 812 24.03 17.04 3.69
N ASP A 813 23.56 18.28 3.60
CA ASP A 813 23.17 18.99 4.82
C ASP A 813 22.02 18.29 5.53
N GLY A 814 21.12 17.66 4.79
CA GLY A 814 20.04 16.91 5.42
C GLY A 814 18.68 17.56 5.27
N LEU A 815 18.42 18.15 4.11
CA LEU A 815 17.14 18.81 3.88
C LEU A 815 16.14 17.91 3.17
N TYR A 816 16.49 16.66 2.89
CA TYR A 816 15.60 15.75 2.17
C TYR A 816 15.78 14.33 2.70
N PRO A 817 14.87 13.87 3.56
CA PRO A 817 14.97 12.49 4.03
C PRO A 817 14.66 11.52 2.91
N LEU A 818 15.05 10.26 3.13
CA LEU A 818 14.81 9.21 2.16
C LEU A 818 13.71 8.28 2.64
N GLY A 819 12.79 7.95 1.76
CA GLY A 819 11.77 6.98 2.10
C GLY A 819 10.56 7.61 2.77
N SER A 820 9.72 6.73 3.32
CA SER A 820 8.46 7.15 3.91
C SER A 820 8.65 7.60 5.34
N LYS A 821 7.59 8.19 5.89
CA LYS A 821 7.53 8.61 7.29
C LYS A 821 8.71 9.51 7.65
N GLY A 822 8.98 10.49 6.81
CA GLY A 822 10.06 11.42 7.11
C GLY A 822 9.80 12.26 8.33
N GLY A 823 8.60 12.84 8.43
CA GLY A 823 8.27 13.74 9.51
C GLY A 823 8.38 13.15 10.90
N VAL A 824 8.44 11.83 11.01
CA VAL A 824 8.54 11.21 12.33
C VAL A 824 9.99 10.97 12.73
N GLY A 825 10.90 10.87 11.77
CA GLY A 825 12.31 10.71 12.10
C GLY A 825 13.00 9.61 11.34
N TYR A 826 12.35 9.06 10.32
CA TYR A 826 12.94 8.00 9.53
C TYR A 826 13.76 8.57 8.39
N GLY A 827 14.83 7.87 8.03
CA GLY A 827 15.58 8.19 6.83
C GLY A 827 16.28 9.52 6.82
N TRP A 828 16.76 10.00 7.96
CA TRP A 828 17.51 11.24 7.99
C TRP A 828 18.95 10.98 7.59
N VAL A 829 19.47 11.81 6.68
CA VAL A 829 20.84 11.64 6.22
C VAL A 829 21.78 12.22 7.28
N ALA A 830 22.82 11.47 7.60
CA ALA A 830 23.80 11.93 8.57
C ALA A 830 25.07 12.47 7.93
N GLY A 831 25.53 11.89 6.84
CA GLY A 831 26.73 12.40 6.21
C GLY A 831 26.92 11.86 4.82
N ILE A 832 27.89 12.43 4.11
CA ILE A 832 28.20 12.04 2.75
C ILE A 832 29.71 12.03 2.60
N SER A 833 30.20 11.29 1.60
CA SER A 833 31.62 11.21 1.29
C SER A 833 31.79 10.97 -0.20
N ILE A 834 32.59 11.79 -0.85
CA ILE A 834 32.83 11.71 -2.28
C ILE A 834 34.01 10.78 -2.52
N ASP A 835 33.94 10.02 -3.61
CA ASP A 835 35.02 9.10 -3.96
C ASP A 835 36.27 9.87 -4.36
N ASP A 836 37.33 9.13 -4.69
CA ASP A 836 38.58 9.76 -5.08
C ASP A 836 38.63 10.01 -6.58
N ASN A 837 38.32 9.00 -7.39
CA ASN A 837 38.39 9.13 -8.84
C ASN A 837 37.19 9.94 -9.37
N VAL A 838 37.23 11.23 -9.06
CA VAL A 838 36.18 12.17 -9.44
C VAL A 838 36.84 13.31 -10.22
N PRO A 839 36.14 13.95 -11.15
CA PRO A 839 36.66 15.20 -11.71
C PRO A 839 37.03 16.19 -10.62
N ASP A 840 38.28 16.67 -10.67
CA ASP A 840 38.83 17.46 -9.56
C ASP A 840 38.07 18.75 -9.36
N ASP A 841 37.66 19.40 -10.45
CA ASP A 841 36.83 20.60 -10.34
C ASP A 841 35.56 20.31 -9.55
N PHE A 842 34.92 19.17 -9.84
CA PHE A 842 33.73 18.79 -9.11
C PHE A 842 34.02 18.59 -7.62
N LYS A 843 35.15 17.95 -7.32
CA LYS A 843 35.51 17.70 -5.93
C LYS A 843 35.75 18.98 -5.16
N GLU A 844 36.51 19.92 -5.74
CA GLU A 844 36.72 21.18 -5.05
C GLU A 844 35.43 21.97 -4.96
N MET A 845 34.55 21.84 -5.96
CA MET A 845 33.28 22.56 -5.90
C MET A 845 32.40 22.05 -4.77
N ILE A 846 32.36 20.74 -4.57
CA ILE A 846 31.56 20.23 -3.45
C ILE A 846 32.25 20.50 -2.12
N ASN A 847 33.59 20.54 -2.12
CA ASN A 847 34.31 20.78 -0.88
C ASN A 847 34.41 22.25 -0.50
N LYS A 848 34.01 23.17 -1.38
CA LYS A 848 34.11 24.59 -1.03
C LYS A 848 33.15 24.94 0.11
N THR A 849 32.00 24.28 0.17
CA THR A 849 30.99 24.58 1.17
C THR A 849 31.33 23.96 2.52
N TYR A 850 16.42 31.38 26.77
CA TYR A 850 15.69 30.99 27.97
C TYR A 850 14.40 31.80 28.08
N VAL A 851 13.52 31.42 29.01
CA VAL A 851 12.20 32.04 29.14
C VAL A 851 11.78 32.00 30.60
N HIS A 852 11.06 33.04 31.02
CA HIS A 852 10.44 33.08 32.35
C HIS A 852 9.00 33.57 32.20
N PRO A 853 8.02 32.69 32.18
CA PRO A 853 6.63 33.12 31.94
C PRO A 853 5.96 33.58 33.21
N GLY A 854 4.65 33.78 33.16
CA GLY A 854 3.89 34.06 34.36
C GLY A 854 3.81 32.82 35.21
N HIS A 855 4.98 32.36 35.66
CA HIS A 855 5.12 31.08 36.34
C HIS A 855 4.68 31.21 37.80
N GLN A 856 3.40 31.51 37.97
CA GLN A 856 2.80 31.52 39.29
C GLN A 856 1.57 30.64 39.26
N SER A 857 1.41 29.79 40.27
CA SER A 857 0.34 28.83 40.31
C SER A 857 -0.22 28.76 41.73
N PRO A 858 -1.55 28.68 41.86
CA PRO A 858 -2.14 28.53 43.20
C PRO A 858 -1.76 27.18 43.79
N LYS A 859 -0.95 27.23 44.85
CA LYS A 859 -0.45 26.03 45.52
C LYS A 859 -1.51 25.37 46.39
N GLN A 860 -2.68 25.98 46.55
CA GLN A 860 -3.76 25.54 47.43
C GLN A 860 -3.37 25.59 48.90
N ASP A 861 -2.16 26.02 49.22
CA ASP A 861 -1.64 26.09 50.58
C ASP A 861 -1.84 24.77 51.33
N HIS A 862 -1.77 23.66 50.60
CA HIS A 862 -1.94 22.33 51.18
C HIS A 862 -0.60 21.60 51.19
N LYS A 863 -0.15 21.26 52.40
CA LYS A 863 1.09 20.53 52.59
C LYS A 863 0.88 19.40 53.59
N ASN A 864 -0.18 19.52 54.40
CA ASN A 864 -0.45 18.52 55.44
C ASN A 864 -1.24 17.35 54.87
N LYS A 865 -2.46 17.61 54.39
CA LYS A 865 -3.33 16.53 53.95
C LYS A 865 -4.40 17.07 53.00
N ASN A 866 -4.50 16.43 51.84
CA ASN A 866 -5.53 16.70 50.85
C ASN A 866 -5.38 15.69 49.72
N ILE A 867 -6.48 15.43 49.02
CA ILE A 867 -6.50 14.48 47.91
C ILE A 867 -7.06 15.19 46.69
N TYR A 868 -6.43 15.00 45.54
CA TYR A 868 -6.90 15.53 44.28
C TYR A 868 -7.07 14.40 43.26
N TYR A 869 -8.01 14.59 42.35
CA TYR A 869 -8.25 13.61 41.30
C TYR A 869 -7.10 13.61 40.30
N PRO A 870 -6.66 12.43 39.85
CA PRO A 870 -5.41 12.37 39.09
C PRO A 870 -5.45 13.06 37.74
N HIS A 871 -6.59 13.04 37.04
CA HIS A 871 -6.66 13.65 35.72
C HIS A 871 -7.74 14.73 35.73
N TYR A 872 -7.60 15.69 34.83
CA TYR A 872 -8.51 16.84 34.76
C TYR A 872 -8.84 17.14 33.30
N PHE A 873 -9.81 18.04 33.12
CA PHE A 873 -10.32 18.39 31.80
C PHE A 873 -10.09 19.87 31.52
N LEU A 874 -9.95 20.20 30.25
CA LEU A 874 -9.73 21.57 29.81
C LEU A 874 -10.72 21.92 28.71
N ASP A 875 -11.35 23.09 28.84
CA ASP A 875 -12.28 23.60 27.84
C ASP A 875 -11.84 25.00 27.46
N SER A 876 -12.00 25.35 26.18
CA SER A 876 -11.56 26.63 25.66
C SER A 876 -12.57 27.26 24.71
N GLY A 877 -13.80 26.79 24.70
CA GLY A 877 -14.81 27.35 23.82
C GLY A 877 -14.97 26.56 22.54
N SER A 878 -15.68 27.16 21.59
CA SER A 878 -16.00 26.51 20.33
C SER A 878 -15.79 27.46 19.15
N LYS A 879 -14.67 28.16 19.14
CA LYS A 879 -14.33 29.05 18.03
C LYS A 879 -12.96 28.65 17.48
N VAL A 880 -12.87 28.55 16.16
CA VAL A 880 -11.62 28.27 15.48
C VAL A 880 -11.42 29.35 14.42
N TYR A 881 -10.18 29.51 13.97
CA TYR A 881 -9.85 30.48 12.92
C TYR A 881 -9.31 29.71 11.72
N ARG A 882 -10.20 29.31 10.83
CA ARG A 882 -9.78 28.65 9.60
C ARG A 882 -9.06 29.64 8.70
N GLU A 883 -8.09 29.16 7.95
CA GLU A 883 -7.37 29.96 6.97
C GLU A 883 -7.55 29.33 5.60
N LYS A 884 -7.91 30.15 4.61
CA LYS A 884 -8.27 29.61 3.30
C LYS A 884 -7.06 29.44 2.38
N ASP A 885 -6.08 30.33 2.48
CA ASP A 885 -4.89 30.28 1.63
C ASP A 885 -3.80 29.52 2.38
N ILE A 886 -3.60 28.27 2.00
CA ILE A 886 -2.58 27.44 2.61
C ILE A 886 -1.21 27.89 2.10
N ILE A 887 -0.17 27.46 2.79
CA ILE A 887 1.20 27.80 2.40
C ILE A 887 1.68 26.76 1.39
N THR A 888 2.27 27.22 0.30
CA THR A 888 2.75 26.33 -0.74
C THR A 888 3.97 25.56 -0.27
N HIS A 889 4.49 24.72 -1.16
CA HIS A 889 5.67 23.92 -0.88
C HIS A 889 6.70 23.95 -1.99
N GLU A 890 6.35 24.50 -3.15
CA GLU A 890 7.18 24.37 -4.35
C GLU A 890 8.24 25.46 -4.47
N GLU A 891 8.59 26.13 -3.38
CA GLU A 891 9.65 27.14 -3.43
C GLU A 891 10.01 27.53 -2.01
N PHE A 892 11.06 28.32 -1.89
CA PHE A 892 11.47 28.92 -0.62
C PHE A 892 11.07 30.38 -0.67
N THR A 893 9.85 30.68 -0.22
CA THR A 893 9.37 32.06 -0.17
C THR A 893 10.34 32.91 0.63
N GLU A 894 10.55 34.15 0.16
CA GLU A 894 11.65 34.95 0.68
C GLU A 894 11.42 35.37 2.12
N GLU A 895 10.26 35.98 2.41
CA GLU A 895 10.05 36.56 3.73
C GLU A 895 9.63 35.57 4.78
N LEU A 896 9.82 34.27 4.54
CA LEU A 896 9.60 33.28 5.58
C LEU A 896 10.91 32.66 6.04
N LEU A 897 10.83 31.83 7.07
CA LEU A 897 12.01 31.29 7.73
C LEU A 897 12.11 29.80 7.50
N SER A 898 13.30 29.27 7.76
CA SER A 898 13.58 27.85 7.64
C SER A 898 14.88 27.54 8.36
N GLY A 899 14.93 26.40 9.04
CA GLY A 899 16.15 26.06 9.76
C GLY A 899 15.95 24.89 10.70
N LYS A 900 16.77 24.86 11.74
CA LYS A 900 16.76 23.75 12.68
C LYS A 900 17.00 24.24 14.09
N ILE A 901 16.44 23.51 15.05
CA ILE A 901 16.61 23.77 16.48
C ILE A 901 17.24 22.53 17.09
N ASN A 902 18.22 22.74 17.96
CA ASN A 902 18.89 21.65 18.66
C ASN A 902 18.59 21.78 20.15
N CYS A 903 18.08 20.71 20.75
CA CYS A 903 17.52 20.78 22.10
C CYS A 903 17.96 19.59 22.94
N LYS A 904 18.00 19.83 24.25
CA LYS A 904 18.25 18.81 25.26
C LYS A 904 16.92 18.46 25.92
N LEU A 905 16.91 17.34 26.65
CA LEU A 905 15.72 16.88 27.36
C LEU A 905 16.17 16.20 28.65
N GLU A 906 15.51 16.52 29.75
CA GLU A 906 15.90 16.04 31.06
C GLU A 906 14.71 15.44 31.79
N THR A 907 14.94 14.38 32.55
CA THR A 907 13.89 13.72 33.28
C THR A 907 13.82 14.27 34.70
N LEU A 908 12.61 14.42 35.23
CA LEU A 908 12.43 14.84 36.61
C LEU A 908 11.97 13.69 37.50
N THR A 909 11.08 12.85 37.01
CA THR A 909 10.66 11.63 37.67
C THR A 909 11.04 10.46 36.78
N PRO A 910 10.95 9.23 37.29
CA PRO A 910 11.25 8.06 36.44
C PRO A 910 10.48 8.09 35.13
N LEU A 911 11.01 7.38 34.14
CA LEU A 911 10.47 7.35 32.79
C LEU A 911 10.28 5.90 32.34
N ILE A 912 9.31 5.68 31.46
CA ILE A 912 8.99 4.35 30.96
C ILE A 912 8.64 4.47 29.49
N ILE A 913 9.42 3.80 28.64
CA ILE A 913 9.13 3.73 27.21
C ILE A 913 9.25 2.27 26.77
N PRO A 914 8.16 1.52 26.73
CA PRO A 914 8.28 0.07 26.49
C PRO A 914 8.54 -0.26 25.03
N ASP A 915 9.58 -1.04 24.80
CA ASP A 915 9.84 -1.64 23.50
C ASP A 915 8.86 -2.79 23.34
N THR A 916 7.64 -2.47 22.94
CA THR A 916 6.57 -3.45 22.87
C THR A 916 6.71 -4.41 21.70
N SER A 917 7.85 -4.43 21.02
CA SER A 917 8.05 -5.38 19.92
C SER A 917 8.04 -6.82 20.43
N ASP A 918 8.79 -7.08 21.51
CA ASP A 918 8.89 -8.42 22.09
C ASP A 918 8.14 -8.42 23.42
N GLU A 919 7.19 -9.34 23.55
CA GLU A 919 6.37 -9.44 24.75
C GLU A 919 7.09 -10.12 25.91
N ASN A 920 8.22 -10.79 25.65
CA ASN A 920 8.94 -11.53 26.67
C ASN A 920 10.41 -11.13 26.68
N GLY A 921 10.66 -9.83 26.70
CA GLY A 921 12.02 -9.34 26.62
C GLY A 921 12.87 -9.61 27.84
N LEU A 922 12.24 -9.91 28.98
CA LEU A 922 12.98 -10.11 30.22
C LEU A 922 12.93 -11.55 30.71
N LYS A 923 12.39 -12.48 29.91
CA LYS A 923 12.46 -13.91 30.21
C LYS A 923 11.78 -14.25 31.53
N LEU A 924 10.55 -13.75 31.70
CA LEU A 924 9.75 -14.08 32.87
C LEU A 924 8.45 -14.79 32.50
N GLN A 925 8.14 -14.92 31.21
CA GLN A 925 6.93 -15.59 30.79
C GLN A 925 6.96 -17.08 31.12
N GLY A 926 8.14 -17.65 31.31
CA GLY A 926 8.26 -19.07 31.58
C GLY A 926 7.64 -19.50 32.89
N ASN A 927 8.23 -19.07 34.01
CA ASN A 927 7.71 -19.48 35.31
C ASN A 927 6.36 -18.86 35.61
N LYS A 928 6.01 -17.76 34.95
CA LYS A 928 4.73 -17.08 35.13
C LYS A 928 4.13 -16.79 33.77
N PRO A 929 3.07 -17.48 33.37
CA PRO A 929 2.45 -17.21 32.07
C PRO A 929 1.55 -15.98 32.14
N GLY A 930 1.33 -15.36 30.98
CA GLY A 930 0.48 -14.20 30.90
C GLY A 930 1.07 -12.92 31.43
N HIS A 931 2.28 -12.95 31.96
CA HIS A 931 2.91 -11.77 32.53
C HIS A 931 3.81 -11.12 31.48
N LYS A 932 3.36 -10.00 30.93
CA LYS A 932 4.10 -9.32 29.85
C LYS A 932 5.18 -8.45 30.48
N ASN A 933 6.44 -8.80 30.23
CA ASN A 933 7.56 -7.98 30.66
C ASN A 933 8.14 -7.21 29.48
N TYR A 934 8.80 -6.10 29.78
CA TYR A 934 9.26 -5.23 28.70
C TYR A 934 10.61 -4.61 29.04
N LYS A 935 11.41 -4.44 27.99
CA LYS A 935 12.67 -3.73 28.05
C LYS A 935 12.49 -2.32 27.49
N PHE A 936 13.40 -1.43 27.90
CA PHE A 936 13.37 -0.07 27.38
C PHE A 936 13.66 -0.07 25.88
N PHE A 937 13.21 0.97 25.20
CA PHE A 937 13.46 1.07 23.77
C PHE A 937 14.95 1.18 23.49
N ASN A 938 15.39 0.55 22.41
CA ASN A 938 16.81 0.54 22.07
C ASN A 938 17.00 0.03 20.66
N ILE A 939 18.04 0.51 20.01
CA ILE A 939 18.49 0.00 18.71
C ILE A 939 19.95 -0.35 18.85
N ASN A 940 20.29 -1.59 18.48
CA ASN A 940 21.66 -2.09 18.56
C ASN A 940 22.26 -1.91 19.96
N GLY A 941 21.40 -1.94 20.98
CA GLY A 941 21.85 -1.75 22.34
C GLY A 941 22.06 -0.32 22.77
N GLU A 942 21.56 0.66 22.02
CA GLU A 942 21.66 2.06 22.39
C GLU A 942 20.27 2.58 22.74
N LEU A 943 20.14 3.14 23.93
CA LEU A 943 18.84 3.67 24.36
C LEU A 943 18.48 4.90 23.54
N MET A 944 17.24 4.95 23.07
CA MET A 944 16.76 6.08 22.29
C MET A 944 15.32 6.36 22.68
N ILE A 945 14.76 7.40 22.06
CA ILE A 945 13.35 7.76 22.21
C ILE A 945 12.78 7.94 20.82
N PRO A 946 11.67 7.29 20.48
CA PRO A 946 11.12 7.43 19.13
C PRO A 946 10.51 8.81 18.94
N GLY A 947 10.68 9.35 17.73
CA GLY A 947 10.18 10.68 17.43
C GLY A 947 8.68 10.80 17.45
N SER A 948 7.97 9.70 17.22
CA SER A 948 6.52 9.73 17.27
C SER A 948 6.01 10.28 18.59
N GLU A 949 6.63 9.87 19.69
CA GLU A 949 6.18 10.34 21.01
C GLU A 949 6.33 11.84 21.13
N LEU A 950 7.50 12.37 20.76
CA LEU A 950 7.71 13.81 20.84
C LEU A 950 6.72 14.55 19.96
N ARG A 951 6.52 14.08 18.73
CA ARG A 951 5.60 14.75 17.84
C ARG A 951 4.18 14.77 18.42
N GLY A 952 3.73 13.63 18.94
CA GLY A 952 2.41 13.58 19.52
C GLY A 952 2.24 14.49 20.71
N MET A 953 3.22 14.49 21.62
CA MET A 953 3.12 15.35 22.79
C MET A 953 3.08 16.82 22.39
N LEU A 954 4.01 17.23 21.52
CA LEU A 954 4.03 18.62 21.09
C LEU A 954 2.75 19.00 20.35
N ARG A 955 2.22 18.09 19.53
CA ARG A 955 1.00 18.41 18.78
C ARG A 955 -0.17 18.59 19.72
N THR A 956 -0.28 17.71 20.72
CA THR A 956 -1.35 17.86 21.69
C THR A 956 -1.25 19.19 22.43
N HIS A 957 -0.04 19.53 22.89
CA HIS A 957 0.15 20.80 23.58
C HIS A 957 -0.22 21.98 22.68
N PHE A 958 0.23 21.94 21.43
CA PHE A 958 -0.03 23.04 20.51
C PHE A 958 -1.52 23.20 20.24
N GLU A 959 -2.20 22.10 19.92
CA GLU A 959 -3.64 22.17 19.69
C GLU A 959 -4.37 22.68 20.92
N ALA A 960 -3.91 22.30 22.11
CA ALA A 960 -4.50 22.84 23.33
C ALA A 960 -4.23 24.32 23.46
N LEU A 961 -3.13 24.80 22.86
CA LEU A 961 -2.80 26.21 22.99
C LEU A 961 -3.68 27.08 22.11
N THR A 962 -3.86 26.70 20.84
CA THR A 962 -4.50 27.56 19.86
C THR A 962 -5.91 27.12 19.50
N LYS A 963 -6.48 26.17 20.24
CA LYS A 963 -7.88 25.77 20.08
C LYS A 963 -8.18 25.29 18.66
N SER A 964 -7.26 24.51 18.09
CA SER A 964 -7.52 23.94 16.78
C SER A 964 -8.54 22.80 16.90
N CYS A 965 -8.86 22.21 15.76
CA CYS A 965 -9.85 21.14 15.69
C CYS A 965 -9.28 19.89 16.36
N PHE A 966 -10.16 19.09 16.94
CA PHE A 966 -9.78 17.81 17.53
C PHE A 966 -9.29 16.92 16.40
N ALA A 967 -7.99 16.59 16.41
CA ALA A 967 -7.41 15.82 15.33
C ALA A 967 -7.96 14.39 15.33
N ILE A 968 -7.89 13.71 16.46
CA ILE A 968 -8.33 12.33 16.58
C ILE A 968 -9.47 12.26 17.57
N PHE A 969 -10.60 11.69 17.14
CA PHE A 969 -11.76 11.55 17.99
C PHE A 969 -12.44 10.23 17.67
N GLY A 970 -12.91 9.55 18.71
CA GLY A 970 -13.59 8.28 18.54
C GLY A 970 -15.09 8.42 18.44
N GLU A 971 -15.58 9.13 17.43
CA GLU A 971 -17.01 9.31 17.24
C GLU A 971 -17.63 8.05 16.65
N THR A 972 -17.61 5.72 22.21
CA THR A 972 -19.05 5.59 22.44
C THR A 972 -19.35 4.33 23.23
N LEU A 973 -19.42 4.47 24.56
CA LEU A 973 -19.63 3.32 25.43
C LEU A 973 -21.12 3.08 25.68
N SER A 974 -21.41 2.10 26.52
CA SER A 974 -22.77 1.64 26.78
C SER A 974 -23.14 1.85 28.24
N TRP A 975 -24.43 1.66 28.54
CA TRP A 975 -24.94 1.72 29.90
C TRP A 975 -25.75 0.47 30.20
N ARG A 976 -25.58 -0.04 31.43
CA ARG A 976 -26.49 -1.06 31.94
C ARG A 976 -27.42 -0.43 32.96
N MET A 977 -28.74 -0.60 32.76
CA MET A 977 -29.71 0.03 33.63
C MET A 977 -29.69 -0.58 35.03
N ASN A 978 -30.15 0.21 36.00
CA ASN A 978 -30.26 -0.29 37.36
C ASN A 978 -31.47 -1.21 37.48
N ALA A 979 -31.40 -2.12 38.46
CA ALA A 979 -32.53 -3.02 38.69
C ALA A 979 -33.78 -2.26 39.09
N ASP A 980 -33.63 -1.16 39.82
CA ASP A 980 -34.78 -0.38 40.26
C ASP A 980 -35.31 0.55 39.18
N GLU A 981 -34.51 0.84 38.14
CA GLU A 981 -34.96 1.74 37.09
C GLU A 981 -36.09 1.15 36.26
N LYS A 982 -36.30 -0.17 36.32
CA LYS A 982 -37.27 -0.81 35.44
C LYS A 982 -38.71 -0.43 35.80
N ASP A 983 -38.93 0.00 37.04
CA ASP A 983 -40.28 0.24 37.55
C ASP A 983 -40.44 1.65 38.10
N TYR A 984 -40.08 2.68 37.33
CA TYR A 984 -40.13 4.04 37.83
C TYR A 984 -41.56 4.56 37.90
N LYS A 985 -42.43 3.79 38.58
CA LYS A 985 -43.73 4.29 39.01
C LYS A 985 -43.55 4.85 40.42
N ILE A 986 -43.72 6.17 40.58
CA ILE A 986 -43.42 6.82 41.85
C ILE A 986 -44.27 6.19 42.95
N ASP A 987 -43.61 5.56 43.91
CA ASP A 987 -44.27 4.69 44.88
C ASP A 987 -45.11 5.52 45.84
N SER A 988 -46.28 4.99 46.21
CA SER A 988 -47.15 5.64 47.18
C SER A 988 -46.45 5.76 48.53
N ASN A 989 -45.77 4.69 48.96
CA ASN A 989 -45.02 4.75 50.20
C ASN A 989 -43.84 5.71 50.12
N SER A 990 -43.36 6.00 48.92
CA SER A 990 -42.27 6.98 48.78
C SER A 990 -42.75 8.39 49.12
N ILE A 991 -43.88 8.82 48.54
CA ILE A 991 -44.41 10.14 48.87
C ILE A 991 -44.95 10.15 50.29
N ARG A 992 -45.38 8.99 50.78
CA ARG A 992 -45.75 8.88 52.19
C ARG A 992 -44.55 9.19 53.10
N LYS A 993 -43.41 8.56 52.82
CA LYS A 993 -42.20 8.85 53.58
C LYS A 993 -41.76 10.29 53.40
N MET A 994 -41.99 10.86 52.22
CA MET A 994 -41.62 12.25 51.98
C MET A 994 -42.45 13.20 52.83
N GLU A 995 -43.76 13.00 52.87
CA GLU A 995 -44.62 13.85 53.69
C GLU A 995 -44.40 13.59 55.18
N SER A 996 -44.04 12.36 55.54
CA SER A 996 -43.88 12.02 56.96
C SER A 996 -42.65 12.69 57.59
N GLN A 997 -41.60 12.95 56.81
CA GLN A 997 -40.44 13.69 57.30
C GLN A 997 -40.85 15.16 57.41
N ARG A 998 -41.28 15.53 58.62
CA ARG A 998 -41.84 16.86 58.84
C ARG A 998 -40.75 17.92 58.88
N ASN A 999 -40.18 18.24 57.73
CA ASN A 999 -39.25 19.35 57.61
C ASN A 999 -40.00 20.60 57.17
N PRO A 1000 -40.04 21.64 58.00
CA PRO A 1000 -40.88 22.81 57.69
C PRO A 1000 -40.49 23.53 56.42
N LYS A 1001 -39.29 23.27 55.87
CA LYS A 1001 -38.88 23.91 54.64
C LYS A 1001 -39.64 23.39 53.41
N TYR A 1002 -40.15 22.16 53.47
CA TYR A 1002 -40.80 21.53 52.32
C TYR A 1002 -42.31 21.55 52.41
N ARG A 1003 -42.88 22.22 53.40
CA ARG A 1003 -44.33 22.35 53.48
C ARG A 1003 -44.82 23.30 52.40
N ILE A 1004 -45.69 22.79 51.52
CA ILE A 1004 -46.26 23.64 50.46
C ILE A 1004 -47.19 24.67 51.10
N PRO A 1005 -47.14 25.93 50.68
CA PRO A 1005 -48.02 26.95 51.27
C PRO A 1005 -49.49 26.56 51.15
N ASP A 1006 -50.29 27.05 52.10
CA ASP A 1006 -51.69 26.66 52.16
C ASP A 1006 -52.48 27.17 50.97
N GLU A 1007 -52.10 28.33 50.41
CA GLU A 1007 -52.80 28.84 49.25
C GLU A 1007 -52.54 27.97 48.01
N LEU A 1008 -51.30 27.50 47.85
CA LEU A 1008 -50.99 26.61 46.74
C LEU A 1008 -51.69 25.27 46.89
N GLN A 1009 -51.75 24.75 48.12
CA GLN A 1009 -52.51 23.53 48.35
C GLN A 1009 -54.00 23.74 48.07
N LYS A 1010 -54.52 24.92 48.38
CA LYS A 1010 -55.92 25.20 48.10
C LYS A 1010 -56.19 25.23 46.61
N GLU A 1011 -55.36 25.95 45.85
CA GLU A 1011 -55.57 26.03 44.40
C GLU A 1011 -55.30 24.69 43.73
N LEU A 1012 -54.48 23.84 44.35
CA LEU A 1012 -54.28 22.49 43.82
C LEU A 1012 -55.48 21.60 44.08
N ARG A 1013 -55.98 21.60 45.32
CA ARG A 1013 -57.15 20.78 45.64
C ARG A 1013 -58.37 21.23 44.84
N ASN A 1014 -58.46 22.53 44.54
CA ASN A 1014 -59.58 23.02 43.75
C ASN A 1014 -59.47 22.63 42.29
N SER A 1015 -58.33 22.10 41.85
CA SER A 1015 -58.16 21.67 40.47
C SER A 1015 -58.70 20.27 40.21
N GLY A 1016 -58.70 19.40 41.21
CA GLY A 1016 -59.21 18.05 41.04
C GLY A 1016 -58.34 17.16 40.17
N ASN A 1017 -57.10 17.58 39.95
CA ASN A 1017 -56.15 16.84 39.12
C ASN A 1017 -55.40 15.85 40.01
N GLY A 1018 -55.37 14.58 39.59
CA GLY A 1018 -54.70 13.55 40.35
C GLY A 1018 -53.23 13.41 40.03
N LEU A 1019 -52.62 14.49 39.55
CA LEU A 1019 -51.20 14.49 39.21
C LEU A 1019 -50.31 14.85 40.39
N PHE A 1020 -50.87 15.38 41.49
CA PHE A 1020 -50.04 15.76 42.62
C PHE A 1020 -49.38 14.56 43.28
N ASN A 1021 -49.90 13.36 43.05
CA ASN A 1021 -49.26 12.15 43.54
C ASN A 1021 -48.33 11.51 42.51
N ARG A 1022 -47.93 12.25 41.48
CA ARG A 1022 -47.07 11.70 40.43
C ARG A 1022 -46.00 12.67 39.94
N LEU A 1023 -45.74 13.75 40.67
CA LEU A 1023 -44.69 14.70 40.31
C LEU A 1023 -43.80 14.94 41.52
N TYR A 1024 -42.82 14.06 41.72
CA TYR A 1024 -41.90 14.19 42.84
C TYR A 1024 -40.63 13.37 42.62
N THR A 1025 -39.64 13.55 43.50
CA THR A 1025 -38.40 12.78 43.51
C THR A 1025 -37.67 12.83 42.18
N SER A 1026 -37.41 14.03 41.66
CA SER A 1026 -36.69 14.16 40.39
C SER A 1026 -35.99 15.50 40.25
N GLU A 1027 -34.66 15.50 40.37
CA GLU A 1027 -33.83 16.65 40.00
C GLU A 1027 -34.24 17.95 40.69
N ARG A 1028 -34.07 18.00 42.01
CA ARG A 1028 -34.44 19.19 42.78
C ARG A 1028 -33.74 20.46 42.31
N ARG A 1029 -32.62 20.34 41.59
CA ARG A 1029 -31.85 21.50 41.19
C ARG A 1029 -32.56 22.36 40.15
N PHE A 1030 -33.44 21.77 39.33
CA PHE A 1030 -34.19 22.54 38.35
C PHE A 1030 -35.13 23.54 39.00
N TRP A 1031 -35.70 23.19 40.15
CA TRP A 1031 -36.70 24.05 40.79
C TRP A 1031 -36.12 25.41 41.19
N SER A 1032 -35.06 25.42 42.01
CA SER A 1032 -34.55 26.67 42.55
C SER A 1032 -33.99 27.58 41.48
N ASP A 1033 -33.60 27.04 40.32
CA ASP A 1033 -33.01 27.84 39.27
C ASP A 1033 -34.01 28.30 38.22
N VAL A 1034 -35.04 27.51 37.93
CA VAL A 1034 -35.91 27.82 36.82
C VAL A 1034 -37.24 28.41 37.31
N SER A 1035 -37.59 28.12 38.58
CA SER A 1035 -38.88 28.55 39.09
C SER A 1035 -38.95 30.05 39.32
N ASN A 1036 -37.85 30.77 39.09
CA ASN A 1036 -37.80 32.20 39.37
C ASN A 1036 -38.30 33.06 38.22
N LYS A 1037 -38.46 32.50 37.02
CA LYS A 1037 -38.73 33.31 35.83
C LYS A 1037 -40.12 33.11 35.22
N PHE A 1038 -40.69 31.91 35.31
CA PHE A 1038 -41.96 31.61 34.64
C PHE A 1038 -42.93 30.95 35.62
N GLU A 1039 -43.10 31.57 36.78
CA GLU A 1039 -43.95 31.00 37.82
C GLU A 1039 -45.43 30.93 37.42
N ASN A 1040 -45.87 31.71 36.43
CA ASN A 1040 -47.28 31.79 36.09
C ASN A 1040 -47.57 31.42 34.64
N SER A 1041 -46.87 30.44 34.07
CA SER A 1041 -47.09 30.04 32.68
C SER A 1041 -47.66 28.62 32.62
N ILE A 1042 -48.54 28.39 31.65
CA ILE A 1042 -49.09 27.05 31.44
C ILE A 1042 -48.12 26.20 30.63
N ASP A 1043 -47.44 26.81 29.66
CA ASP A 1043 -46.38 26.09 28.94
C ASP A 1043 -45.28 25.65 29.90
N TYR A 1044 -45.04 26.44 30.95
CA TYR A 1044 -44.15 26.02 32.03
C TYR A 1044 -44.64 24.70 32.63
N LYS A 1045 -45.93 24.63 32.95
CA LYS A 1045 -46.48 23.41 33.54
C LYS A 1045 -46.34 22.23 32.59
N ARG A 1046 -46.55 22.46 31.29
CA ARG A 1046 -46.40 21.39 30.31
C ARG A 1046 -44.95 20.94 30.21
N GLU A 1047 -44.01 21.88 30.28
CA GLU A 1047 -42.60 21.51 30.28
C GLU A 1047 -42.26 20.64 31.49
N ILE A 1048 -42.71 21.05 32.69
CA ILE A 1048 -42.52 20.21 33.86
C ILE A 1048 -43.10 18.83 33.65
N LEU A 1049 -44.33 18.75 33.15
CA LEU A 1049 -45.00 17.47 32.96
C LEU A 1049 -44.27 16.58 31.97
N ARG A 1050 -43.65 17.17 30.94
CA ARG A 1050 -42.97 16.35 29.93
C ARG A 1050 -41.55 15.98 30.37
N CYS A 1051 -40.96 16.75 31.28
CA CYS A 1051 -39.59 16.47 31.68
C CYS A 1051 -39.46 16.01 33.13
N ALA A 1052 -40.54 15.58 33.76
CA ALA A 1052 -40.48 15.16 35.16
C ALA A 1052 -40.15 13.68 35.33
N GLY A 1053 -39.10 13.22 34.64
CA GLY A 1053 -38.63 11.84 34.76
C GLY A 1053 -39.72 10.78 34.72
N ARG A 1054 -40.40 10.66 33.60
CA ARG A 1054 -41.48 9.71 33.44
C ARG A 1054 -40.98 8.27 33.60
N PRO A 1055 -41.86 7.30 33.86
CA PRO A 1055 -41.39 5.92 34.06
C PRO A 1055 -40.68 5.38 32.82
N LYS A 1056 -39.40 5.03 33.01
CA LYS A 1056 -38.58 4.49 31.92
C LYS A 1056 -39.00 3.04 31.69
N ASN A 1057 -40.06 2.89 30.89
CA ASN A 1057 -40.61 1.57 30.54
C ASN A 1057 -40.23 1.26 29.11
N TYR A 1058 -39.22 0.40 28.95
CA TYR A 1058 -38.76 0.01 27.62
C TYR A 1058 -39.81 -0.85 26.93
N LYS A 1059 -40.30 -0.39 25.79
CA LYS A 1059 -41.23 -1.17 24.99
C LYS A 1059 -40.47 -2.24 24.21
N GLY A 1060 -41.01 -3.45 24.21
CA GLY A 1060 -40.45 -4.53 23.41
C GLY A 1060 -40.73 -4.31 21.94
N GLY A 1061 -39.69 -4.49 21.13
CA GLY A 1061 -39.79 -4.17 19.72
C GLY A 1061 -38.97 -5.09 18.86
N ILE A 1062 -39.28 -5.04 17.57
CA ILE A 1062 -38.57 -5.81 16.55
C ILE A 1062 -38.13 -4.85 15.45
N ILE A 1063 -36.94 -5.08 14.89
CA ILE A 1063 -36.46 -4.31 13.76
C ILE A 1063 -37.24 -4.73 12.51
N ARG A 1064 -37.66 -3.75 11.72
CA ARG A 1064 -38.40 -3.98 10.49
C ARG A 1064 -37.94 -2.99 9.42
N GLN A 1065 -38.33 -3.24 8.17
CA GLN A 1065 -37.89 -2.41 7.07
C GLN A 1065 -39.05 -1.55 6.58
N ARG A 1066 -38.73 -0.31 6.19
CA ARG A 1066 -39.61 0.56 5.43
C ARG A 1066 -38.76 1.15 4.32
N LYS A 1067 -39.40 1.81 3.35
CA LYS A 1067 -38.81 2.16 2.06
C LYS A 1067 -37.34 2.54 2.14
N ASP A 1068 -36.97 3.36 3.12
CA ASP A 1068 -35.57 3.70 3.36
C ASP A 1068 -35.20 3.79 4.83
N SER A 1069 -35.95 3.15 5.73
CA SER A 1069 -35.73 3.34 7.16
C SER A 1069 -35.90 2.04 7.94
N LEU A 1070 -35.03 1.86 8.92
CA LEU A 1070 -35.28 0.86 9.96
C LEU A 1070 -36.38 1.34 10.87
N MET A 1071 -37.26 0.43 11.26
CA MET A 1071 -38.42 0.79 12.07
C MET A 1071 -38.53 -0.14 13.27
N ALA A 1072 -38.70 0.45 14.44
CA ALA A 1072 -39.02 -0.31 15.65
C ALA A 1072 -40.52 -0.58 15.65
N GLU A 1073 -40.88 -1.87 15.69
CA GLU A 1073 -42.27 -2.29 15.71
C GLU A 1073 -42.59 -2.89 17.07
N GLU A 1074 -43.64 -2.40 17.70
CA GLU A 1074 -43.91 -2.73 19.10
C GLU A 1074 -44.67 -4.04 19.22
N LEU A 1075 -44.17 -4.92 20.10
CA LEU A 1075 -44.81 -6.17 20.45
C LEU A 1075 -44.90 -6.28 21.97
N LYS A 1076 -45.93 -6.95 22.46
CA LYS A 1076 -46.18 -6.98 23.89
C LYS A 1076 -45.15 -7.86 24.59
N VAL A 1077 -44.80 -7.53 25.82
CA VAL A 1077 -43.73 -8.22 26.55
C VAL A 1077 -44.36 -9.16 27.58
N HIS A 1078 -44.00 -10.44 27.48
CA HIS A 1078 -44.44 -11.47 28.42
C HIS A 1078 -43.23 -12.18 29.01
N ARG A 1079 -43.40 -12.72 30.21
CA ARG A 1079 -42.35 -13.53 30.81
C ARG A 1079 -42.56 -15.00 30.45
N LEU A 1080 -41.45 -15.70 30.20
CA LEU A 1080 -41.47 -17.12 29.87
C LEU A 1080 -40.74 -17.89 30.96
N PRO A 1081 -41.43 -18.44 31.96
CA PRO A 1081 -40.75 -19.28 32.95
C PRO A 1081 -40.18 -20.52 32.28
N LEU A 1082 -38.88 -20.75 32.49
CA LEU A 1082 -38.21 -21.80 31.73
C LEU A 1082 -37.28 -22.70 32.53
N TYR A 1083 -36.78 -22.29 33.69
CA TYR A 1083 -35.61 -22.96 34.26
C TYR A 1083 -35.84 -23.68 35.58
N ASP A 1084 -37.06 -23.67 36.11
CA ASP A 1084 -37.32 -24.37 37.37
C ASP A 1084 -37.26 -25.89 37.16
N ASN A 1085 -36.85 -26.61 38.20
CA ASN A 1085 -36.76 -28.07 38.14
C ASN A 1085 -37.45 -28.81 39.28
N PHE A 1086 -37.37 -28.31 40.51
CA PHE A 1086 -37.81 -29.06 41.68
C PHE A 1086 -38.76 -28.22 42.52
N ASP A 1087 -39.49 -28.91 43.39
CA ASP A 1087 -40.43 -28.25 44.28
C ASP A 1087 -39.76 -27.86 45.58
N ILE A 1088 -39.89 -26.59 45.96
CA ILE A 1088 -39.32 -26.09 47.21
C ILE A 1088 -40.31 -26.31 48.34
N PRO A 1089 -39.99 -27.16 49.32
CA PRO A 1089 -40.92 -27.39 50.43
C PRO A 1089 -41.08 -26.14 51.28
N ASP A 1090 -42.17 -26.12 52.07
CA ASP A 1090 -42.42 -25.00 52.97
C ASP A 1090 -41.30 -24.82 53.98
N SER A 1091 -40.55 -25.89 54.27
CA SER A 1091 -39.46 -25.81 55.23
C SER A 1091 -38.37 -24.84 54.81
N ALA A 1092 -38.26 -24.54 53.51
CA ALA A 1092 -37.27 -23.57 53.06
C ALA A 1092 -37.69 -22.13 53.28
N TYR A 1093 -39.00 -21.87 53.40
CA TYR A 1093 -39.49 -20.57 53.83
C TYR A 1093 -39.38 -20.53 55.34
N LYS A 1094 -38.32 -19.90 55.83
CA LYS A 1094 -37.96 -20.01 57.24
C LYS A 1094 -38.98 -19.36 58.16
N ALA A 1095 -39.59 -18.25 57.72
CA ALA A 1095 -40.41 -17.44 58.60
C ALA A 1095 -41.80 -18.06 58.76
N ASN A 1096 -41.85 -19.30 59.24
CA ASN A 1096 -43.13 -19.92 59.55
C ASN A 1096 -43.06 -20.76 60.83
N ASP A 1097 -41.87 -20.86 61.43
CA ASP A 1097 -41.70 -21.73 62.59
C ASP A 1097 -41.72 -20.94 63.89
N HIS A 1098 -41.02 -19.80 63.93
CA HIS A 1098 -40.92 -19.01 65.15
C HIS A 1098 -42.27 -18.47 65.60
N CYS A 1099 -43.14 -18.13 64.66
CA CYS A 1099 -44.50 -17.71 65.00
C CYS A 1099 -45.39 -18.88 65.40
N ARG A 1100 -45.16 -20.07 64.84
CA ARG A 1100 -45.92 -21.24 65.26
C ARG A 1100 -45.56 -21.65 66.69
N LYS A 1101 -44.30 -21.51 67.07
CA LYS A 1101 -43.89 -21.89 68.41
C LYS A 1101 -44.18 -20.83 69.46
N SER A 1102 -44.38 -19.57 69.05
CA SER A 1102 -44.66 -18.48 69.96
C SER A 1102 -46.15 -18.11 69.85
N ALA A 1103 -46.90 -18.38 70.92
CA ALA A 1103 -48.33 -18.09 70.91
C ALA A 1103 -48.62 -16.62 71.21
N THR A 1104 -47.59 -15.78 71.33
CA THR A 1104 -47.77 -14.38 71.64
C THR A 1104 -47.98 -13.50 70.42
N CYS A 1105 -47.35 -13.83 69.28
CA CYS A 1105 -47.42 -13.00 68.08
C CYS A 1105 -48.72 -13.19 67.30
N SER A 1106 -49.74 -13.81 67.89
CA SER A 1106 -51.01 -13.99 67.21
C SER A 1106 -51.79 -12.69 67.05
N THR A 1107 -51.37 -11.62 67.73
CA THR A 1107 -52.05 -10.33 67.64
C THR A 1107 -51.32 -9.31 66.78
N SER A 1108 -50.01 -9.41 66.65
CA SER A 1108 -49.24 -8.44 65.87
C SER A 1108 -49.52 -8.63 64.38
N ARG A 1109 -49.73 -7.52 63.67
CA ARG A 1109 -49.99 -7.58 62.24
C ARG A 1109 -48.79 -8.16 61.49
N GLY A 1110 -47.59 -7.95 62.00
CA GLY A 1110 -46.39 -8.34 61.27
C GLY A 1110 -46.28 -9.83 61.02
N CYS A 1111 -46.59 -10.64 62.05
CA CYS A 1111 -46.43 -12.08 61.92
C CYS A 1111 -47.37 -12.65 60.85
N ARG A 1112 -48.66 -12.31 60.91
CA ARG A 1112 -49.61 -12.81 59.93
C ARG A 1112 -49.33 -12.22 58.55
N GLU A 1113 -48.91 -10.96 58.48
CA GLU A 1113 -48.55 -10.37 57.20
C GLU A 1113 -47.39 -11.12 56.55
N ARG A 1114 -46.37 -11.44 57.32
CA ARG A 1114 -45.22 -12.17 56.78
C ARG A 1114 -45.59 -13.61 56.43
N PHE A 1115 -46.49 -14.20 57.20
CA PHE A 1115 -47.06 -15.49 56.82
C PHE A 1115 -47.69 -15.43 55.43
N THR A 1116 -48.53 -14.40 55.21
CA THR A 1116 -49.21 -14.27 53.92
C THR A 1116 -48.22 -14.02 52.79
N CYS A 1117 -47.21 -13.19 53.03
CA CYS A 1117 -46.18 -12.98 52.02
C CYS A 1117 -45.43 -14.28 51.72
N GLY A 1118 -45.09 -15.05 52.74
CA GLY A 1118 -44.37 -16.31 52.51
C GLY A 1118 -45.17 -17.30 51.71
N ILE A 1119 -46.45 -17.47 52.06
CA ILE A 1119 -47.28 -18.43 51.32
C ILE A 1119 -47.52 -17.93 49.91
N LYS A 1120 -47.62 -16.60 49.73
CA LYS A 1120 -47.78 -16.05 48.39
C LYS A 1120 -46.56 -16.33 47.52
N VAL A 1121 -45.36 -16.12 48.07
CA VAL A 1121 -44.13 -16.41 47.33
C VAL A 1121 -44.03 -17.91 47.03
N ARG A 1122 -44.48 -18.77 47.95
CA ARG A 1122 -44.41 -20.20 47.72
C ARG A 1122 -45.35 -20.64 46.60
N ASP A 1123 -46.58 -20.12 46.60
CA ASP A 1123 -47.51 -20.41 45.51
C ASP A 1123 -47.00 -19.84 44.19
N LYS A 1124 -46.43 -18.64 44.24
CA LYS A 1124 -45.78 -18.07 43.06
C LYS A 1124 -44.74 -19.02 42.50
N ASN A 1125 -43.86 -19.55 43.36
CA ASN A 1125 -42.82 -20.46 42.92
C ASN A 1125 -43.40 -21.75 42.35
N ARG A 1126 -44.48 -22.25 42.96
CA ARG A 1126 -45.09 -23.48 42.47
C ARG A 1126 -45.66 -23.29 41.08
N VAL A 1127 -46.39 -22.19 40.86
CA VAL A 1127 -46.96 -21.93 39.55
C VAL A 1127 -45.85 -21.68 38.52
N PHE A 1128 -44.79 -20.97 38.92
CA PHE A 1128 -43.65 -20.79 38.04
C PHE A 1128 -43.01 -22.12 37.67
N LEU A 1129 -42.96 -23.06 38.62
CA LEU A 1129 -42.39 -24.37 38.33
C LEU A 1129 -43.23 -25.13 37.32
N ASN A 1130 -44.55 -25.19 37.55
CA ASN A 1130 -45.43 -25.83 36.57
C ASN A 1130 -45.28 -25.19 35.19
N ALA A 1131 -45.26 -23.85 35.16
CA ALA A 1131 -45.09 -23.10 33.92
C ALA A 1131 -43.81 -23.51 33.20
N ALA A 1132 -42.69 -23.46 33.90
CA ALA A 1132 -41.39 -23.75 33.28
C ALA A 1132 -41.33 -25.19 32.80
N ASN A 1133 -41.86 -26.13 33.59
CA ASN A 1133 -41.85 -27.53 33.18
C ASN A 1133 -42.65 -27.73 31.90
N ASN A 1134 -43.85 -27.15 31.84
CA ASN A 1134 -44.68 -27.34 30.64
C ASN A 1134 -44.07 -26.66 29.43
N ASN A 1135 -43.46 -25.49 29.61
CA ASN A 1135 -42.84 -24.80 28.49
C ASN A 1135 -41.65 -25.58 27.96
N ARG A 1136 -40.79 -26.07 28.87
CA ARG A 1136 -39.69 -26.93 28.44
C ARG A 1136 -40.21 -28.17 27.74
N GLN A 1137 -41.32 -28.73 28.22
CA GLN A 1137 -41.88 -29.94 27.62
C GLN A 1137 -42.31 -29.69 26.18
N TYR A 1138 -43.05 -28.60 25.95
CA TYR A 1138 -43.52 -28.32 24.60
C TYR A 1138 -42.36 -27.95 23.68
N LEU A 1139 -41.36 -27.25 24.21
CA LEU A 1139 -40.20 -26.90 23.39
C LEU A 1139 -39.42 -28.14 23.00
N ASN A 1140 -39.23 -29.07 23.94
CA ASN A 1140 -38.57 -30.33 23.62
C ASN A 1140 -39.42 -31.18 22.69
N ASN A 1141 -40.74 -31.04 22.75
CA ASN A 1141 -41.60 -31.71 21.78
C ASN A 1141 -41.36 -31.17 20.37
N ILE A 1142 -41.22 -29.85 20.23
CA ILE A 1142 -40.84 -29.27 18.95
C ILE A 1142 -39.49 -29.81 18.50
N LYS A 1143 -38.55 -29.91 19.44
CA LYS A 1143 -37.23 -30.45 19.14
C LYS A 1143 -37.33 -31.87 18.56
N LYS A 1144 -38.04 -32.76 19.28
CA LYS A 1144 -38.20 -34.13 18.82
C LYS A 1144 -38.95 -34.21 17.50
N SER A 1145 -39.86 -33.27 17.25
CA SER A 1145 -40.60 -33.26 15.99
C SER A 1145 -39.78 -32.67 14.85
N ASN A 1146 -39.19 -31.48 15.03
CA ASN A 1146 -38.36 -30.89 13.99
C ASN A 1146 -37.35 -29.96 14.67
N HIS A 1147 -36.08 -30.33 14.61
CA HIS A 1147 -35.03 -29.53 15.24
C HIS A 1147 -34.94 -28.15 14.61
N ASP A 1148 -35.23 -28.04 13.32
CA ASP A 1148 -35.24 -26.74 12.66
C ASP A 1148 -36.30 -25.83 13.26
N LEU A 1149 -37.53 -26.33 13.39
CA LEU A 1149 -38.59 -25.56 14.04
C LEU A 1149 -38.19 -25.18 15.46
N TYR A 1150 -37.56 -26.10 16.18
CA TYR A 1150 -37.14 -25.82 17.55
C TYR A 1150 -36.16 -24.65 17.59
N LEU A 1151 -35.14 -24.68 16.72
CA LEU A 1151 -34.19 -23.57 16.66
C LEU A 1151 -34.89 -22.26 16.31
N GLN A 1152 -35.56 -22.23 15.15
CA GLN A 1152 -36.15 -20.98 14.67
C GLN A 1152 -37.22 -20.47 15.64
N TYR A 1153 -37.74 -21.34 16.51
CA TYR A 1153 -38.59 -20.88 17.60
C TYR A 1153 -37.76 -20.23 18.69
N LEU A 1154 -36.73 -20.93 19.18
CA LEU A 1154 -35.84 -20.34 20.17
C LEU A 1154 -35.06 -19.17 19.58
N LYS A 1155 -34.87 -19.17 18.25
CA LYS A 1155 -34.23 -18.06 17.59
C LYS A 1155 -35.14 -16.84 17.47
N GLY A 1156 -36.41 -16.96 17.85
CA GLY A 1156 -37.34 -15.86 17.69
C GLY A 1156 -37.66 -15.54 16.25
N GLU A 1157 -37.57 -16.53 15.35
CA GLU A 1157 -37.87 -16.28 13.94
C GLU A 1157 -39.26 -16.75 13.56
N LYS A 1158 -39.71 -17.87 14.10
CA LYS A 1158 -40.99 -18.47 13.73
C LYS A 1158 -42.04 -18.17 14.79
N LYS A 1159 -43.26 -17.87 14.33
CA LYS A 1159 -44.33 -17.43 15.21
C LYS A 1159 -44.73 -18.57 16.14
N ILE A 1160 -44.38 -18.45 17.42
CA ILE A 1160 -44.69 -19.46 18.41
C ILE A 1160 -45.95 -19.06 19.16
N ARG A 1161 -46.67 -20.05 19.67
CA ARG A 1161 -47.96 -19.83 20.30
C ARG A 1161 -47.85 -19.99 21.80
N PHE A 1162 -48.74 -19.33 22.54
CA PHE A 1162 -48.71 -19.38 24.00
C PHE A 1162 -49.99 -18.79 24.55
N ASN A 1163 -50.20 -19.00 25.86
CA ASN A 1163 -51.33 -18.46 26.61
C ASN A 1163 -50.79 -17.81 27.87
N SER A 1164 -51.51 -16.78 28.36
CA SER A 1164 -51.05 -16.04 29.52
C SER A 1164 -51.65 -16.59 30.80
N LYS A 1165 -50.93 -16.42 31.91
CA LYS A 1165 -51.41 -16.80 33.23
C LYS A 1165 -50.96 -15.75 34.23
N VAL A 1166 -51.82 -15.43 35.20
CA VAL A 1166 -51.50 -14.40 36.19
C VAL A 1166 -51.12 -15.06 37.50
N ILE A 1167 -50.06 -14.55 38.13
CA ILE A 1167 -49.56 -15.15 39.37
C ILE A 1167 -50.31 -14.59 40.57
N THR A 1168 -50.25 -13.28 40.77
CA THR A 1168 -50.88 -12.63 41.91
C THR A 1168 -52.38 -12.42 41.71
N GLY A 1169 -52.95 -13.04 40.67
CA GLY A 1169 -54.37 -12.94 40.42
C GLY A 1169 -54.86 -11.57 39.99
N SER A 1170 -53.98 -10.60 39.79
CA SER A 1170 -54.36 -9.23 39.48
C SER A 1170 -53.36 -8.62 38.52
N GLU A 1171 -53.83 -7.70 37.67
CA GLU A 1171 -52.96 -6.97 36.76
C GLU A 1171 -52.53 -5.65 37.38
N ARG A 1172 -51.57 -5.70 38.29
CA ARG A 1172 -51.05 -4.48 38.90
C ARG A 1172 -49.86 -3.92 38.12
N SER A 1173 -49.12 -4.80 37.44
CA SER A 1173 -47.97 -4.43 36.63
C SER A 1173 -47.70 -5.60 35.69
N PRO A 1174 -47.14 -5.35 34.50
CA PRO A 1174 -46.87 -6.46 33.57
C PRO A 1174 -45.84 -7.45 34.08
N ILE A 1175 -45.36 -7.26 35.31
CA ILE A 1175 -44.36 -8.14 35.89
C ILE A 1175 -44.96 -9.48 36.32
N ASP A 1176 -46.24 -9.51 36.71
CA ASP A 1176 -46.85 -10.73 37.22
C ASP A 1176 -47.70 -11.47 36.19
N VAL A 1177 -47.37 -11.37 34.91
CA VAL A 1177 -47.99 -12.15 33.86
C VAL A 1177 -46.94 -13.07 33.26
N ILE A 1178 -47.29 -14.33 33.04
CA ILE A 1178 -46.33 -15.31 32.52
C ILE A 1178 -46.93 -15.97 31.28
N ALA A 1179 -46.07 -16.15 30.28
CA ALA A 1179 -46.45 -16.77 29.02
C ALA A 1179 -46.07 -18.24 29.02
N GLU A 1180 -47.04 -19.11 28.74
CA GLU A 1180 -46.82 -20.55 28.69
C GLU A 1180 -47.11 -21.02 27.27
N LEU A 1181 -46.09 -21.58 26.62
CA LEU A 1181 -46.23 -22.00 25.23
C LEU A 1181 -47.25 -23.12 25.10
N ASN A 1182 -48.32 -22.85 24.33
CA ASN A 1182 -49.43 -23.78 24.16
C ASN A 1182 -49.77 -23.94 22.68
N GLU A 1183 -50.01 -25.17 22.24
CA GLU A 1183 -50.31 -25.40 20.83
C GLU A 1183 -51.59 -24.72 20.39
N ARG A 1184 -52.52 -24.48 21.32
CA ARG A 1184 -53.73 -23.73 21.05
C ARG A 1184 -53.86 -22.48 21.92
N GLY A 1185 -52.73 -21.94 22.38
CA GLY A 1185 -52.79 -20.70 23.15
C GLY A 1185 -53.31 -19.56 22.30
N ARG A 1186 -53.96 -18.60 22.95
CA ARG A 1186 -54.62 -17.51 22.23
C ARG A 1186 -53.64 -16.50 21.67
N GLN A 1187 -52.42 -16.44 22.18
CA GLN A 1187 -51.46 -15.41 21.79
C GLN A 1187 -50.33 -16.00 20.96
N THR A 1188 -49.73 -15.14 20.14
CA THR A 1188 -48.64 -15.53 19.25
C THR A 1188 -47.51 -14.51 19.37
N GLY A 1189 -46.28 -15.00 19.32
CA GLY A 1189 -45.14 -14.10 19.45
C GLY A 1189 -43.83 -14.79 19.16
N PHE A 1190 -42.77 -14.00 19.25
CA PHE A 1190 -41.40 -14.45 19.09
C PHE A 1190 -40.80 -14.75 20.46
N ILE A 1191 -39.72 -15.55 20.47
CA ILE A 1191 -39.06 -15.88 21.73
C ILE A 1191 -37.78 -15.04 21.86
N LYS A 1192 -37.72 -14.22 22.90
CA LYS A 1192 -36.54 -13.42 23.22
C LYS A 1192 -35.72 -14.21 24.23
N LEU A 1193 -34.64 -14.82 23.72
CA LEU A 1193 -33.64 -15.46 24.56
C LEU A 1193 -32.58 -14.42 24.90
N SER A 1194 -32.18 -14.36 26.17
CA SER A 1194 -31.22 -13.38 26.63
C SER A 1194 -29.95 -13.97 27.20
N GLY A 1195 -29.92 -15.27 27.47
CA GLY A 1195 -28.81 -15.87 28.16
C GLY A 1195 -28.99 -15.85 29.66
N LEU A 1196 -28.20 -16.66 30.35
CA LEU A 1196 -28.34 -16.77 31.81
C LEU A 1196 -27.87 -15.51 32.52
N ASN A 1197 -27.40 -14.50 31.78
CA ASN A 1197 -27.45 -13.11 32.21
C ASN A 1197 -26.73 -12.82 33.53
N ASN A 1198 -25.39 -12.86 33.50
CA ASN A 1198 -24.57 -12.33 34.59
C ASN A 1198 -24.69 -13.14 35.87
N SER A 1199 -24.37 -14.43 35.77
CA SER A 1199 -24.20 -15.26 36.96
C SER A 1199 -23.17 -14.62 37.87
N ASN A 1200 -23.43 -14.65 39.19
CA ASN A 1200 -22.51 -14.07 40.15
C ASN A 1200 -21.42 -15.09 40.47
N LYS A 1201 -20.17 -14.61 40.47
CA LYS A 1201 -19.00 -15.43 40.71
C LYS A 1201 -18.44 -15.17 42.11
N SER A 1202 -18.13 -16.23 42.84
CA SER A 1202 -17.50 -16.06 44.14
C SER A 1202 -16.65 -17.28 44.48
N GLN A 1203 -15.94 -17.19 45.60
CA GLN A 1203 -15.21 -18.34 46.12
C GLN A 1203 -16.16 -19.27 46.87
N GLY A 1204 -16.08 -20.56 46.55
CA GLY A 1204 -16.95 -21.53 47.19
C GLY A 1204 -16.99 -22.88 46.50
N ASN A 1205 -17.54 -23.88 47.20
CA ASN A 1205 -17.61 -25.25 46.71
C ASN A 1205 -18.99 -25.86 46.97
N THR A 1206 -20.05 -25.10 46.68
CA THR A 1206 -21.42 -25.55 46.86
C THR A 1206 -22.15 -25.58 45.53
N GLY A 1207 -23.08 -26.51 45.39
CA GLY A 1207 -23.83 -26.67 44.16
C GLY A 1207 -23.53 -27.97 43.44
N THR A 1208 -23.94 -28.01 42.18
CA THR A 1208 -23.74 -29.18 41.35
C THR A 1208 -22.50 -29.00 40.46
N THR A 1209 -21.88 -30.13 40.09
CA THR A 1209 -20.72 -30.09 39.23
C THR A 1209 -21.10 -29.58 37.84
N PHE A 1210 -20.16 -28.86 37.22
CA PHE A 1210 -20.42 -28.25 35.91
C PHE A 1210 -20.66 -29.30 34.84
N ASN A 1211 -21.58 -28.99 33.91
CA ASN A 1211 -21.90 -29.86 32.79
C ASN A 1211 -21.41 -29.21 31.52
N SER A 1212 -20.30 -29.73 30.97
CA SER A 1212 -19.71 -29.15 29.76
C SER A 1212 -20.57 -29.36 28.53
N GLY A 1213 -21.52 -30.30 28.57
CA GLY A 1213 -22.43 -30.53 27.46
C GLY A 1213 -23.55 -29.52 27.35
N TRP A 1214 -23.51 -28.43 28.11
CA TRP A 1214 -24.58 -27.46 28.10
C TRP A 1214 -24.66 -26.74 26.77
N ASP A 1215 -25.85 -26.21 26.47
CA ASP A 1215 -26.07 -25.39 25.28
C ASP A 1215 -27.23 -24.44 25.57
N ARG A 1216 -27.07 -23.17 25.20
CA ARG A 1216 -28.07 -22.16 25.55
C ARG A 1216 -29.35 -22.34 24.76
N PHE A 1217 -29.32 -23.11 23.68
CA PHE A 1217 -30.52 -23.33 22.87
C PHE A 1217 -31.25 -24.61 23.23
N GLU A 1218 -30.53 -25.62 23.74
CA GLU A 1218 -31.13 -26.94 23.94
C GLU A 1218 -31.93 -27.04 25.23
N LEU A 1219 -31.79 -26.09 26.14
CA LEU A 1219 -32.64 -25.99 27.33
C LEU A 1219 -32.47 -27.22 28.24
N ASN A 1220 -31.24 -27.47 28.69
CA ASN A 1220 -30.96 -28.51 29.66
C ASN A 1220 -30.47 -27.96 31.00
N ILE A 1221 -30.36 -26.64 31.13
CA ILE A 1221 -29.84 -26.03 32.35
C ILE A 1221 -31.04 -25.66 33.22
N LEU A 1222 -31.13 -26.28 34.39
CA LEU A 1222 -32.27 -26.16 35.28
C LEU A 1222 -31.86 -25.56 36.62
N LEU A 1223 -32.85 -25.02 37.33
CA LEU A 1223 -32.62 -24.49 38.67
C LEU A 1223 -32.66 -25.62 39.70
N ASP A 1224 -31.64 -25.70 40.55
CA ASP A 1224 -31.52 -26.83 41.47
C ASP A 1224 -31.13 -26.44 42.90
N ASP A 1225 -30.92 -25.16 43.19
CA ASP A 1225 -30.53 -24.74 44.53
C ASP A 1225 -31.40 -23.57 44.97
N LEU A 1226 -31.15 -23.08 46.17
CA LEU A 1226 -31.94 -22.02 46.79
C LEU A 1226 -31.03 -20.90 47.25
N GLU A 1227 -31.35 -19.68 46.84
CA GLU A 1227 -30.54 -18.52 47.21
C GLU A 1227 -30.97 -17.99 48.56
N THR A 1228 -30.02 -17.83 49.48
CA THR A 1228 -30.28 -17.29 50.80
C THR A 1228 -29.59 -15.93 50.94
N ARG A 1229 -30.28 -14.89 50.48
CA ARG A 1229 -29.76 -13.54 50.62
C ARG A 1229 -29.86 -13.12 52.09
N PRO A 1230 -28.81 -12.51 52.64
CA PRO A 1230 -28.88 -12.06 54.05
C PRO A 1230 -30.04 -11.12 54.33
N SER A 1231 -30.45 -10.31 53.34
CA SER A 1231 -31.55 -9.37 53.55
C SER A 1231 -32.90 -9.92 53.14
N LYS A 1232 -32.95 -11.08 52.49
CA LYS A 1232 -34.22 -11.66 52.03
C LYS A 1232 -34.33 -13.12 52.46
N SER A 1233 -34.03 -13.39 53.73
CA SER A 1233 -34.13 -14.75 54.24
C SER A 1233 -35.57 -15.22 54.34
N ASP A 1234 -36.50 -14.32 54.67
CA ASP A 1234 -37.91 -14.69 54.76
C ASP A 1234 -38.49 -15.15 53.43
N TYR A 1235 -37.89 -14.76 52.32
CA TYR A 1235 -38.40 -15.08 50.98
C TYR A 1235 -37.32 -15.80 50.19
N PRO A 1236 -37.19 -17.11 50.36
CA PRO A 1236 -36.25 -17.88 49.54
C PRO A 1236 -36.66 -17.87 48.07
N ARG A 1237 -35.66 -17.90 47.19
CA ARG A 1237 -35.87 -17.89 45.76
C ARG A 1237 -35.01 -18.95 45.09
N PRO A 1238 -35.54 -19.61 44.07
CA PRO A 1238 -34.75 -20.63 43.36
C PRO A 1238 -33.55 -20.00 42.66
N ARG A 1239 -32.47 -20.77 42.58
CA ARG A 1239 -31.23 -20.33 41.96
C ARG A 1239 -30.54 -21.50 41.29
N LEU A 1240 -29.77 -21.19 40.25
CA LEU A 1240 -28.96 -22.14 39.54
C LEU A 1240 -27.53 -22.03 40.07
N LEU A 1241 -27.10 -23.01 40.85
CA LEU A 1241 -25.82 -22.93 41.54
C LEU A 1241 -24.93 -24.06 41.02
N PHE A 1242 -23.75 -23.69 40.52
CA PHE A 1242 -22.77 -24.66 40.06
C PHE A 1242 -21.39 -24.22 40.53
N THR A 1243 -20.40 -25.09 40.35
CA THR A 1243 -19.06 -24.87 40.87
C THR A 1243 -18.02 -25.47 39.92
N LYS A 1244 -16.92 -24.77 39.75
CA LYS A 1244 -15.82 -25.24 38.92
C LYS A 1244 -14.54 -24.50 39.28
N ASP A 1245 -13.49 -25.25 39.60
CA ASP A 1245 -12.16 -24.70 39.87
C ASP A 1245 -12.24 -23.63 40.97
N GLN A 1246 -12.91 -23.99 42.07
CA GLN A 1246 -13.10 -23.15 43.26
C GLN A 1246 -13.92 -21.90 42.96
N TYR A 1247 -14.40 -21.73 41.74
CA TYR A 1247 -15.28 -20.62 41.38
C TYR A 1247 -16.71 -21.12 41.38
N GLU A 1248 -17.53 -20.58 42.27
CA GLU A 1248 -18.94 -20.93 42.34
C GLU A 1248 -19.79 -19.85 41.67
N TYR A 1249 -20.79 -20.30 40.92
CA TYR A 1249 -21.63 -19.46 40.09
C TYR A 1249 -23.08 -19.61 40.54
N ASN A 1250 -23.72 -18.48 40.82
CA ASN A 1250 -25.13 -18.48 41.20
C ASN A 1250 -25.93 -17.67 40.20
N ILE A 1251 -27.13 -18.17 39.85
CA ILE A 1251 -28.01 -17.56 38.86
C ILE A 1251 -29.39 -17.40 39.48
N THR A 1252 -30.05 -16.28 39.19
CA THR A 1252 -31.38 -15.99 39.70
C THR A 1252 -32.43 -16.00 38.59
N LYS A 1253 -32.00 -15.92 37.33
CA LYS A 1253 -32.93 -15.77 36.22
C LYS A 1253 -33.85 -16.98 36.09
N ARG A 1254 -35.15 -16.72 35.98
CA ARG A 1254 -36.15 -17.77 35.87
C ARG A 1254 -37.00 -17.65 34.61
N CYS A 1255 -36.91 -16.54 33.87
CA CYS A 1255 -37.80 -16.30 32.74
C CYS A 1255 -37.05 -15.66 31.59
N GLU A 1256 -37.26 -16.18 30.39
CA GLU A 1256 -36.89 -15.48 29.17
C GLU A 1256 -38.05 -14.54 28.79
N ARG A 1257 -38.04 -13.95 27.61
CA ARG A 1257 -39.13 -13.06 27.24
C ARG A 1257 -39.86 -13.60 26.02
N VAL A 1258 -41.11 -13.17 25.87
CA VAL A 1258 -41.92 -13.49 24.69
C VAL A 1258 -42.51 -12.19 24.16
N PHE A 1259 -42.33 -11.95 22.87
CA PHE A 1259 -42.86 -10.76 22.19
C PHE A 1259 -44.15 -11.17 21.50
N GLU A 1260 -45.28 -10.89 22.15
CA GLU A 1260 -46.60 -11.15 21.60
C GLU A 1260 -46.87 -10.24 20.41
N ILE A 1261 -47.22 -10.84 19.27
CA ILE A 1261 -47.49 -10.10 18.04
C ILE A 1261 -48.86 -9.45 18.17
N ASP A 1262 -48.88 -8.14 18.45
CA ASP A 1262 -50.12 -7.40 18.55
C ASP A 1262 -50.71 -7.19 17.16
N LYS A 1263 -51.94 -7.69 16.95
CA LYS A 1263 -52.56 -7.57 15.65
C LYS A 1263 -52.95 -6.14 15.32
N GLY A 1264 -53.53 -5.42 16.27
CA GLY A 1264 -54.01 -4.07 16.01
C GLY A 1264 -53.00 -3.00 16.35
N ASN A 1265 -52.03 -3.33 17.19
CA ASN A 1265 -50.98 -2.40 17.59
C ASN A 1265 -49.81 -2.55 16.62
N LYS A 1266 -49.73 -1.64 15.64
CA LYS A 1266 -48.80 -1.76 14.54
C LYS A 1266 -47.99 -0.48 14.37
N THR A 1267 -47.80 0.28 15.45
CA THR A 1267 -47.08 1.55 15.38
C THR A 1267 -45.60 1.27 15.14
N GLY A 1268 -45.07 1.81 14.04
CA GLY A 1268 -43.67 1.66 13.70
C GLY A 1268 -42.96 3.01 13.76
N TYR A 1269 -41.83 3.02 14.46
CA TYR A 1269 -41.11 4.29 14.59
C TYR A 1269 -39.77 4.24 13.87
N PRO A 1270 -39.42 5.28 13.11
CA PRO A 1270 -38.16 5.24 12.35
C PRO A 1270 -36.95 5.19 13.26
N VAL A 1271 -35.85 4.68 12.73
CA VAL A 1271 -34.62 4.45 13.48
C VAL A 1271 -33.49 5.23 12.81
N ASP A 1272 -32.85 6.13 13.56
CA ASP A 1272 -31.76 6.91 13.01
C ASP A 1272 -30.44 6.14 13.09
N ASP A 1273 -29.44 6.66 12.39
CA ASP A 1273 -28.15 5.97 12.34
C ASP A 1273 -27.41 6.05 13.67
N GLN A 1274 -27.65 7.12 14.43
CA GLN A 1274 -26.95 7.28 15.71
C GLN A 1274 -27.30 6.15 16.66
N ILE A 1275 -28.54 5.68 16.65
CA ILE A 1275 -28.92 4.64 17.59
C ILE A 1275 -28.55 3.26 17.05
N LYS A 1276 -28.40 3.12 15.73
CA LYS A 1276 -27.79 1.90 15.20
C LYS A 1276 -26.34 1.79 15.64
N LYS A 1277 -25.61 2.90 15.60
CA LYS A 1277 -24.24 2.91 16.10
C LYS A 1277 -24.21 2.64 17.60
N ASN A 1278 -25.18 3.19 18.33
CA ASN A 1278 -25.33 2.88 19.75
C ASN A 1278 -25.47 1.38 19.97
N TYR A 1279 -26.37 0.74 19.22
CA TYR A 1279 -26.58 -0.70 19.35
C TYR A 1279 -25.31 -1.48 18.99
N GLU A 1280 -24.61 -1.08 17.93
CA GLU A 1280 -23.40 -1.79 17.53
C GLU A 1280 -22.33 -1.70 18.61
N ASP A 1281 -22.12 -0.50 19.17
CA ASP A 1281 -21.11 -0.37 20.22
C ASP A 1281 -21.54 -1.06 21.52
N ILE A 1282 -22.84 -1.13 21.80
CA ILE A 1282 -23.30 -1.91 22.95
C ILE A 1282 -22.98 -3.39 22.74
N LEU A 1283 -23.27 -3.91 21.55
CA LEU A 1283 -22.97 -5.32 21.27
C LEU A 1283 -21.48 -5.57 21.34
N ASP A 1284 -20.66 -4.62 20.91
CA ASP A 1284 -19.22 -4.79 20.99
C ASP A 1284 -18.72 -4.74 22.43
N SER A 1285 -19.31 -3.87 23.25
CA SER A 1285 -18.96 -3.81 24.67
C SER A 1285 -19.40 -5.05 25.43
N TYR A 1286 -20.51 -5.68 25.04
CA TYR A 1286 -20.94 -6.92 25.67
C TYR A 1286 -20.08 -8.11 25.28
N ASP A 1287 -19.16 -7.94 24.34
CA ASP A 1287 -18.20 -8.98 23.98
C ASP A 1287 -17.15 -9.02 25.09
N GLY A 1288 -17.55 -9.56 26.23
CA GLY A 1288 -16.66 -9.64 27.38
C GLY A 1288 -16.16 -11.04 27.62
N ILE A 1289 -14.85 -11.24 27.40
CA ILE A 1289 -14.29 -12.58 27.51
C ILE A 1289 -13.40 -12.67 28.75
N LYS A 1290 -13.95 -13.23 29.82
CA LYS A 1290 -13.16 -13.57 31.00
C LYS A 1290 -13.19 -15.05 31.31
N ASP A 1291 -14.32 -15.73 31.09
CA ASP A 1291 -14.37 -17.19 31.12
C ASP A 1291 -15.02 -17.62 29.81
N GLN A 1292 -14.21 -18.17 28.90
CA GLN A 1292 -14.67 -18.37 27.52
C GLN A 1292 -15.87 -19.32 27.46
N GLU A 1293 -15.87 -20.37 28.29
CA GLU A 1293 -16.99 -21.29 28.28
C GLU A 1293 -18.22 -20.67 28.92
N VAL A 1294 -18.02 -19.95 30.02
CA VAL A 1294 -19.12 -19.21 30.64
C VAL A 1294 -19.68 -18.18 29.66
N ALA A 1295 -18.80 -17.60 28.84
CA ALA A 1295 -19.27 -16.68 27.80
C ALA A 1295 -20.10 -17.41 26.75
N GLU A 1296 -19.55 -18.50 26.20
CA GLU A 1296 -20.22 -19.18 25.10
C GLU A 1296 -21.54 -19.79 25.52
N ARG A 1297 -21.69 -20.16 26.79
CA ARG A 1297 -22.93 -20.79 27.21
C ARG A 1297 -23.84 -19.84 27.99
N PHE A 1298 -23.35 -18.66 28.36
CA PHE A 1298 -24.03 -17.81 29.33
C PHE A 1298 -24.17 -16.34 28.92
N ASP A 1299 -23.72 -15.95 27.74
CA ASP A 1299 -23.64 -14.53 27.43
C ASP A 1299 -25.01 -13.95 27.11
N THR A 1300 -25.03 -12.63 26.88
CA THR A 1300 -26.23 -11.93 26.43
C THR A 1300 -26.51 -12.30 24.99
N PHE A 1301 -27.59 -13.07 24.78
CA PHE A 1301 -27.82 -13.67 23.47
C PHE A 1301 -28.39 -12.66 22.48
N THR A 1302 -27.76 -12.56 21.31
CA THR A 1302 -28.28 -11.83 20.17
C THR A 1302 -27.81 -12.54 18.92
N ARG A 1303 -28.34 -12.13 17.76
CA ARG A 1303 -28.02 -12.80 16.50
C ARG A 1303 -26.75 -12.29 15.84
N GLY A 1304 -25.84 -11.70 16.62
CA GLY A 1304 -24.59 -11.17 16.12
C GLY A 1304 -24.35 -9.77 16.62
N SER A 1305 -23.39 -9.10 16.00
CA SER A 1305 -23.08 -7.70 16.30
C SER A 1305 -23.73 -6.72 15.34
N LYS A 1306 -24.59 -7.21 14.44
CA LYS A 1306 -25.26 -6.37 13.45
C LYS A 1306 -26.76 -6.36 13.73
N LEU A 1307 -27.41 -5.24 13.39
CA LEU A 1307 -28.86 -5.17 13.56
C LEU A 1307 -29.55 -5.36 12.21
N LYS A 1308 -30.57 -6.22 12.20
CA LYS A 1308 -31.23 -6.66 10.98
C LYS A 1308 -32.68 -6.98 11.30
N VAL A 1309 -33.55 -6.86 10.29
CA VAL A 1309 -34.97 -7.08 10.51
C VAL A 1309 -35.23 -8.45 11.11
N GLY A 1310 -35.88 -8.47 12.28
CA GLY A 1310 -36.21 -9.71 12.95
C GLY A 1310 -35.52 -9.93 14.28
N ASP A 1311 -34.77 -8.95 14.79
CA ASP A 1311 -34.16 -9.10 16.10
C ASP A 1311 -35.05 -8.49 17.17
N LEU A 1312 -34.97 -9.04 18.38
CA LEU A 1312 -35.81 -8.64 19.49
C LEU A 1312 -35.04 -7.70 20.40
N VAL A 1313 -35.59 -6.51 20.61
CA VAL A 1313 -34.92 -5.46 21.37
C VAL A 1313 -35.95 -4.74 22.25
N TYR A 1314 -35.48 -3.73 22.96
CA TYR A 1314 -36.31 -2.90 23.81
C TYR A 1314 -35.90 -1.44 23.65
N PHE A 1315 -36.88 -0.58 23.42
CA PHE A 1315 -36.61 0.80 23.05
C PHE A 1315 -37.39 1.74 23.95
N HIS A 1316 -36.83 2.94 24.13
CA HIS A 1316 -37.43 3.99 24.92
C HIS A 1316 -37.73 5.19 24.02
N ILE A 1317 -38.93 5.75 24.17
CA ILE A 1317 -39.40 6.85 23.35
C ILE A 1317 -39.51 8.08 24.23
N ASP A 1318 -39.20 9.24 23.64
CA ASP A 1318 -39.30 10.52 24.35
C ASP A 1318 -40.73 11.04 24.24
N GLY A 1319 -40.94 12.29 24.65
CA GLY A 1319 -42.27 12.88 24.62
C GLY A 1319 -42.77 13.21 23.23
N ASP A 1320 -41.92 13.09 22.21
CA ASP A 1320 -42.30 13.45 20.84
C ASP A 1320 -42.30 12.24 19.91
N ASN A 1321 -42.43 11.03 20.45
CA ASN A 1321 -42.62 9.81 19.67
C ASN A 1321 -41.41 9.51 18.78
N LYS A 1322 -40.21 9.72 19.30
CA LYS A 1322 -38.98 9.35 18.60
C LYS A 1322 -38.11 8.47 19.49
N ILE A 1323 -37.53 7.43 18.89
CA ILE A 1323 -36.75 6.47 19.64
C ILE A 1323 -35.40 7.09 20.00
N ASP A 1324 -35.02 6.98 21.26
CA ASP A 1324 -33.80 7.60 21.76
C ASP A 1324 -32.84 6.62 22.41
N SER A 1325 -33.30 5.41 22.75
CA SER A 1325 -32.43 4.41 23.37
C SER A 1325 -32.93 3.02 22.99
N LEU A 1326 -32.00 2.16 22.59
CA LEU A 1326 -32.31 0.82 22.12
C LEU A 1326 -31.33 -0.16 22.77
N ILE A 1327 -31.87 -1.26 23.29
CA ILE A 1327 -31.06 -2.24 24.02
C ILE A 1327 -31.50 -3.63 23.60
N PRO A 1328 -30.59 -4.61 23.69
CA PRO A 1328 -30.98 -5.97 23.32
C PRO A 1328 -31.83 -6.66 24.37
N VAL A 1329 -31.53 -6.49 25.65
CA VAL A 1329 -32.20 -7.19 26.74
C VAL A 1329 -32.71 -6.20 27.77
N ARG A 1330 -34.00 -6.29 28.07
CA ARG A 1330 -34.63 -5.43 29.06
C ARG A 1330 -33.99 -5.60 30.44
N GLY A 1331 -20.53 11.76 19.28
CA GLY A 1331 -21.08 12.53 18.19
C GLY A 1331 -21.68 13.85 18.63
N LYS A 1332 -21.78 14.04 19.96
CA LYS A 1332 -22.32 15.26 20.51
C LYS A 1332 -21.39 16.45 20.32
N LEU A 1333 -20.17 16.22 19.84
CA LEU A 1333 -19.20 17.29 19.69
C LEU A 1333 -19.70 18.33 18.70
N ASP A 1334 -19.38 19.60 18.98
CA ASP A 1334 -19.73 20.68 18.08
C ASP A 1334 -19.12 20.45 16.70
N LYS A 1335 -19.75 21.04 15.68
CA LYS A 1335 -19.24 20.86 14.32
C LYS A 1335 -17.95 21.64 14.10
N ALA A 1336 -17.77 22.77 14.78
CA ALA A 1336 -16.56 23.56 14.60
C ALA A 1336 -15.31 22.86 15.12
N LEU A 1337 -15.47 21.80 15.92
CA LEU A 1337 -14.33 21.04 16.42
C LEU A 1337 -14.16 19.70 15.73
N HIS A 1338 -15.05 19.34 14.81
CA HIS A 1338 -14.88 18.11 14.05
C HIS A 1338 -13.58 18.14 13.27
N PRO A 1339 -13.01 16.97 12.98
CA PRO A 1339 -11.76 16.93 12.22
C PRO A 1339 -11.91 17.56 10.85
N CYS A 1340 -10.87 18.30 10.44
CA CYS A 1340 -10.86 18.89 9.11
C CYS A 1340 -10.84 17.81 8.05
N THR A 1341 -11.68 17.97 7.02
CA THR A 1341 -11.86 16.93 6.01
C THR A 1341 -11.53 17.38 4.60
N GLY A 1342 -11.23 18.66 4.37
CA GLY A 1342 -11.01 19.12 3.02
C GLY A 1342 -10.26 20.43 2.99
N LEU A 1343 -9.57 20.65 1.87
CA LEU A 1343 -8.79 21.86 1.68
C LEU A 1343 -9.64 23.08 1.34
N SER A 1344 -10.94 22.89 1.09
CA SER A 1344 -11.78 24.01 0.68
C SER A 1344 -12.16 24.88 1.86
N ASP A 1345 -12.63 24.27 2.95
CA ASP A 1345 -13.15 25.03 4.07
C ASP A 1345 -12.07 25.47 5.06
N GLY A 1346 -10.82 25.54 4.64
CA GLY A 1346 -9.77 26.06 5.47
C GLY A 1346 -9.26 25.02 6.47
N LEU A 1347 -8.09 25.31 7.04
CA LEU A 1347 -7.44 24.43 7.99
C LEU A 1347 -7.15 25.18 9.28
N CYS A 1348 -7.47 24.54 10.41
CA CYS A 1348 -7.16 25.08 11.72
C CYS A 1348 -5.64 25.16 11.88
N PRO A 1349 -5.14 26.13 12.65
CA PRO A 1349 -3.69 26.32 12.73
C PRO A 1349 -2.92 25.06 13.10
N GLY A 1350 -3.43 24.26 14.02
CA GLY A 1350 -2.80 23.00 14.34
C GLY A 1350 -2.60 22.16 13.11
N CYS A 1351 -3.69 21.74 12.48
CA CYS A 1351 -3.63 21.03 11.22
C CYS A 1351 -2.88 21.80 10.14
N HIS A 1352 -2.86 23.14 10.21
CA HIS A 1352 -2.13 23.91 9.24
C HIS A 1352 -0.62 23.77 9.40
N LEU A 1353 -0.16 23.41 10.59
CA LEU A 1353 1.27 23.27 10.81
C LEU A 1353 1.74 21.83 10.68
N PHE A 1354 1.17 20.93 11.47
CA PHE A 1354 1.59 19.53 11.45
C PHE A 1354 1.08 18.77 10.24
N GLY A 1355 0.14 19.32 9.49
CA GLY A 1355 -0.31 18.71 8.26
C GLY A 1355 -1.42 17.70 8.48
N THR A 1356 -2.11 17.40 7.38
CA THR A 1356 -3.24 16.47 7.43
C THR A 1356 -3.19 15.49 6.28
N THR A 1357 -4.26 14.71 6.11
CA THR A 1357 -4.26 13.61 5.15
C THR A 1357 -3.99 14.08 3.73
N ASP A 1358 -4.21 15.35 3.45
CA ASP A 1358 -4.02 15.88 2.11
C ASP A 1358 -3.10 17.10 2.07
N TYR A 1359 -2.27 17.26 3.10
CA TYR A 1359 -1.33 18.38 3.11
C TYR A 1359 -0.19 18.02 4.05
N LYS A 1360 1.02 17.95 3.51
CA LYS A 1360 2.18 17.56 4.31
C LYS A 1360 2.51 18.64 5.34
N GLY A 1361 2.91 18.22 6.53
CA GLY A 1361 3.31 19.15 7.55
C GLY A 1361 4.56 19.93 7.17
N ARG A 1362 4.98 20.81 8.07
CA ARG A 1362 6.13 21.67 7.83
C ARG A 1362 7.15 21.62 8.95
N VAL A 1363 7.00 20.70 9.90
CA VAL A 1363 8.00 20.47 10.95
C VAL A 1363 8.34 19.00 10.95
N LYS A 1364 9.53 18.67 11.46
CA LYS A 1364 10.01 17.29 11.49
C LYS A 1364 10.81 17.06 12.76
N PHE A 1365 10.50 15.96 13.45
CA PHE A 1365 11.16 15.59 14.69
C PHE A 1365 12.09 14.41 14.45
N GLY A 1366 13.18 14.35 15.22
CA GLY A 1366 14.15 13.29 15.10
C GLY A 1366 14.26 12.47 16.37
N PHE A 1367 14.83 11.27 16.21
CA PHE A 1367 15.03 10.40 17.35
C PHE A 1367 16.02 11.02 18.33
N ALA A 1368 15.65 11.02 19.59
CA ALA A 1368 16.49 11.58 20.65
C ALA A 1368 17.42 10.49 21.16
N LYS A 1369 18.68 10.82 21.39
CA LYS A 1369 19.66 9.85 21.84
C LYS A 1369 20.13 10.17 23.25
N TYR A 1370 20.62 9.14 23.93
CA TYR A 1370 21.06 9.26 25.32
C TYR A 1370 22.40 9.98 25.40
N GLU A 1371 22.62 10.69 26.51
CA GLU A 1371 23.89 11.40 26.72
C GLU A 1371 24.64 10.90 27.95
N ASN A 1372 24.02 10.92 29.12
CA ASN A 1372 24.70 10.65 30.38
C ASN A 1372 23.69 10.66 31.51
N GLY A 1373 24.12 10.18 32.67
CA GLY A 1373 23.29 10.19 33.86
C GLY A 1373 23.35 8.89 34.64
N PRO A 1374 22.54 8.79 35.69
CA PRO A 1374 22.50 7.54 36.46
C PRO A 1374 22.14 6.32 35.64
N GLU A 1375 21.30 6.50 34.61
CA GLU A 1375 21.01 5.57 33.53
C GLU A 1375 20.12 4.39 33.98
N TRP A 1376 19.89 4.20 35.27
CA TRP A 1376 19.08 3.07 35.72
C TRP A 1376 18.56 3.35 37.11
N LEU A 1377 17.39 2.80 37.42
CA LEU A 1377 16.80 2.91 38.74
C LEU A 1377 17.00 1.58 39.46
N ILE A 1378 17.92 1.55 40.40
CA ILE A 1378 18.30 0.34 41.12
C ILE A 1378 17.31 0.09 42.23
N THR A 1379 16.89 -1.16 42.39
CA THR A 1379 16.03 -1.60 43.48
C THR A 1379 16.47 -2.99 43.90
N ARG A 1380 16.27 -3.31 45.19
CA ARG A 1380 16.88 -4.53 45.72
C ARG A 1380 16.01 -5.76 45.49
N GLY A 1381 14.78 -5.75 46.01
CA GLY A 1381 13.95 -6.94 46.01
C GLY A 1381 13.40 -7.38 44.67
N ASN A 1382 13.76 -6.73 43.58
CA ASN A 1382 13.18 -7.10 42.30
C ASN A 1382 14.04 -8.14 41.60
N ASN A 1383 13.48 -8.72 40.53
CA ASN A 1383 14.15 -9.81 39.84
C ASN A 1383 15.39 -9.36 39.08
N PRO A 1384 15.34 -8.37 38.19
CA PRO A 1384 16.57 -7.90 37.55
C PRO A 1384 17.21 -6.71 38.27
N GLU A 1385 16.59 -6.22 39.34
CA GLU A 1385 17.04 -5.10 40.17
C GLU A 1385 17.00 -3.76 39.45
N ARG A 1386 16.65 -3.72 38.16
CA ARG A 1386 16.46 -2.47 37.44
C ARG A 1386 15.08 -2.41 36.79
N SER A 1387 14.11 -3.11 37.35
CA SER A 1387 12.77 -3.16 36.78
C SER A 1387 11.74 -2.93 37.87
N LEU A 1388 10.51 -2.69 37.43
CA LEU A 1388 9.39 -2.49 38.33
C LEU A 1388 8.14 -3.15 37.78
N THR A 1389 7.24 -3.53 38.68
CA THR A 1389 5.95 -4.10 38.33
C THR A 1389 4.89 -3.04 38.56
N LEU A 1390 4.13 -2.73 37.51
CA LEU A 1390 3.14 -1.67 37.60
C LEU A 1390 1.86 -2.17 38.29
N GLY A 1391 0.93 -1.25 38.49
CA GLY A 1391 -0.38 -1.60 38.98
C GLY A 1391 -1.30 -2.05 37.86
N VAL A 1392 -2.60 -1.99 38.14
CA VAL A 1392 -3.58 -2.35 37.14
C VAL A 1392 -3.86 -1.17 36.23
N LEU A 1393 -3.94 -1.42 34.93
CA LEU A 1393 -4.20 -0.37 33.93
C LEU A 1393 -5.46 -0.76 33.17
N GLU A 1394 -6.58 -0.17 33.56
CA GLU A 1394 -7.84 -0.44 32.89
C GLU A 1394 -8.15 0.64 31.86
N SER A 1395 -9.19 0.41 31.10
CA SER A 1395 -9.60 1.37 30.08
C SER A 1395 -10.26 2.57 30.75
N PRO A 1396 -10.30 3.73 30.10
CA PRO A 1396 -10.98 4.88 30.72
C PRO A 1396 -12.48 4.79 30.54
N ARG A 1397 -13.21 5.52 31.36
CA ARG A 1397 -14.67 5.44 31.40
C ARG A 1397 -15.27 6.79 31.06
N PRO A 1398 -15.81 6.99 29.85
CA PRO A 1398 -16.41 8.28 29.52
C PRO A 1398 -17.70 8.55 30.26
N ALA A 1399 -18.36 7.53 30.80
CA ALA A 1399 -19.64 7.71 31.46
C ALA A 1399 -19.54 8.59 32.69
N PHE A 1400 -18.39 8.64 33.34
CA PHE A 1400 -18.23 9.49 34.52
C PHE A 1400 -18.30 10.96 34.13
N SER A 1401 -17.53 11.35 33.10
CA SER A 1401 -17.50 12.74 32.68
C SER A 1401 -18.82 13.20 32.08
N ILE A 1402 -19.49 12.36 31.30
CA ILE A 1402 -20.83 12.65 30.80
C ILE A 1402 -21.80 11.92 31.71
N PRO A 1403 -22.29 12.55 32.78
CA PRO A 1403 -22.91 11.79 33.88
C PRO A 1403 -24.12 10.95 33.47
N ASP A 1404 -25.18 11.58 32.96
CA ASP A 1404 -26.33 10.80 32.53
C ASP A 1404 -26.99 11.28 31.24
N ASP A 1405 -26.84 12.54 30.84
CA ASP A 1405 -27.69 13.08 29.78
C ASP A 1405 -26.87 14.09 28.98
N GLU A 1406 -27.56 14.90 28.19
CA GLU A 1406 -26.94 15.74 27.17
C GLU A 1406 -26.19 16.89 27.84
N SER A 1407 -24.92 16.64 28.15
CA SER A 1407 -23.97 17.66 28.52
C SER A 1407 -22.84 17.68 27.50
N GLU A 1408 -22.22 18.84 27.33
CA GLU A 1408 -21.18 18.97 26.33
C GLU A 1408 -19.95 18.16 26.72
N ILE A 1409 -19.20 17.75 25.70
CA ILE A 1409 -17.92 17.08 25.94
C ILE A 1409 -16.98 18.05 26.64
N PRO A 1410 -16.54 17.75 27.87
CA PRO A 1410 -15.82 18.77 28.65
C PRO A 1410 -14.56 19.29 27.98
N GLY A 1411 -13.79 18.46 27.29
CA GLY A 1411 -12.61 18.95 26.61
C GLY A 1411 -11.44 18.00 26.56
N ARG A 1412 -10.23 18.54 26.61
CA ARG A 1412 -9.02 17.74 26.52
C ARG A 1412 -8.63 17.23 27.90
N LYS A 1413 -8.12 16.01 27.98
CA LYS A 1413 -7.72 15.45 29.26
C LYS A 1413 -6.25 15.74 29.53
N PHE A 1414 -5.89 15.88 30.80
CA PHE A 1414 -4.52 16.08 31.21
C PHE A 1414 -4.29 15.39 32.54
N TYR A 1415 -3.01 15.12 32.84
CA TYR A 1415 -2.62 14.41 34.05
C TYR A 1415 -1.71 15.30 34.89
N LEU A 1416 -1.81 15.16 36.20
CA LEU A 1416 -1.08 16.03 37.11
C LEU A 1416 0.35 15.58 37.31
N HIS A 1417 1.16 16.49 37.88
CA HIS A 1417 2.52 16.18 38.27
C HIS A 1417 2.56 15.84 39.76
N HIS A 1418 3.11 14.69 40.11
CA HIS A 1418 3.19 14.31 41.52
C HIS A 1418 4.23 13.21 41.68
N ASN A 1419 4.43 12.80 42.92
CA ASN A 1419 5.44 11.81 43.28
C ASN A 1419 4.81 10.51 43.76
N GLY A 1420 3.71 10.11 43.14
CA GLY A 1420 3.05 8.87 43.53
C GLY A 1420 3.87 7.62 43.31
N TRP A 1421 4.79 7.63 42.33
CA TRP A 1421 5.57 6.44 42.01
C TRP A 1421 6.35 5.92 43.20
N ARG A 1422 6.78 6.80 44.11
CA ARG A 1422 7.49 6.35 45.31
C ARG A 1422 6.70 5.29 46.07
N ILE A 1423 5.37 5.35 46.03
CA ILE A 1423 4.57 4.35 46.71
C ILE A 1423 4.74 2.99 46.03
N ILE A 1424 4.71 2.95 44.71
CA ILE A 1424 4.81 1.68 44.01
C ILE A 1424 6.15 1.01 44.30
N ARG A 1425 7.21 1.80 44.44
CA ARG A 1425 8.52 1.24 44.75
C ARG A 1425 8.57 0.61 46.13
N GLN A 1426 7.59 0.91 46.99
CA GLN A 1426 7.58 0.33 48.33
C GLN A 1426 6.74 -0.93 48.43
N LYS A 1427 5.79 -1.12 47.51
CA LYS A 1427 4.85 -2.24 47.58
C LYS A 1427 5.11 -3.27 46.49
N GLN A 1428 6.31 -3.29 45.90
CA GLN A 1428 6.58 -4.17 44.77
C GLN A 1428 6.29 -5.63 45.12
N LEU A 1429 6.56 -6.02 46.35
CA LEU A 1429 6.31 -7.41 46.76
C LEU A 1429 4.81 -7.71 46.76
N GLU A 1430 4.00 -6.79 47.27
CA GLU A 1430 2.57 -7.07 47.40
C GLU A 1430 1.87 -7.10 46.05
N ILE A 1431 2.31 -6.26 45.12
CA ILE A 1431 1.67 -6.22 43.80
C ILE A 1431 1.88 -7.55 43.07
N ARG A 1432 2.98 -8.24 43.38
CA ARG A 1432 3.24 -9.53 42.73
C ARG A 1432 2.19 -10.55 43.09
N GLU A 1433 1.91 -10.70 44.38
CA GLU A 1433 1.04 -11.78 44.83
C GLU A 1433 -0.43 -11.36 44.92
N THR A 1434 -0.72 -10.07 44.95
CA THR A 1434 -2.11 -9.64 45.14
C THR A 1434 -2.92 -9.79 43.85
N VAL A 1435 -2.45 -9.24 42.75
CA VAL A 1435 -3.24 -9.14 41.53
C VAL A 1435 -2.88 -10.28 40.59
N GLN A 1436 -3.72 -10.48 39.58
CA GLN A 1436 -3.46 -11.51 38.60
C GLN A 1436 -2.18 -11.20 37.83
N PRO A 1437 -1.24 -12.14 37.74
CA PRO A 1437 -0.03 -11.88 36.95
C PRO A 1437 -0.31 -11.68 35.48
N GLU A 1438 -1.52 -11.97 35.01
CA GLU A 1438 -1.87 -11.72 33.62
C GLU A 1438 -2.26 -10.26 33.40
N ARG A 1439 -2.86 -9.63 34.41
CA ARG A 1439 -3.38 -8.28 34.23
C ARG A 1439 -2.25 -7.24 34.23
N ASN A 1440 -1.45 -7.19 35.28
CA ASN A 1440 -0.40 -6.20 35.40
C ASN A 1440 0.85 -6.65 34.66
N VAL A 1441 1.81 -5.75 34.55
CA VAL A 1441 3.01 -5.98 33.76
C VAL A 1441 4.23 -5.52 34.56
N THR A 1442 5.41 -5.83 34.02
CA THR A 1442 6.66 -5.38 34.59
C THR A 1442 7.63 -4.99 33.47
N THR A 1443 8.51 -4.05 33.78
CA THR A 1443 9.37 -3.51 32.73
C THR A 1443 10.54 -2.77 33.34
N GLU A 1444 11.52 -2.48 32.50
CA GLU A 1444 12.65 -1.65 32.90
C GLU A 1444 12.19 -0.21 33.10
N VAL A 1445 12.96 0.56 33.87
CA VAL A 1445 12.68 1.97 34.11
C VAL A 1445 14.00 2.74 34.07
N MET A 1446 13.89 4.07 34.10
CA MET A 1446 15.04 4.95 34.11
C MET A 1446 14.86 6.01 35.17
N ASP A 1447 15.97 6.43 35.79
CA ASP A 1447 15.89 7.35 36.91
C ASP A 1447 16.02 8.80 36.43
N LYS A 1448 15.73 9.72 37.33
CA LYS A 1448 15.86 11.14 37.05
C LYS A 1448 17.33 11.50 36.86
N GLY A 1449 17.55 12.74 36.39
CA GLY A 1449 18.89 13.23 36.16
C GLY A 1449 19.51 12.79 34.85
N ASN A 1450 18.79 12.06 34.02
CA ASN A 1450 19.31 11.64 32.72
C ASN A 1450 19.10 12.74 31.69
N VAL A 1451 19.83 12.65 30.59
CA VAL A 1451 19.81 13.68 29.54
C VAL A 1451 19.74 13.00 28.19
N PHE A 1452 18.85 13.51 27.33
CA PHE A 1452 18.78 13.09 25.94
C PHE A 1452 18.91 14.33 25.06
N SER A 1453 19.18 14.10 23.77
CA SER A 1453 19.37 15.19 22.82
C SER A 1453 18.55 14.90 21.57
N PHE A 1454 18.06 15.95 20.93
CA PHE A 1454 17.34 15.78 19.67
C PHE A 1454 17.29 17.09 18.90
N ASP A 1455 16.73 17.01 17.69
CA ASP A 1455 16.67 18.11 16.75
C ASP A 1455 15.23 18.29 16.29
N VAL A 1456 14.93 19.47 15.76
CA VAL A 1456 13.63 19.78 15.16
C VAL A 1456 13.88 20.63 13.93
N ARG A 1457 13.48 20.14 12.77
CA ARG A 1457 13.70 20.85 11.52
C ARG A 1457 12.40 21.49 11.05
N PHE A 1458 12.51 22.63 10.37
CA PHE A 1458 11.35 23.35 9.89
C PHE A 1458 11.69 24.11 8.62
N GLU A 1459 10.68 24.34 7.80
CA GLU A 1459 10.85 25.10 6.56
C GLU A 1459 9.56 25.84 6.25
N ASN A 1460 9.69 27.05 5.72
CA ASN A 1460 8.54 27.87 5.34
C ASN A 1460 7.62 28.11 6.54
N LEU A 1461 8.12 28.83 7.53
CA LEU A 1461 7.34 29.17 8.71
C LEU A 1461 7.21 30.68 8.85
N ARG A 1462 5.99 31.14 9.09
CA ARG A 1462 5.78 32.54 9.43
C ARG A 1462 6.38 32.83 10.80
N GLU A 1463 6.62 34.12 11.06
CA GLU A 1463 7.34 34.50 12.27
C GLU A 1463 6.56 34.16 13.53
N TRP A 1464 5.27 34.52 13.58
CA TRP A 1464 4.49 34.20 14.77
C TRP A 1464 4.32 32.71 14.96
N GLU A 1465 4.29 31.94 13.87
CA GLU A 1465 4.25 30.48 13.99
C GLU A 1465 5.48 29.95 14.71
N LEU A 1466 6.67 30.34 14.26
CA LEU A 1466 7.89 29.90 14.93
C LEU A 1466 7.96 30.42 16.35
N GLY A 1467 7.44 31.62 16.60
CA GLY A 1467 7.40 32.12 17.96
C GLY A 1467 6.56 31.24 18.87
N LEU A 1468 5.35 30.91 18.44
CA LEU A 1468 4.50 30.03 19.24
C LEU A 1468 5.11 28.65 19.40
N LEU A 1469 5.80 28.16 18.37
CA LEU A 1469 6.47 26.87 18.47
C LEU A 1469 7.54 26.91 19.55
N LEU A 1470 8.45 27.89 19.47
CA LEU A 1470 9.49 28.04 20.48
C LEU A 1470 8.89 28.17 21.87
N GLN A 1471 7.77 28.89 22.00
CA GLN A 1471 7.14 29.02 23.31
C GLN A 1471 6.62 27.69 23.80
N SER A 1472 5.98 26.91 22.91
CA SER A 1472 5.41 25.63 23.30
C SER A 1472 6.46 24.61 23.66
N LEU A 1473 7.65 24.68 23.05
CA LEU A 1473 8.71 23.76 23.43
C LEU A 1473 9.09 23.96 24.89
N ASP A 1474 9.62 25.13 25.23
CA ASP A 1474 9.99 25.45 26.61
C ASP A 1474 9.07 26.56 27.10
N PRO A 1475 8.00 26.22 27.81
CA PRO A 1475 7.13 27.28 28.35
C PRO A 1475 7.83 28.12 29.40
N GLY A 1476 8.66 27.52 30.23
CA GLY A 1476 9.40 28.27 31.24
C GLY A 1476 9.57 27.53 32.54
N LYS A 1477 10.28 28.15 33.48
CA LYS A 1477 10.53 27.54 34.77
C LYS A 1477 9.23 27.16 35.46
N ASN A 1478 9.28 26.10 36.26
CA ASN A 1478 8.14 25.52 36.97
C ASN A 1478 7.08 24.96 36.04
N ILE A 1479 7.39 24.72 34.77
CA ILE A 1479 6.46 24.15 33.82
C ILE A 1479 7.15 22.97 33.14
N ALA A 1480 6.44 21.84 33.04
CA ALA A 1480 7.00 20.64 32.47
C ALA A 1480 5.89 19.79 31.85
N HIS A 1481 6.26 18.99 30.87
CA HIS A 1481 5.33 18.15 30.14
C HIS A 1481 5.18 16.80 30.83
N LYS A 1482 4.34 15.95 30.23
CA LYS A 1482 4.19 14.56 30.62
C LYS A 1482 4.43 13.70 29.40
N LEU A 1483 5.18 12.61 29.57
CA LEU A 1483 5.57 11.75 28.46
C LEU A 1483 5.79 10.33 28.94
N GLY A 1484 5.30 9.37 28.18
CA GLY A 1484 5.58 7.98 28.47
C GLY A 1484 4.35 7.18 28.88
N LYS A 1485 4.58 6.01 29.49
CA LYS A 1485 3.53 5.11 29.91
C LYS A 1485 3.42 5.13 31.43
N GLY A 1486 2.21 4.90 31.94
CA GLY A 1486 1.98 4.97 33.37
C GLY A 1486 1.96 6.38 33.90
N LYS A 1487 1.27 7.28 33.21
CA LYS A 1487 1.25 8.67 33.62
C LYS A 1487 0.52 8.92 34.94
N PRO A 1488 -0.71 8.44 35.15
CA PRO A 1488 -1.41 8.78 36.39
C PRO A 1488 -0.68 8.35 37.66
N TYR A 1489 0.25 7.41 37.56
CA TYR A 1489 1.02 7.00 38.72
C TYR A 1489 2.23 7.88 38.98
N GLY A 1490 2.32 9.03 38.31
CA GLY A 1490 3.37 9.99 38.55
C GLY A 1490 4.60 9.84 37.67
N PHE A 1491 4.63 8.83 36.81
CA PHE A 1491 5.79 8.61 35.94
C PHE A 1491 5.78 9.59 34.78
N GLY A 1492 6.97 9.89 34.27
CA GLY A 1492 7.10 10.54 32.99
C GLY A 1492 7.05 12.05 32.97
N SER A 1493 7.68 12.73 33.92
CA SER A 1493 7.78 14.19 33.88
C SER A 1493 9.12 14.57 33.28
N VAL A 1494 9.09 15.33 32.19
CA VAL A 1494 10.29 15.75 31.49
C VAL A 1494 10.27 17.27 31.35
N LYS A 1495 11.45 17.87 31.27
CA LYS A 1495 11.61 19.31 31.12
C LYS A 1495 12.54 19.57 29.95
N ILE A 1496 12.00 20.14 28.88
CA ILE A 1496 12.77 20.40 27.67
C ILE A 1496 13.51 21.71 27.84
N LYS A 1497 14.77 21.74 27.41
CA LYS A 1497 15.61 22.92 27.48
C LYS A 1497 16.24 23.16 26.12
N ILE A 1498 16.06 24.37 25.59
CA ILE A 1498 16.53 24.70 24.25
C ILE A 1498 18.03 24.95 24.32
N ASP A 1499 18.74 24.53 23.28
CA ASP A 1499 20.19 24.74 23.23
C ASP A 1499 20.61 25.70 22.13
N SER A 1500 20.21 25.47 20.90
CA SER A 1500 20.67 26.34 19.82
C SER A 1500 19.67 26.36 18.68
N LEU A 1501 19.83 27.34 17.80
CA LEU A 1501 18.92 27.57 16.68
C LEU A 1501 19.71 28.10 15.50
N HIS A 1502 19.47 27.55 14.32
CA HIS A 1502 20.12 27.99 13.09
C HIS A 1502 19.08 28.20 12.01
N THR A 1503 19.26 29.25 11.21
CA THR A 1503 18.39 29.55 10.08
C THR A 1503 19.25 29.80 8.85
N PHE A 1504 18.57 29.95 7.71
CA PHE A 1504 19.24 30.31 6.46
C PHE A 1504 18.20 30.61 5.40
N LYS A 1505 18.58 31.43 4.42
CA LYS A 1505 17.74 31.78 3.30
C LYS A 1505 18.33 31.22 2.01
N ILE A 1506 17.56 31.33 0.93
CA ILE A 1506 18.02 30.87 -0.38
C ILE A 1506 18.10 32.04 -1.35
N ILE A 1507 24.16 29.67 5.95
CA ILE A 1507 23.53 29.60 7.27
C ILE A 1507 24.16 30.63 8.19
N LYS A 1508 23.42 31.03 9.21
CA LYS A 1508 23.91 31.97 10.21
C LYS A 1508 23.37 31.60 11.59
N ARG A 1509 24.26 31.52 12.57
CA ARG A 1509 23.87 31.25 13.95
C ARG A 1509 23.17 32.47 14.49
N VAL A 1510 21.87 32.35 14.77
CA VAL A 1510 21.09 33.47 15.27
C VAL A 1510 21.43 33.69 16.74
N PRO A 1511 21.76 34.91 17.14
CA PRO A 1511 22.11 35.18 18.53
C PRO A 1511 20.88 35.41 19.39
N GLN A 1512 21.14 35.68 20.67
CA GLN A 1512 20.07 35.99 21.61
C GLN A 1512 19.38 37.29 21.21
N SER A 1513 18.29 37.60 21.91
CA SER A 1513 17.48 38.81 21.79
C SER A 1513 16.66 38.84 20.51
N ASP A 1514 16.85 37.89 19.60
CA ASP A 1514 16.00 37.78 18.42
C ASP A 1514 14.82 36.85 18.64
N ILE A 1515 15.05 35.69 19.24
CA ILE A 1515 13.97 34.76 19.53
C ILE A 1515 12.93 35.42 20.44
N ARG A 1516 13.37 36.36 21.27
CA ARG A 1516 12.44 37.06 22.14
C ARG A 1516 11.48 37.93 21.34
N GLU A 1517 11.97 38.51 20.24
CA GLU A 1517 11.09 39.26 19.36
C GLU A 1517 10.06 38.34 18.70
N TYR A 1518 10.49 37.17 18.25
CA TYR A 1518 9.55 36.20 17.69
C TYR A 1518 8.50 35.81 18.71
N ILE A 1519 8.93 35.61 19.97
CA ILE A 1519 7.99 35.24 21.02
C ILE A 1519 6.98 36.36 21.25
N ASN A 1520 7.46 37.60 21.26
CA ASN A 1520 6.54 38.74 21.40
C ASN A 1520 5.53 38.78 20.26
N LYS A 1521 5.99 38.53 19.04
CA LYS A 1521 5.09 38.53 17.89
C LYS A 1521 4.05 37.42 18.01
N GLY A 1522 4.47 36.23 18.45
CA GLY A 1522 3.51 35.16 18.67
C GLY A 1522 2.50 35.50 19.74
N TYR A 1523 2.95 36.15 20.81
CA TYR A 1523 2.02 36.57 21.86
C TYR A 1523 1.02 37.57 21.32
N GLN A 1524 1.49 38.50 20.48
CA GLN A 1524 0.57 39.43 19.81
C GLN A 1524 -0.48 38.68 19.02
N LYS A 1525 -0.04 37.81 18.10
CA LYS A 1525 -0.98 37.06 17.28
C LYS A 1525 -1.98 36.29 18.14
N LEU A 1526 -1.50 35.72 19.25
CA LEU A 1526 -2.40 34.97 20.12
C LEU A 1526 -3.43 35.88 20.78
N ILE A 1527 -3.00 37.07 21.21
CA ILE A 1527 -3.94 38.04 21.76
C ILE A 1527 -4.99 38.40 20.72
N GLU A 1528 -4.60 38.46 19.45
CA GLU A 1528 -5.51 38.91 18.41
C GLU A 1528 -6.75 38.02 18.32
N TRP A 1529 -6.57 36.70 18.35
CA TRP A 1529 -7.68 35.78 18.15
C TRP A 1529 -8.72 35.84 19.27
N SER A 1530 -8.44 36.55 20.36
CA SER A 1530 -9.39 36.63 21.46
C SER A 1530 -10.55 37.55 21.11
N LEU A 1531 8.55 41.73 28.82
CA LEU A 1531 8.23 40.32 28.62
C LEU A 1531 6.72 40.09 28.72
N PRO A 1532 6.22 39.12 27.95
CA PRO A 1532 4.77 38.92 27.86
C PRO A 1532 4.16 38.44 29.16
N GLN A 1533 2.83 38.53 29.21
CA GLN A 1533 2.05 38.09 30.35
C GLN A 1533 1.07 37.02 29.84
N TRP A 1534 1.41 35.75 30.09
CA TRP A 1534 0.62 34.66 29.54
C TRP A 1534 -0.70 34.44 30.25
N HIS A 1535 -0.73 34.59 31.58
CA HIS A 1535 -1.91 34.26 32.35
C HIS A 1535 -3.08 35.21 32.11
N VAL A 1536 -2.94 36.17 31.19
CA VAL A 1536 -4.05 37.09 30.92
C VAL A 1536 -5.20 36.35 30.26
N ILE A 1537 -4.90 35.57 29.23
CA ILE A 1537 -5.96 34.80 28.55
C ILE A 1537 -6.43 33.69 29.48
N PRO A 1538 -7.74 33.50 29.65
CA PRO A 1538 -8.20 32.54 30.67
C PRO A 1538 -7.77 31.10 30.41
N HIS A 1539 -8.02 30.57 29.21
CA HIS A 1539 -7.69 29.17 28.97
C HIS A 1539 -6.19 28.92 29.02
N ILE A 1540 -5.39 29.87 28.56
CA ILE A 1540 -3.94 29.76 28.73
C ILE A 1540 -3.59 29.68 30.22
N ASP A 1541 -4.25 30.50 31.04
CA ASP A 1541 -4.00 30.46 32.47
C ASP A 1541 -4.31 29.09 33.05
N LYS A 1542 -5.49 28.55 32.74
CA LYS A 1542 -5.87 27.25 33.27
C LYS A 1542 -4.89 26.17 32.81
N LEU A 1543 -4.56 26.16 31.51
CA LEU A 1543 -3.59 25.20 31.01
C LEU A 1543 -2.29 25.27 31.79
N TYR A 1544 -1.70 26.47 31.90
CA TYR A 1544 -0.44 26.58 32.59
C TYR A 1544 -0.54 26.27 34.08
N LYS A 1545 -1.73 26.35 34.66
CA LYS A 1545 -1.88 25.87 36.02
C LYS A 1545 -2.07 24.36 36.09
N LEU A 1546 -2.38 23.72 34.97
CA LEU A 1546 -2.36 22.27 34.95
C LEU A 1546 -0.94 21.72 34.89
N LEU A 1547 -0.07 22.34 34.09
CA LEU A 1547 1.28 21.85 33.87
C LEU A 1547 2.25 22.30 34.96
N TRP A 1548 1.74 22.73 36.11
CA TRP A 1548 2.58 23.14 37.21
C TRP A 1548 3.31 21.94 37.79
N VAL A 1549 4.47 22.18 38.40
CA VAL A 1549 5.24 21.13 39.06
C VAL A 1549 5.67 21.65 40.43
N PRO A 1550 5.21 21.05 41.52
CA PRO A 1550 5.51 21.60 42.86
C PRO A 1550 6.97 21.43 43.28
N PHE A 1551 7.48 20.21 43.19
CA PHE A 1551 8.75 19.89 43.83
C PHE A 1551 9.95 20.47 43.11
N LEU A 1552 9.76 21.09 41.94
CA LEU A 1552 10.89 21.60 41.19
C LEU A 1552 11.50 22.83 41.86
N ASN A 1553 10.73 23.92 41.98
CA ASN A 1553 11.26 25.12 42.59
C ASN A 1553 11.54 24.91 44.07
N ASP A 1554 10.73 24.09 44.73
CA ASP A 1554 10.95 23.77 46.14
C ASP A 1554 10.37 22.38 46.39
N SER A 1555 11.19 21.49 46.96
CA SER A 1555 10.79 20.11 47.17
C SER A 1555 9.80 19.94 48.31
N LYS A 1556 9.53 21.00 49.09
CA LYS A 1556 8.72 20.81 50.30
C LYS A 1556 7.25 20.60 49.98
N LEU A 1557 6.85 20.73 48.73
CA LEU A 1557 5.47 20.49 48.34
C LEU A 1557 5.36 19.10 47.74
N GLU A 1558 4.67 18.20 48.44
CA GLU A 1558 4.40 16.84 47.99
C GLU A 1558 2.92 16.55 48.19
N PRO A 1559 2.11 16.69 47.14
CA PRO A 1559 0.68 16.44 47.30
C PRO A 1559 0.34 14.96 47.14
N ASP A 1560 -0.85 14.60 47.62
CA ASP A 1560 -1.35 13.23 47.56
C ASP A 1560 -2.32 13.13 46.38
N VAL A 1561 -2.00 12.29 45.42
CA VAL A 1561 -2.79 12.12 44.21
C VAL A 1561 -3.09 10.64 44.04
N ARG A 1562 -4.33 10.25 44.27
CA ARG A 1562 -4.72 8.85 44.18
C ARG A 1562 -6.09 8.76 43.53
N TYR A 1563 -6.52 7.56 43.31
CA TYR A 1563 -7.86 7.30 42.81
C TYR A 1563 -8.76 6.83 43.95
N PRO A 1564 -10.05 7.16 43.91
CA PRO A 1564 -10.96 6.68 44.94
C PRO A 1564 -11.22 5.19 44.77
N VAL A 1565 -11.41 4.51 45.90
CA VAL A 1565 -11.59 3.06 45.86
C VAL A 1565 -13.01 2.72 45.44
N LEU A 1566 -13.18 1.47 45.01
CA LEU A 1566 -14.45 1.04 44.42
C LEU A 1566 -15.58 1.07 45.42
N ASN A 1567 -15.30 0.75 46.68
CA ASN A 1567 -16.34 0.66 47.70
C ASN A 1567 -15.75 0.84 49.09
N TYR A 1568 -13.81 9.17 50.90
CA TYR A 1568 -13.13 9.16 49.62
C TYR A 1568 -13.26 7.79 48.96
N THR A 1569 -14.42 7.53 48.38
CA THR A 1569 -14.67 6.26 47.71
C THR A 1569 -15.81 6.43 46.72
N TYR A 1570 -15.91 5.48 45.80
CA TYR A 1570 -17.04 5.44 44.88
C TYR A 1570 -18.32 5.06 45.63
N LYS A 1571 -19.44 5.21 44.93
CA LYS A 1571 -20.78 4.93 45.45
C LYS A 1571 -21.16 5.96 46.52
N LYS A 1572 -20.21 6.80 46.90
CA LYS A 1572 -20.47 8.03 47.64
C LYS A 1572 -20.24 9.25 46.76
N LEU A 1573 -19.08 9.32 46.11
CA LEU A 1573 -18.86 10.33 45.09
C LEU A 1573 -19.69 10.04 43.84
N GLY A 1574 -19.83 8.77 43.50
CA GLY A 1574 -20.54 8.40 42.28
C GLY A 1574 -22.04 8.62 42.37
N ASP A 1575 -22.59 8.54 43.59
CA ASP A 1575 -24.02 8.70 43.77
C ASP A 1575 -24.45 10.12 43.41
N LYS A 1576 -25.66 10.24 42.86
CA LYS A 1576 -26.16 11.56 42.47
C LYS A 1576 -26.33 12.45 43.69
N ASP A 1577 -26.59 11.86 44.85
CA ASP A 1577 -26.61 12.63 46.09
C ASP A 1577 -25.20 12.71 46.67
N ASN A 1578 -25.00 13.71 47.52
CA ASN A 1578 -23.70 14.06 48.13
C ASN A 1578 -22.78 14.67 47.08
N LEU A 1579 -23.18 14.65 45.81
CA LEU A 1579 -22.46 15.29 44.73
C LEU A 1579 -23.38 15.62 43.57
N PRO A 1580 -23.84 16.88 43.47
CA PRO A 1580 -24.57 17.28 42.27
C PRO A 1580 -23.71 17.13 41.03
N TYR A 1581 -24.34 16.67 39.95
CA TYR A 1581 -23.62 16.43 38.69
C TYR A 1581 -22.90 17.69 38.21
N LYS A 1582 -23.56 18.85 38.33
CA LYS A 1582 -22.90 20.10 37.97
C LYS A 1582 -21.66 20.34 38.83
N THR A 1583 -21.75 20.06 40.13
CA THR A 1583 -20.57 20.14 40.98
C THR A 1583 -19.49 19.17 40.55
N ARG A 1584 -19.89 17.97 40.10
CA ARG A 1584 -18.89 17.00 39.64
C ARG A 1584 -18.14 17.52 38.42
N VAL A 1585 -18.87 17.98 37.40
CA VAL A 1585 -18.20 18.48 36.21
C VAL A 1585 -17.42 19.74 36.51
N LYS A 1586 -17.88 20.54 37.48
CA LYS A 1586 -17.13 21.73 37.87
C LYS A 1586 -15.80 21.35 38.49
N GLY A 1587 -15.82 20.45 39.48
CA GLY A 1587 -14.57 19.97 40.05
C GLY A 1587 -13.68 19.29 39.05
N LEU A 1588 -14.27 18.67 38.02
CA LEU A 1588 -13.47 18.05 36.98
C LEU A 1588 -12.86 19.09 36.05
N THR A 1589 -13.46 20.27 35.98
CA THR A 1589 -13.01 21.31 35.07
C THR A 1589 -12.08 22.31 35.75
N THR A 1590 -12.01 22.32 37.08
CA THR A 1590 -11.16 23.26 37.79
C THR A 1590 -9.85 22.59 38.15
N PRO A 1591 -8.72 23.04 37.60
CA PRO A 1591 -7.45 22.38 37.90
C PRO A 1591 -7.10 22.42 39.38
N TRP A 1592 -6.50 21.33 39.85
CA TRP A 1592 -5.98 21.20 41.22
C TRP A 1592 -7.04 21.43 42.28
N SER A 1593 -8.30 21.16 41.97
CA SER A 1593 -9.35 21.35 42.95
C SER A 1593 -9.38 20.17 43.91
N PRO A 1594 -9.45 20.43 45.22
CA PRO A 1594 -9.50 19.32 46.18
C PRO A 1594 -10.71 18.43 45.96
N TRP A 1595 -10.60 17.18 46.41
CA TRP A 1595 -11.66 16.21 46.23
C TRP A 1595 -11.98 15.40 47.48
N ASN A 1596 -11.07 15.29 48.44
CA ASN A 1596 -11.37 14.53 49.63
C ASN A 1596 -12.37 15.29 50.50
N PRO A 1597 -12.18 16.58 50.74
CA PRO A 1597 -13.28 17.37 51.32
C PRO A 1597 -14.19 17.97 50.26
N PHE A 1598 -13.72 18.09 49.01
CA PHE A 1598 -14.51 18.62 47.89
C PHE A 1598 -14.99 20.05 48.19
N GLN A 1599 -14.05 20.97 48.32
CA GLN A 1599 -14.39 22.35 48.61
C GLN A 1599 -14.65 23.18 47.36
N VAL A 1600 -14.16 22.74 46.20
CA VAL A 1600 -14.27 23.50 44.95
C VAL A 1600 -13.68 24.90 45.11
ZN ZN C . 29.79 -12.81 -71.28
ZN ZN D . 24.47 8.94 -44.21
ZN ZN E . 10.86 24.86 -19.20
ZN ZN F . -7.98 20.56 11.62
#